data_4MY5
#
_entry.id   4MY5
#
_cell.length_a   104.754
_cell.length_b   64.257
_cell.length_c   125.600
_cell.angle_alpha   90.00
_cell.angle_beta   106.77
_cell.angle_gamma   90.00
#
_symmetry.space_group_name_H-M   'P 1 21 1'
#
loop_
_entity.id
_entity.type
_entity.pdbx_description
1 polymer 'Putative amino acid aminotransferase'
2 water water
#
_entity_poly.entity_id   1
_entity_poly.type   'polypeptide(L)'
_entity_poly.pdbx_seq_one_letter_code
;GPMDLSKRFNKNLNKIEVSMIRQFDQSISDIPDVLKLTLGEPDFATPKHIKEAAKRAIDADESHYTGMAGLLALRQAASA
FVKEKYHLTYNPDNEILVTIGATEALSASLTAILEPGDKVLLPAPAYPGYEPVVNLVGAEVVEIDTRSNDFVLTPEMLEE
AILKEGEALKAVILNYPTNPTGVTYSRQQIKNLAEVLKKYPIFVISDEVYAELTYTGESHVSIAEYLPDQTILISGLSKS
HAMTGWRLGLIFAPAVLTAQLIKSHQYLVTAATTSVQFAAIEALTNGKDDALPMKEEYIKRRDYIIEKMEAMKFKIIKPD
GAFYIFAKIPVAQGQDSFKFLQDFAKEKAVAFIPGVAFGKYGEGYLRISYAASMETIKEAMKRLKEFMEQYAD
;
_entity_poly.pdbx_strand_id   A,D,B,C
#
# COMPACT_ATOMS: atom_id res chain seq x y z
N MET A 3 23.78 -18.23 -7.85
CA MET A 3 24.27 -17.62 -6.62
C MET A 3 23.27 -16.60 -6.10
N ASP A 4 22.40 -16.09 -6.99
CA ASP A 4 21.34 -15.17 -6.56
C ASP A 4 20.10 -15.92 -6.09
N LEU A 5 19.92 -16.01 -4.79
CA LEU A 5 18.81 -16.76 -4.21
C LEU A 5 17.80 -15.82 -3.57
N SER A 6 17.97 -14.51 -3.81
CA SER A 6 17.07 -13.49 -3.26
C SER A 6 15.59 -13.71 -3.62
N LYS A 7 15.34 -14.37 -4.75
CA LYS A 7 13.99 -14.52 -5.24
C LYS A 7 13.48 -15.94 -5.00
N ARG A 8 14.25 -16.69 -4.20
CA ARG A 8 13.96 -18.10 -3.98
C ARG A 8 13.48 -18.41 -2.57
N PHE A 9 13.15 -17.39 -1.80
CA PHE A 9 12.66 -17.59 -0.43
C PHE A 9 11.16 -17.70 -0.40
N ASN A 10 10.62 -17.99 0.77
CA ASN A 10 9.18 -17.90 0.97
C ASN A 10 8.75 -16.46 0.73
N LYS A 11 7.65 -16.28 0.00
CA LYS A 11 7.25 -14.94 -0.42
C LYS A 11 6.72 -14.08 0.73
N ASN A 12 6.16 -14.74 1.73
CA ASN A 12 5.57 -14.03 2.86
C ASN A 12 6.58 -13.19 3.62
N LEU A 13 7.87 -13.53 3.46
CA LEU A 13 8.97 -12.78 4.08
C LEU A 13 8.95 -11.31 3.66
N ASN A 14 8.35 -11.07 2.51
CA ASN A 14 8.18 -9.71 2.00
C ASN A 14 7.47 -8.79 3.00
N LYS A 15 6.49 -9.35 3.71
CA LYS A 15 5.61 -8.55 4.56
C LYS A 15 6.16 -8.28 5.96
N ILE A 16 7.40 -8.67 6.22
CA ILE A 16 7.94 -8.66 7.58
C ILE A 16 9.05 -7.62 7.76
N GLU A 17 8.75 -6.50 8.42
CA GLU A 17 9.75 -5.46 8.65
C GLU A 17 10.25 -5.47 10.10
N VAL A 18 11.24 -4.64 10.41
CA VAL A 18 11.73 -4.54 11.78
C VAL A 18 10.66 -3.94 12.66
N SER A 19 10.73 -4.20 13.96
CA SER A 19 9.77 -3.65 14.91
C SER A 19 9.93 -2.13 15.02
N MET A 20 8.82 -1.41 14.89
CA MET A 20 8.80 0.04 15.12
C MET A 20 9.43 0.37 16.48
N ILE A 21 9.16 -0.47 17.48
CA ILE A 21 9.83 -0.39 18.79
C ILE A 21 11.35 -0.46 18.65
N ARG A 22 11.80 -1.46 17.90
CA ARG A 22 13.22 -1.67 17.67
C ARG A 22 13.82 -0.50 16.90
N GLN A 23 13.06 0.06 15.95
CA GLN A 23 13.52 1.22 15.20
C GLN A 23 13.69 2.43 16.10
N PHE A 24 12.75 2.61 17.04
CA PHE A 24 12.84 3.75 17.96
C PHE A 24 14.01 3.58 18.91
N ASP A 25 14.20 2.36 19.41
CA ASP A 25 15.33 2.10 20.30
C ASP A 25 16.65 2.34 19.55
N GLN A 26 16.70 1.88 18.31
CA GLN A 26 17.86 2.10 17.45
C GLN A 26 18.14 3.59 17.29
N SER A 27 17.09 4.35 17.00
CA SER A 27 17.18 5.80 16.78
C SER A 27 17.79 6.59 17.95
N ILE A 28 17.69 6.06 19.17
CA ILE A 28 18.19 6.78 20.34
C ILE A 28 19.40 6.08 20.99
N SER A 29 19.95 5.07 20.31
CA SER A 29 21.08 4.29 20.82
C SER A 29 22.41 5.05 21.02
N ASP A 30 22.45 6.33 20.67
CA ASP A 30 23.67 7.09 20.86
C ASP A 30 23.62 7.93 22.13
N ILE A 31 22.43 8.07 22.71
CA ILE A 31 22.25 8.84 23.92
C ILE A 31 22.72 8.02 25.11
N PRO A 32 23.62 8.58 25.94
CA PRO A 32 24.19 7.80 27.03
C PRO A 32 23.40 7.92 28.32
N ASP A 33 23.51 6.89 29.16
CA ASP A 33 22.96 6.93 30.51
C ASP A 33 21.47 7.21 30.52
N VAL A 34 20.79 6.68 29.51
CA VAL A 34 19.36 6.90 29.37
C VAL A 34 18.54 6.06 30.37
N LEU A 35 17.62 6.73 31.07
CA LEU A 35 16.66 6.03 31.92
C LEU A 35 15.56 5.44 31.06
N LYS A 36 15.51 4.10 31.03
CA LYS A 36 14.58 3.37 30.18
C LYS A 36 13.39 2.89 30.99
N LEU A 37 12.19 3.21 30.54
CA LEU A 37 10.99 2.67 31.15
C LEU A 37 10.25 1.99 30.02
N THR A 38 10.93 1.00 29.46
CA THR A 38 10.50 0.36 28.24
C THR A 38 10.36 -1.16 28.42
N LEU A 39 10.67 -1.65 29.62
CA LEU A 39 10.76 -3.08 29.91
C LEU A 39 9.43 -3.81 29.75
N GLY A 40 9.45 -4.94 29.05
CA GLY A 40 8.26 -5.71 28.77
C GLY A 40 8.15 -6.89 29.72
N GLU A 41 9.00 -6.90 30.74
CA GLU A 41 9.02 -7.96 31.73
C GLU A 41 9.16 -7.34 33.12
N PRO A 42 8.69 -8.03 34.16
CA PRO A 42 8.87 -7.59 35.54
C PRO A 42 10.35 -7.27 35.86
N ASP A 43 10.60 -6.24 36.66
CA ASP A 43 11.95 -5.89 37.09
C ASP A 43 12.41 -6.73 38.29
N PHE A 44 11.48 -7.46 38.90
CA PHE A 44 11.77 -8.25 40.10
C PHE A 44 12.58 -9.50 39.79
N ALA A 45 13.47 -9.86 40.70
CA ALA A 45 14.15 -11.13 40.59
C ALA A 45 13.15 -12.25 40.78
N THR A 46 13.39 -13.39 40.16
CA THR A 46 12.61 -14.58 40.42
C THR A 46 12.64 -14.92 41.91
N PRO A 47 11.47 -15.21 42.50
CA PRO A 47 11.47 -15.51 43.94
C PRO A 47 12.44 -16.62 44.31
N LYS A 48 13.12 -16.46 45.42
CA LYS A 48 14.08 -17.42 45.96
C LYS A 48 13.65 -18.88 45.90
N HIS A 49 12.45 -19.24 46.39
CA HIS A 49 12.05 -20.65 46.47
C HIS A 49 12.04 -21.33 45.07
N ILE A 50 11.74 -20.54 44.06
CA ILE A 50 11.79 -20.95 42.67
C ILE A 50 13.23 -21.13 42.13
N LYS A 51 14.10 -20.14 42.35
CA LYS A 51 15.53 -20.22 42.00
C LYS A 51 16.18 -21.44 42.64
N GLU A 52 15.86 -21.61 43.92
CA GLU A 52 16.23 -22.76 44.71
C GLU A 52 15.84 -24.10 44.07
N ALA A 53 14.57 -24.24 43.68
CA ALA A 53 14.18 -25.46 42.96
C ALA A 53 14.98 -25.67 41.67
N ALA A 54 15.20 -24.57 40.93
CA ALA A 54 16.04 -24.65 39.73
C ALA A 54 17.42 -25.23 40.06
N LYS A 55 18.01 -24.73 41.14
CA LYS A 55 19.37 -25.13 41.50
C LYS A 55 19.42 -26.58 41.94
N ARG A 56 18.38 -27.01 42.65
CA ARG A 56 18.29 -28.43 43.01
C ARG A 56 18.20 -29.29 41.77
N ALA A 57 17.48 -28.84 40.76
CA ALA A 57 17.39 -29.61 39.50
C ALA A 57 18.73 -29.64 38.75
N ILE A 58 19.45 -28.53 38.77
CA ILE A 58 20.78 -28.50 38.16
C ILE A 58 21.73 -29.49 38.84
N ASP A 59 21.74 -29.46 40.16
CA ASP A 59 22.52 -30.41 40.93
C ASP A 59 22.10 -31.89 40.75
N ALA A 60 20.79 -32.15 40.67
CA ALA A 60 20.33 -33.52 40.43
C ALA A 60 20.85 -34.05 39.09
N ASP A 61 20.88 -33.18 38.09
CA ASP A 61 21.50 -33.48 36.79
C ASP A 61 20.84 -34.67 36.09
N GLU A 62 19.53 -34.81 36.23
CA GLU A 62 18.79 -35.85 35.53
C GLU A 62 18.51 -35.36 34.13
N SER A 63 18.91 -36.13 33.13
CA SER A 63 18.70 -35.73 31.74
C SER A 63 17.21 -35.69 31.54
N HIS A 64 16.60 -36.85 31.70
CA HIS A 64 15.17 -36.95 31.95
C HIS A 64 14.36 -36.28 30.84
N TYR A 65 14.57 -36.72 29.60
CA TYR A 65 13.74 -36.27 28.48
C TYR A 65 12.27 -36.42 28.86
N THR A 66 11.56 -35.32 28.93
CA THR A 66 10.12 -35.35 29.16
C THR A 66 9.40 -35.29 27.83
N GLY A 67 8.10 -35.56 27.86
CA GLY A 67 7.35 -35.68 26.62
C GLY A 67 7.17 -34.40 25.84
N MET A 68 6.38 -34.49 24.78
CA MET A 68 6.05 -33.32 23.98
C MET A 68 5.20 -32.34 24.80
N ALA A 69 4.55 -32.85 25.85
CA ALA A 69 3.58 -32.08 26.64
C ALA A 69 4.07 -31.64 28.02
N GLY A 70 5.29 -32.05 28.37
CA GLY A 70 5.85 -31.70 29.65
C GLY A 70 5.57 -32.68 30.78
N LEU A 71 6.40 -32.64 31.82
CA LEU A 71 6.21 -33.45 33.02
C LEU A 71 4.77 -33.42 33.49
N LEU A 72 4.24 -34.59 33.83
CA LEU A 72 2.87 -34.70 34.30
C LEU A 72 2.64 -33.90 35.58
N ALA A 73 3.66 -33.79 36.41
CA ALA A 73 3.50 -33.07 37.66
C ALA A 73 3.32 -31.59 37.37
N LEU A 74 3.96 -31.14 36.30
CA LEU A 74 3.85 -29.73 35.90
C LEU A 74 2.45 -29.45 35.37
N ARG A 75 1.98 -30.29 34.46
CA ARG A 75 0.62 -30.15 33.94
C ARG A 75 -0.43 -30.25 35.04
N GLN A 76 -0.19 -31.12 36.02
CA GLN A 76 -1.11 -31.27 37.15
C GLN A 76 -1.13 -29.99 37.99
N ALA A 77 0.06 -29.45 38.25
CA ALA A 77 0.14 -28.16 38.94
C ALA A 77 -0.53 -26.99 38.16
N ALA A 78 -0.39 -26.97 36.84
CA ALA A 78 -1.01 -25.90 36.06
C ALA A 78 -2.53 -26.04 36.09
N SER A 79 -3.01 -27.27 35.90
CA SER A 79 -4.44 -27.59 36.02
C SER A 79 -5.02 -27.06 37.36
N ALA A 80 -4.37 -27.45 38.46
CA ALA A 80 -4.81 -27.04 39.79
C ALA A 80 -4.77 -25.52 39.96
N PHE A 81 -3.67 -24.92 39.54
CA PHE A 81 -3.53 -23.47 39.55
C PHE A 81 -4.70 -22.75 38.85
N VAL A 82 -5.00 -23.11 37.61
CA VAL A 82 -6.03 -22.35 36.89
C VAL A 82 -7.42 -22.65 37.39
N LYS A 83 -7.61 -23.81 38.01
CA LYS A 83 -8.88 -24.14 38.69
C LYS A 83 -9.08 -23.23 39.89
N GLU A 84 -8.14 -23.26 40.82
CA GLU A 84 -8.20 -22.39 41.99
C GLU A 84 -8.23 -20.89 41.66
N LYS A 85 -7.45 -20.44 40.69
CA LYS A 85 -7.33 -19.01 40.43
C LYS A 85 -8.41 -18.48 39.52
N TYR A 86 -8.80 -19.26 38.50
CA TYR A 86 -9.66 -18.73 37.45
C TYR A 86 -10.93 -19.58 37.21
N HIS A 87 -11.11 -20.61 38.03
CA HIS A 87 -12.25 -21.51 38.00
C HIS A 87 -12.39 -22.27 36.69
N LEU A 88 -11.24 -22.57 36.08
CA LEU A 88 -11.18 -23.30 34.82
C LEU A 88 -10.78 -24.77 35.02
N THR A 89 -11.38 -25.68 34.26
CA THR A 89 -11.13 -27.09 34.41
C THR A 89 -10.49 -27.64 33.15
N TYR A 90 -9.19 -27.93 33.21
CA TYR A 90 -8.46 -28.57 32.10
C TYR A 90 -7.80 -29.86 32.56
N ASN A 91 -8.05 -30.93 31.81
CA ASN A 91 -7.46 -32.21 32.12
C ASN A 91 -5.98 -32.15 31.81
N PRO A 92 -5.15 -32.33 32.85
CA PRO A 92 -3.70 -32.31 32.68
C PRO A 92 -3.21 -33.45 31.80
N ASP A 93 -4.07 -34.44 31.56
CA ASP A 93 -3.64 -35.62 30.80
C ASP A 93 -3.63 -35.33 29.30
N ASN A 94 -4.49 -34.42 28.86
CA ASN A 94 -4.66 -34.21 27.42
C ASN A 94 -5.10 -32.81 27.00
N GLU A 95 -5.08 -31.86 27.94
CA GLU A 95 -5.54 -30.52 27.60
C GLU A 95 -4.53 -29.42 27.92
N ILE A 96 -3.37 -29.80 28.42
CA ILE A 96 -2.34 -28.83 28.76
C ILE A 96 -1.01 -29.12 28.06
N LEU A 97 -0.45 -28.11 27.40
CA LEU A 97 0.86 -28.21 26.80
C LEU A 97 1.84 -27.27 27.49
N VAL A 98 3.04 -27.79 27.76
CA VAL A 98 4.10 -27.01 28.37
C VAL A 98 5.07 -26.54 27.30
N THR A 99 5.51 -25.30 27.40
CA THR A 99 6.19 -24.71 26.29
C THR A 99 7.39 -23.86 26.76
N ILE A 100 8.37 -23.64 25.88
CA ILE A 100 9.51 -22.79 26.20
C ILE A 100 9.16 -21.31 26.11
N GLY A 101 8.05 -20.90 26.74
CA GLY A 101 7.69 -19.49 26.84
C GLY A 101 6.32 -19.13 26.27
N ALA A 102 5.62 -18.21 26.95
CA ALA A 102 4.28 -17.79 26.50
C ALA A 102 4.23 -17.31 25.04
N THR A 103 5.26 -16.60 24.58
CA THR A 103 5.26 -16.15 23.19
C THR A 103 5.40 -17.31 22.21
N GLU A 104 6.20 -18.31 22.55
CA GLU A 104 6.34 -19.47 21.68
C GLU A 104 5.06 -20.35 21.71
N ALA A 105 4.37 -20.38 22.85
CA ALA A 105 3.07 -21.06 22.96
C ALA A 105 2.06 -20.42 22.02
N LEU A 106 2.07 -19.10 22.02
CA LEU A 106 1.19 -18.32 21.18
C LEU A 106 1.53 -18.47 19.69
N SER A 107 2.79 -18.29 19.37
CA SER A 107 3.24 -18.38 17.99
C SER A 107 2.92 -19.77 17.44
N ALA A 108 3.38 -20.80 18.15
CA ALA A 108 3.13 -22.17 17.73
C ALA A 108 1.63 -22.46 17.51
N SER A 109 0.79 -21.94 18.41
CA SER A 109 -0.68 -22.05 18.25
C SER A 109 -1.21 -21.39 16.95
N LEU A 110 -0.77 -20.15 16.71
CA LEU A 110 -1.07 -19.47 15.46
C LEU A 110 -0.67 -20.30 14.22
N THR A 111 0.58 -20.78 14.17
CA THR A 111 1.00 -21.52 12.97
C THR A 111 0.31 -22.86 12.82
N ALA A 112 -0.10 -23.49 13.91
CA ALA A 112 -0.90 -24.70 13.79
C ALA A 112 -2.30 -24.45 13.22
N ILE A 113 -2.90 -23.30 13.54
CA ILE A 113 -4.29 -23.07 13.07
C ILE A 113 -4.44 -22.28 11.75
N LEU A 114 -3.40 -21.52 11.38
CA LEU A 114 -3.52 -20.61 10.24
C LEU A 114 -3.28 -21.24 8.86
N GLU A 115 -3.87 -20.62 7.82
CA GLU A 115 -3.63 -20.95 6.42
C GLU A 115 -3.53 -19.64 5.62
N PRO A 116 -2.79 -19.66 4.49
CA PRO A 116 -2.59 -18.52 3.58
C PRO A 116 -3.82 -17.61 3.37
N GLY A 117 -4.98 -18.18 3.17
CA GLY A 117 -6.16 -17.32 3.07
C GLY A 117 -6.45 -16.46 4.30
N ASP A 118 -6.11 -16.97 5.48
CA ASP A 118 -6.77 -16.55 6.72
C ASP A 118 -6.64 -15.10 7.19
N LYS A 119 -7.66 -14.65 7.94
CA LYS A 119 -7.59 -13.39 8.66
C LYS A 119 -7.61 -13.65 10.16
N VAL A 120 -6.86 -12.83 10.91
CA VAL A 120 -6.92 -12.85 12.36
C VAL A 120 -7.25 -11.45 12.82
N LEU A 121 -8.25 -11.32 13.69
CA LEU A 121 -8.62 -10.02 14.25
C LEU A 121 -7.85 -9.69 15.53
N LEU A 122 -7.47 -8.43 15.69
CA LEU A 122 -6.71 -7.99 16.84
C LEU A 122 -7.06 -6.55 17.26
N PRO A 123 -7.51 -6.35 18.52
CA PRO A 123 -7.95 -5.05 19.04
C PRO A 123 -6.82 -4.03 19.19
N ALA A 124 -7.08 -2.79 18.77
CA ALA A 124 -6.17 -1.66 18.97
C ALA A 124 -5.97 -1.35 20.44
N PRO A 125 -4.77 -0.85 20.80
CA PRO A 125 -3.63 -0.80 19.88
C PRO A 125 -2.86 -2.12 19.90
N ALA A 126 -2.52 -2.62 18.72
CA ALA A 126 -1.86 -3.91 18.55
C ALA A 126 -0.48 -3.99 19.18
N TYR A 127 -0.26 -4.99 20.01
CA TYR A 127 1.08 -5.34 20.42
C TYR A 127 1.79 -5.98 19.22
N PRO A 128 2.92 -5.40 18.79
CA PRO A 128 3.51 -5.73 17.49
C PRO A 128 4.09 -7.14 17.36
N GLY A 129 4.11 -7.89 18.45
CA GLY A 129 4.64 -9.24 18.40
C GLY A 129 3.78 -10.25 17.64
N TYR A 130 2.48 -10.00 17.52
CA TYR A 130 1.60 -10.99 16.91
C TYR A 130 1.70 -11.07 15.39
N GLU A 131 1.67 -9.92 14.74
CA GLU A 131 1.55 -9.87 13.28
C GLU A 131 2.59 -10.66 12.46
N PRO A 132 3.88 -10.53 12.79
CA PRO A 132 4.89 -11.31 12.06
C PRO A 132 4.64 -12.83 11.98
N VAL A 133 4.11 -13.44 13.04
CA VAL A 133 3.82 -14.88 13.04
C VAL A 133 2.78 -15.20 11.95
N VAL A 134 1.72 -14.42 12.00
CA VAL A 134 0.61 -14.58 11.09
C VAL A 134 1.07 -14.37 9.65
N ASN A 135 1.85 -13.31 9.43
CA ASN A 135 2.40 -13.03 8.10
C ASN A 135 3.31 -14.16 7.57
N LEU A 136 4.13 -14.71 8.46
CA LEU A 136 5.04 -15.82 8.15
C LEU A 136 4.24 -17.00 7.63
N VAL A 137 3.05 -17.23 8.20
CA VAL A 137 2.17 -18.31 7.70
C VAL A 137 1.52 -17.93 6.36
N GLY A 138 1.47 -16.62 6.09
CA GLY A 138 0.81 -16.17 4.89
C GLY A 138 -0.63 -15.72 5.11
N ALA A 139 -1.01 -15.55 6.37
CA ALA A 139 -2.31 -14.97 6.69
C ALA A 139 -2.11 -13.51 7.09
N GLU A 140 -3.20 -12.81 7.40
CA GLU A 140 -3.11 -11.39 7.68
C GLU A 140 -3.81 -10.94 8.96
N VAL A 141 -3.24 -9.94 9.61
CA VAL A 141 -3.80 -9.36 10.81
C VAL A 141 -4.65 -8.14 10.47
N VAL A 142 -5.88 -8.15 10.95
CA VAL A 142 -6.80 -7.02 10.83
C VAL A 142 -7.03 -6.40 12.20
N GLU A 143 -6.69 -5.12 12.31
CA GLU A 143 -6.75 -4.43 13.59
C GLU A 143 -8.07 -3.70 13.79
N ILE A 144 -8.70 -3.94 14.93
CA ILE A 144 -9.96 -3.28 15.26
C ILE A 144 -9.70 -1.93 15.93
N ASP A 145 -10.18 -0.86 15.31
CA ASP A 145 -10.05 0.46 15.90
C ASP A 145 -10.94 0.56 17.14
N THR A 146 -10.32 0.68 18.31
CA THR A 146 -11.09 0.75 19.53
C THR A 146 -10.95 2.12 20.18
N ARG A 147 -10.47 3.10 19.41
CA ARG A 147 -10.22 4.46 19.91
C ARG A 147 -11.46 5.12 20.50
N SER A 148 -12.62 4.82 19.91
CA SER A 148 -13.84 5.48 20.36
C SER A 148 -14.32 4.94 21.70
N ASN A 149 -13.67 3.91 22.23
CA ASN A 149 -13.97 3.49 23.59
C ASN A 149 -12.71 3.50 24.47
N ASP A 150 -11.81 4.43 24.18
CA ASP A 150 -10.52 4.53 24.89
C ASP A 150 -9.78 3.19 24.94
N PHE A 151 -9.86 2.44 23.85
CA PHE A 151 -9.09 1.19 23.68
C PHE A 151 -9.62 0.02 24.50
N VAL A 152 -10.89 0.09 24.87
CA VAL A 152 -11.62 -1.04 25.44
C VAL A 152 -12.53 -1.61 24.34
N LEU A 153 -12.28 -2.85 23.93
CA LEU A 153 -13.07 -3.46 22.87
C LEU A 153 -14.52 -3.68 23.32
N THR A 154 -15.48 -3.28 22.49
CA THR A 154 -16.89 -3.48 22.81
C THR A 154 -17.47 -4.61 21.96
N PRO A 155 -18.57 -5.24 22.42
CA PRO A 155 -19.17 -6.35 21.66
C PRO A 155 -19.53 -5.91 20.23
N GLU A 156 -19.94 -4.67 20.09
CA GLU A 156 -20.34 -4.14 18.78
C GLU A 156 -19.16 -3.99 17.82
N MET A 157 -18.05 -3.43 18.30
CA MET A 157 -16.83 -3.36 17.50
C MET A 157 -16.46 -4.76 17.03
N LEU A 158 -16.47 -5.69 17.98
CA LEU A 158 -16.08 -7.05 17.71
C LEU A 158 -16.92 -7.63 16.58
N GLU A 159 -18.23 -7.62 16.77
CA GLU A 159 -19.14 -8.20 15.78
C GLU A 159 -19.01 -7.52 14.41
N GLU A 160 -18.97 -6.20 14.39
CA GLU A 160 -18.85 -5.45 13.15
C GLU A 160 -17.60 -5.92 12.40
N ALA A 161 -16.50 -6.03 13.15
CA ALA A 161 -15.24 -6.50 12.61
C ALA A 161 -15.36 -7.92 12.07
N ILE A 162 -15.94 -8.83 12.87
CA ILE A 162 -16.09 -10.21 12.46
C ILE A 162 -16.81 -10.32 11.12
N LEU A 163 -17.99 -9.69 11.05
CA LEU A 163 -18.82 -9.76 9.86
C LEU A 163 -18.09 -9.16 8.67
N LYS A 164 -17.41 -8.04 8.89
CA LYS A 164 -16.66 -7.42 7.79
C LYS A 164 -15.65 -8.37 7.13
N GLU A 165 -14.93 -9.16 7.93
CA GLU A 165 -14.05 -10.17 7.33
C GLU A 165 -14.91 -11.34 6.87
N GLY A 166 -14.41 -12.12 5.92
CA GLY A 166 -15.28 -13.10 5.31
C GLY A 166 -15.43 -14.37 6.12
N GLU A 167 -15.54 -15.47 5.40
CA GLU A 167 -15.26 -16.78 5.95
C GLU A 167 -13.75 -16.94 6.03
N ALA A 168 -13.02 -15.94 5.55
CA ALA A 168 -11.57 -15.90 5.63
C ALA A 168 -11.10 -15.73 7.09
N LEU A 169 -11.99 -15.25 7.96
CA LEU A 169 -11.70 -15.12 9.39
C LEU A 169 -11.42 -16.48 9.98
N LYS A 170 -10.25 -16.63 10.61
CA LYS A 170 -9.89 -17.88 11.24
C LYS A 170 -9.82 -17.76 12.77
N ALA A 171 -9.56 -16.55 13.25
CA ALA A 171 -9.26 -16.40 14.66
C ALA A 171 -9.31 -14.95 15.15
N VAL A 172 -9.55 -14.83 16.45
CA VAL A 172 -9.52 -13.58 17.18
C VAL A 172 -8.47 -13.72 18.27
N ILE A 173 -7.65 -12.69 18.44
CA ILE A 173 -6.70 -12.67 19.53
C ILE A 173 -7.13 -11.62 20.56
N LEU A 174 -7.43 -12.05 21.78
CA LEU A 174 -7.69 -11.12 22.87
C LEU A 174 -6.49 -11.12 23.83
N ASN A 175 -6.07 -9.94 24.27
CA ASN A 175 -4.93 -9.82 25.17
C ASN A 175 -5.32 -8.95 26.36
N TYR A 176 -5.61 -9.60 27.49
CA TYR A 176 -6.13 -8.92 28.66
C TYR A 176 -5.58 -9.59 29.91
N PRO A 177 -5.05 -8.82 30.88
CA PRO A 177 -4.74 -7.40 30.87
C PRO A 177 -3.86 -7.06 29.67
N THR A 178 -4.06 -5.89 29.08
CA THR A 178 -3.54 -5.58 27.75
C THR A 178 -2.20 -4.87 27.75
N ASN A 179 -1.28 -5.35 26.90
CA ASN A 179 -0.11 -4.60 26.48
C ASN A 179 -0.52 -3.91 25.18
N PRO A 180 -0.44 -2.57 25.10
CA PRO A 180 0.25 -1.58 25.96
C PRO A 180 -0.60 -0.68 26.86
N THR A 181 -1.89 -1.00 27.08
CA THR A 181 -2.78 -0.02 27.72
C THR A 181 -3.01 -0.26 29.21
N GLY A 182 -2.86 -1.50 29.64
CA GLY A 182 -3.12 -1.84 31.03
C GLY A 182 -4.59 -2.13 31.26
N VAL A 183 -5.33 -2.16 30.15
CA VAL A 183 -6.77 -2.30 30.16
C VAL A 183 -7.16 -3.71 30.65
N THR A 184 -8.26 -3.81 31.39
CA THR A 184 -8.81 -5.13 31.74
C THR A 184 -10.29 -5.16 31.43
N TYR A 185 -10.86 -6.35 31.52
CA TYR A 185 -12.27 -6.52 31.27
C TYR A 185 -12.89 -7.24 32.44
N SER A 186 -14.03 -6.73 32.89
CA SER A 186 -14.77 -7.33 33.99
C SER A 186 -15.43 -8.62 33.54
N ARG A 187 -15.97 -9.36 34.50
CA ARG A 187 -16.69 -10.59 34.18
C ARG A 187 -17.79 -10.35 33.13
N GLN A 188 -18.56 -9.30 33.31
CA GLN A 188 -19.68 -9.03 32.43
C GLN A 188 -19.24 -8.63 31.01
N GLN A 189 -18.18 -7.83 30.91
CA GLN A 189 -17.65 -7.46 29.58
C GLN A 189 -17.18 -8.71 28.84
N ILE A 190 -16.44 -9.56 29.56
CA ILE A 190 -15.93 -10.81 29.00
C ILE A 190 -17.09 -11.68 28.51
N LYS A 191 -18.15 -11.73 29.33
CA LYS A 191 -19.36 -12.47 28.98
C LYS A 191 -19.99 -11.94 27.69
N ASN A 192 -20.06 -10.62 27.57
CA ASN A 192 -20.66 -9.99 26.39
C ASN A 192 -19.85 -10.24 25.11
N LEU A 193 -18.53 -10.18 25.23
CA LEU A 193 -17.67 -10.53 24.10
C LEU A 193 -17.87 -11.98 23.73
N ALA A 194 -17.96 -12.86 24.72
CA ALA A 194 -18.17 -14.28 24.45
C ALA A 194 -19.48 -14.52 23.72
N GLU A 195 -20.51 -13.77 24.12
CA GLU A 195 -21.84 -13.94 23.54
C GLU A 195 -21.77 -13.57 22.07
N VAL A 196 -20.96 -12.54 21.76
CA VAL A 196 -20.66 -12.28 20.35
C VAL A 196 -19.89 -13.43 19.66
N LEU A 197 -18.81 -13.90 20.30
CA LEU A 197 -17.89 -14.84 19.64
C LEU A 197 -18.45 -16.23 19.41
N LYS A 198 -19.43 -16.61 20.22
CA LYS A 198 -19.89 -18.00 20.21
C LYS A 198 -20.67 -18.41 18.96
N LYS A 199 -21.09 -17.46 18.13
CA LYS A 199 -21.84 -17.85 16.94
C LYS A 199 -21.01 -17.97 15.65
N TYR A 200 -19.68 -17.90 15.77
CA TYR A 200 -18.79 -17.96 14.61
C TYR A 200 -17.77 -19.07 14.77
N PRO A 201 -17.57 -19.85 13.70
CA PRO A 201 -16.69 -21.04 13.69
C PRO A 201 -15.23 -20.64 13.74
N ILE A 202 -14.83 -19.93 14.77
CA ILE A 202 -13.48 -19.36 14.80
C ILE A 202 -12.77 -19.62 16.11
N PHE A 203 -11.44 -19.64 16.04
CA PHE A 203 -10.59 -19.83 17.20
C PHE A 203 -10.50 -18.54 18.00
N VAL A 204 -10.56 -18.67 19.32
CA VAL A 204 -10.28 -17.56 20.22
C VAL A 204 -8.92 -17.70 20.90
N ILE A 205 -7.92 -16.95 20.45
CA ILE A 205 -6.60 -17.00 21.07
C ILE A 205 -6.58 -16.03 22.25
N SER A 206 -6.59 -16.56 23.46
CA SER A 206 -6.76 -15.74 24.64
C SER A 206 -5.45 -15.63 25.37
N ASP A 207 -4.77 -14.49 25.20
CA ASP A 207 -3.43 -14.26 25.75
C ASP A 207 -3.50 -13.67 27.16
N GLU A 208 -3.41 -14.54 28.16
CA GLU A 208 -3.69 -14.13 29.53
C GLU A 208 -2.44 -14.15 30.41
N VAL A 209 -1.28 -13.92 29.79
CA VAL A 209 -0.03 -13.91 30.53
C VAL A 209 -0.03 -12.89 31.70
N TYR A 210 -0.69 -11.75 31.54
CA TYR A 210 -0.74 -10.75 32.62
C TYR A 210 -1.83 -10.95 33.72
N ALA A 211 -2.61 -12.04 33.65
CA ALA A 211 -3.77 -12.25 34.54
C ALA A 211 -3.55 -11.87 36.00
N GLU A 212 -2.48 -12.40 36.60
CA GLU A 212 -2.22 -12.16 38.01
C GLU A 212 -1.99 -10.68 38.31
N LEU A 213 -1.55 -9.93 37.30
CA LEU A 213 -1.37 -8.51 37.53
C LEU A 213 -2.65 -7.75 37.22
N THR A 214 -3.69 -8.02 38.01
CA THR A 214 -4.97 -7.37 37.88
C THR A 214 -5.28 -6.61 39.16
N TYR A 215 -5.70 -5.36 39.02
CA TYR A 215 -5.66 -4.43 40.13
C TYR A 215 -7.05 -3.96 40.59
N THR A 216 -8.08 -4.66 40.16
CA THR A 216 -9.47 -4.19 40.35
C THR A 216 -10.25 -4.74 41.55
N GLY A 217 -9.64 -5.57 42.40
CA GLY A 217 -10.41 -6.08 43.54
C GLY A 217 -11.36 -7.22 43.21
N GLU A 218 -11.80 -7.31 41.95
CA GLU A 218 -12.26 -8.56 41.41
C GLU A 218 -11.09 -9.16 40.62
N SER A 219 -10.77 -10.42 40.87
CA SER A 219 -9.70 -11.05 40.12
C SER A 219 -10.06 -11.31 38.66
N HIS A 220 -9.03 -11.52 37.85
CA HIS A 220 -9.11 -11.84 36.42
C HIS A 220 -10.15 -12.88 36.01
N VAL A 221 -10.95 -12.58 34.99
CA VAL A 221 -11.87 -13.59 34.45
C VAL A 221 -11.45 -13.97 33.03
N SER A 222 -11.36 -15.26 32.75
CA SER A 222 -10.95 -15.74 31.43
C SER A 222 -12.14 -16.05 30.52
N ILE A 223 -12.04 -15.66 29.26
CA ILE A 223 -13.11 -15.93 28.31
C ILE A 223 -13.29 -17.45 28.10
N ALA A 224 -12.24 -18.20 28.42
CA ALA A 224 -12.32 -19.65 28.36
C ALA A 224 -13.41 -20.17 29.31
N GLU A 225 -13.70 -19.40 30.36
CA GLU A 225 -14.78 -19.77 31.27
C GLU A 225 -16.13 -19.75 30.54
N TYR A 226 -16.31 -18.80 29.64
CA TYR A 226 -17.57 -18.69 28.91
C TYR A 226 -17.59 -19.42 27.59
N LEU A 227 -16.39 -19.63 27.01
CA LEU A 227 -16.22 -20.34 25.74
C LEU A 227 -15.24 -21.51 25.85
N PRO A 228 -15.59 -22.54 26.63
CA PRO A 228 -14.63 -23.64 26.83
C PRO A 228 -14.17 -24.34 25.54
N ASP A 229 -15.01 -24.35 24.50
CA ASP A 229 -14.74 -25.17 23.31
C ASP A 229 -13.98 -24.46 22.19
N GLN A 230 -13.93 -23.13 22.20
CA GLN A 230 -13.29 -22.40 21.11
C GLN A 230 -12.11 -21.52 21.54
N THR A 231 -11.77 -21.59 22.82
CA THR A 231 -10.67 -20.80 23.34
C THR A 231 -9.39 -21.62 23.47
N ILE A 232 -8.31 -21.08 22.94
CA ILE A 232 -7.00 -21.61 23.21
C ILE A 232 -6.38 -20.59 24.14
N LEU A 233 -6.10 -21.03 25.36
CA LEU A 233 -5.62 -20.14 26.40
C LEU A 233 -4.08 -20.16 26.53
N ILE A 234 -3.49 -18.99 26.35
CA ILE A 234 -2.04 -18.89 26.40
C ILE A 234 -1.64 -18.25 27.70
N SER A 235 -0.82 -18.95 28.48
CA SER A 235 -0.29 -18.36 29.70
C SER A 235 1.19 -18.67 29.85
N GLY A 236 1.73 -18.39 31.04
CA GLY A 236 3.11 -18.64 31.38
C GLY A 236 3.42 -18.02 32.71
N LEU A 237 4.67 -18.12 33.14
CA LEU A 237 5.02 -17.65 34.48
C LEU A 237 5.87 -16.39 34.49
N SER A 238 6.00 -15.70 33.36
CA SER A 238 6.92 -14.57 33.31
C SER A 238 6.39 -13.35 34.09
N LYS A 239 5.10 -13.09 33.99
CA LYS A 239 4.51 -11.93 34.66
C LYS A 239 4.10 -12.30 36.07
N SER A 240 3.52 -13.47 36.23
CA SER A 240 3.00 -13.87 37.53
C SER A 240 4.10 -14.20 38.52
N HIS A 241 5.19 -14.78 38.05
CA HIS A 241 6.22 -15.26 38.96
C HIS A 241 7.61 -14.72 38.70
N ALA A 242 7.67 -13.67 37.89
CA ALA A 242 8.94 -13.06 37.52
C ALA A 242 9.94 -14.07 36.98
N MET A 243 9.42 -15.08 36.28
CA MET A 243 10.28 -16.06 35.61
C MET A 243 10.63 -15.56 34.21
N THR A 244 11.45 -14.53 34.18
CA THR A 244 11.81 -13.84 32.95
C THR A 244 13.12 -14.39 32.37
N GLY A 245 13.12 -14.76 31.10
CA GLY A 245 14.29 -15.43 30.54
C GLY A 245 14.49 -16.84 31.08
N TRP A 246 13.51 -17.30 31.86
CA TRP A 246 13.25 -18.71 32.05
C TRP A 246 12.24 -18.92 30.96
N ARG A 247 12.23 -20.06 30.30
CA ARG A 247 11.23 -20.15 29.27
C ARG A 247 10.15 -21.13 29.74
N LEU A 248 9.12 -20.65 30.46
CA LEU A 248 7.96 -21.52 30.71
C LEU A 248 6.62 -20.98 30.22
N GLY A 249 6.14 -21.55 29.12
CA GLY A 249 4.82 -21.23 28.61
C GLY A 249 3.81 -22.34 28.84
N LEU A 250 2.54 -21.98 28.77
CA LEU A 250 1.47 -22.93 29.03
C LEU A 250 0.37 -22.72 28.00
N ILE A 251 -0.18 -23.84 27.49
CA ILE A 251 -1.33 -23.78 26.61
C ILE A 251 -2.42 -24.62 27.26
N PHE A 252 -3.61 -24.05 27.36
CA PHE A 252 -4.79 -24.80 27.81
C PHE A 252 -5.80 -24.84 26.68
N ALA A 253 -6.27 -26.05 26.35
CA ALA A 253 -7.24 -26.21 25.27
C ALA A 253 -8.01 -27.50 25.39
N PRO A 254 -9.28 -27.50 24.93
CA PRO A 254 -10.07 -28.73 24.79
C PRO A 254 -9.23 -29.84 24.18
N ALA A 255 -9.37 -31.07 24.68
CA ALA A 255 -8.55 -32.20 24.28
C ALA A 255 -8.48 -32.35 22.75
N VAL A 256 -9.63 -32.18 22.10
CA VAL A 256 -9.70 -32.32 20.65
C VAL A 256 -8.80 -31.29 19.95
N LEU A 257 -8.70 -30.08 20.49
CA LEU A 257 -7.84 -29.06 19.90
C LEU A 257 -6.37 -29.34 20.25
N THR A 258 -6.15 -29.68 21.52
CA THR A 258 -4.83 -30.01 22.04
C THR A 258 -4.15 -31.10 21.21
N ALA A 259 -4.89 -32.10 20.77
CA ALA A 259 -4.30 -33.20 19.98
C ALA A 259 -3.66 -32.67 18.69
N GLN A 260 -4.39 -31.80 18.02
CA GLN A 260 -3.90 -31.14 16.82
C GLN A 260 -2.70 -30.22 17.10
N LEU A 261 -2.88 -29.29 18.01
CA LEU A 261 -1.81 -28.39 18.47
C LEU A 261 -0.51 -29.14 18.71
N ILE A 262 -0.56 -30.19 19.51
CA ILE A 262 0.65 -30.91 19.85
C ILE A 262 1.22 -31.63 18.64
N LYS A 263 0.34 -32.08 17.74
CA LYS A 263 0.83 -32.71 16.50
C LYS A 263 1.71 -31.73 15.75
N SER A 264 1.29 -30.47 15.73
CA SER A 264 2.08 -29.45 15.05
C SER A 264 3.34 -29.02 15.83
N HIS A 265 3.23 -28.97 17.15
CA HIS A 265 4.33 -28.47 17.99
C HIS A 265 5.46 -29.47 18.13
N GLN A 266 5.11 -30.74 18.09
CA GLN A 266 6.05 -31.86 18.16
C GLN A 266 7.25 -31.63 17.28
N TYR A 267 6.99 -31.11 16.09
CA TYR A 267 8.03 -31.03 15.08
C TYR A 267 8.48 -29.62 14.76
N LEU A 268 8.07 -28.62 15.53
CA LEU A 268 8.54 -27.28 15.24
C LEU A 268 9.28 -26.64 16.40
N VAL A 269 9.00 -27.11 17.62
CA VAL A 269 9.62 -26.51 18.79
C VAL A 269 10.22 -27.53 19.77
N THR A 270 11.12 -27.04 20.61
CA THR A 270 11.86 -27.86 21.55
C THR A 270 11.11 -27.92 22.90
N ALA A 271 11.13 -29.10 23.53
CA ALA A 271 10.55 -29.27 24.85
C ALA A 271 11.22 -28.33 25.86
N ALA A 272 10.45 -27.88 26.85
CA ALA A 272 11.01 -26.99 27.86
C ALA A 272 12.16 -27.64 28.62
N THR A 273 13.11 -26.84 29.07
CA THR A 273 14.25 -27.37 29.80
C THR A 273 13.71 -27.97 31.11
N THR A 274 14.17 -29.17 31.46
CA THR A 274 13.55 -29.85 32.60
C THR A 274 13.83 -29.17 33.96
N SER A 275 14.97 -28.49 34.09
CA SER A 275 15.22 -27.73 35.32
C SER A 275 14.18 -26.61 35.44
N VAL A 276 13.82 -26.00 34.31
CA VAL A 276 12.76 -25.02 34.27
C VAL A 276 11.42 -25.65 34.68
N GLN A 277 11.10 -26.80 34.13
CA GLN A 277 9.85 -27.46 34.47
C GLN A 277 9.77 -27.77 35.96
N PHE A 278 10.88 -28.15 36.58
CA PHE A 278 10.90 -28.30 38.04
C PHE A 278 10.69 -26.99 38.82
N ALA A 279 11.34 -25.93 38.35
CA ALA A 279 11.11 -24.60 38.91
C ALA A 279 9.63 -24.23 38.80
N ALA A 280 9.02 -24.53 37.66
CA ALA A 280 7.64 -24.16 37.39
C ALA A 280 6.72 -24.93 38.32
N ILE A 281 7.06 -26.19 38.60
CA ILE A 281 6.29 -26.96 39.58
C ILE A 281 6.37 -26.30 40.94
N GLU A 282 7.58 -25.87 41.31
CA GLU A 282 7.75 -25.19 42.58
C GLU A 282 6.91 -23.91 42.64
N ALA A 283 6.92 -23.14 41.55
CA ALA A 283 6.17 -21.89 41.44
C ALA A 283 4.68 -22.11 41.58
N LEU A 284 4.16 -23.06 40.83
CA LEU A 284 2.74 -23.28 40.74
C LEU A 284 2.19 -23.97 42.00
N THR A 285 2.99 -24.76 42.69
CA THR A 285 2.46 -25.47 43.84
C THR A 285 2.74 -24.72 45.13
N ASN A 286 3.90 -24.09 45.22
CA ASN A 286 4.32 -23.44 46.44
C ASN A 286 4.44 -21.92 46.34
N GLY A 287 4.14 -21.37 45.19
CA GLY A 287 4.26 -19.93 44.99
C GLY A 287 2.99 -19.33 44.41
N LYS A 288 1.85 -19.88 44.82
CA LYS A 288 0.55 -19.48 44.28
C LYS A 288 0.25 -18.00 44.47
N ASP A 289 0.76 -17.43 45.56
CA ASP A 289 0.54 -16.02 45.82
C ASP A 289 1.81 -15.21 45.68
N ASP A 290 2.79 -15.72 44.92
CA ASP A 290 4.04 -15.00 44.69
C ASP A 290 3.77 -13.64 44.05
N ALA A 291 2.71 -13.53 43.25
CA ALA A 291 2.44 -12.27 42.57
C ALA A 291 2.04 -11.11 43.49
N LEU A 292 1.59 -11.42 44.71
CA LEU A 292 0.98 -10.38 45.53
C LEU A 292 1.89 -9.21 45.93
N PRO A 293 3.08 -9.49 46.51
CA PRO A 293 3.98 -8.38 46.85
C PRO A 293 4.32 -7.49 45.64
N MET A 294 4.49 -8.16 44.51
CA MET A 294 4.89 -7.50 43.28
C MET A 294 3.76 -6.60 42.84
N LYS A 295 2.56 -7.13 42.97
CA LYS A 295 1.35 -6.41 42.63
C LYS A 295 1.19 -5.16 43.51
N GLU A 296 1.51 -5.29 44.80
CA GLU A 296 1.50 -4.13 45.71
C GLU A 296 2.48 -3.03 45.26
N GLU A 297 3.71 -3.44 44.97
CA GLU A 297 4.74 -2.50 44.48
C GLU A 297 4.30 -1.80 43.18
N TYR A 298 3.69 -2.57 42.29
CA TYR A 298 3.27 -2.07 40.99
C TYR A 298 2.15 -1.04 41.15
N ILE A 299 1.21 -1.32 42.05
CA ILE A 299 0.14 -0.36 42.33
C ILE A 299 0.70 0.96 42.87
N LYS A 300 1.65 0.92 43.80
CA LYS A 300 2.29 2.17 44.25
C LYS A 300 2.98 2.98 43.14
N ARG A 301 3.77 2.29 42.30
CA ARG A 301 4.44 2.95 41.17
C ARG A 301 3.41 3.56 40.23
N ARG A 302 2.42 2.76 39.89
CA ARG A 302 1.34 3.17 39.02
C ARG A 302 0.65 4.42 39.57
N ASP A 303 0.31 4.43 40.86
CA ASP A 303 -0.38 5.59 41.43
C ASP A 303 0.51 6.87 41.39
N TYR A 304 1.79 6.71 41.70
CA TYR A 304 2.70 7.84 41.62
C TYR A 304 2.72 8.42 40.20
N ILE A 305 2.83 7.53 39.22
CA ILE A 305 2.85 7.96 37.82
C ILE A 305 1.55 8.65 37.42
N ILE A 306 0.41 8.08 37.80
CA ILE A 306 -0.87 8.69 37.41
C ILE A 306 -1.00 10.11 38.00
N GLU A 307 -0.64 10.24 39.27
CA GLU A 307 -0.55 11.52 39.95
C GLU A 307 0.27 12.53 39.14
N LYS A 308 1.57 12.27 39.03
CA LYS A 308 2.50 13.16 38.32
C LYS A 308 2.10 13.47 36.87
N MET A 309 1.73 12.44 36.13
CA MET A 309 1.33 12.59 34.73
C MET A 309 0.04 13.38 34.55
N GLU A 310 -0.86 13.31 35.53
CA GLU A 310 -2.11 14.06 35.41
C GLU A 310 -1.93 15.50 35.84
N ALA A 311 -0.97 15.73 36.73
CA ALA A 311 -0.53 17.09 37.03
C ALA A 311 -0.01 17.84 35.79
N MET A 312 0.41 17.10 34.76
CA MET A 312 0.81 17.71 33.48
C MET A 312 -0.10 17.37 32.31
N LYS A 313 -1.38 17.19 32.61
CA LYS A 313 -2.45 17.16 31.62
C LYS A 313 -2.39 16.03 30.58
N PHE A 314 -1.62 14.99 30.85
CA PHE A 314 -1.72 13.80 30.02
C PHE A 314 -3.07 13.14 30.28
N LYS A 315 -3.77 12.74 29.22
CA LYS A 315 -4.96 11.93 29.38
C LYS A 315 -4.50 10.48 29.51
N ILE A 316 -4.85 9.87 30.64
CA ILE A 316 -4.40 8.51 30.92
C ILE A 316 -5.51 7.49 30.76
N ILE A 317 -5.32 6.53 29.85
CA ILE A 317 -6.21 5.39 29.74
C ILE A 317 -6.10 4.61 31.05
N LYS A 318 -7.25 4.24 31.61
CA LYS A 318 -7.30 3.67 32.94
C LYS A 318 -6.47 2.40 32.98
N PRO A 319 -5.41 2.38 33.78
CA PRO A 319 -4.51 1.23 33.95
C PRO A 319 -5.00 0.31 35.09
N ASP A 320 -5.68 -0.78 34.73
CA ASP A 320 -6.19 -1.75 35.68
C ASP A 320 -5.36 -3.02 35.74
N GLY A 321 -4.42 -3.17 34.80
CA GLY A 321 -3.61 -4.37 34.70
C GLY A 321 -2.22 -3.96 34.27
N ALA A 322 -1.20 -4.72 34.68
CA ALA A 322 0.14 -4.13 34.80
C ALA A 322 0.77 -4.26 33.47
N PHE A 323 1.90 -3.57 33.26
CA PHE A 323 2.51 -2.55 34.11
C PHE A 323 2.86 -1.44 33.16
N TYR A 324 1.86 -1.11 32.36
CA TYR A 324 1.99 -0.12 31.30
C TYR A 324 0.99 1.00 31.53
N ILE A 325 1.46 2.21 31.29
CA ILE A 325 0.59 3.37 31.21
C ILE A 325 0.66 3.94 29.79
N PHE A 326 -0.46 3.87 29.10
CA PHE A 326 -0.63 4.45 27.78
C PHE A 326 -1.26 5.82 27.99
N ALA A 327 -0.50 6.87 27.69
CA ALA A 327 -0.90 8.25 28.02
C ALA A 327 -0.85 9.16 26.80
N LYS A 328 -1.86 10.02 26.68
CA LYS A 328 -2.03 10.91 25.53
C LYS A 328 -1.27 12.22 25.70
N ILE A 329 -0.51 12.59 24.67
CA ILE A 329 0.35 13.78 24.74
C ILE A 329 -0.48 15.05 24.60
N PRO A 330 -0.38 15.96 25.58
CA PRO A 330 -1.29 17.12 25.62
C PRO A 330 -0.75 18.35 24.90
N VAL A 331 0.28 18.20 24.06
CA VAL A 331 0.79 19.30 23.26
C VAL A 331 0.94 18.91 21.78
N ALA A 332 0.86 19.92 20.91
CA ALA A 332 0.86 19.73 19.45
C ALA A 332 1.90 18.72 18.94
N GLN A 333 3.14 18.87 19.39
CA GLN A 333 4.24 18.02 18.94
C GLN A 333 3.92 16.55 19.24
N GLY A 334 3.01 16.33 20.19
CA GLY A 334 2.59 15.00 20.54
C GLY A 334 1.98 14.23 19.39
N GLN A 335 1.66 14.91 18.29
CA GLN A 335 1.07 14.22 17.14
C GLN A 335 2.11 13.44 16.36
N ASP A 336 3.38 13.68 16.66
CA ASP A 336 4.43 12.79 16.22
C ASP A 336 5.10 12.23 17.47
N SER A 337 4.47 11.21 18.05
CA SER A 337 4.92 10.66 19.33
C SER A 337 6.36 10.14 19.22
N PHE A 338 6.65 9.57 18.06
CA PHE A 338 8.00 9.09 17.75
C PHE A 338 9.01 10.19 17.98
N LYS A 339 8.79 11.34 17.34
CA LYS A 339 9.73 12.46 17.42
C LYS A 339 9.71 13.16 18.77
N PHE A 340 8.51 13.25 19.36
CA PHE A 340 8.35 13.82 20.69
C PHE A 340 9.21 13.06 21.72
N LEU A 341 9.22 11.74 21.60
CA LEU A 341 10.00 10.90 22.50
C LEU A 341 11.49 10.86 22.15
N GLN A 342 11.79 11.01 20.85
CA GLN A 342 13.19 11.21 20.46
C GLN A 342 13.75 12.44 21.14
N ASP A 343 12.98 13.50 21.10
CA ASP A 343 13.37 14.77 21.66
C ASP A 343 13.47 14.68 23.17
N PHE A 344 12.50 14.02 23.80
CA PHE A 344 12.51 13.81 25.25
C PHE A 344 13.79 13.11 25.64
N ALA A 345 14.15 12.10 24.84
CA ALA A 345 15.37 11.35 25.07
C ALA A 345 16.66 12.17 24.89
N LYS A 346 16.71 12.99 23.84
CA LYS A 346 17.89 13.84 23.61
C LYS A 346 18.07 14.83 24.75
N GLU A 347 16.96 15.40 25.21
CA GLU A 347 17.03 16.49 26.16
C GLU A 347 17.08 16.08 27.64
N LYS A 348 16.64 14.86 27.94
CA LYS A 348 16.55 14.43 29.34
C LYS A 348 17.08 13.02 29.61
N ALA A 349 17.50 12.32 28.55
CA ALA A 349 18.04 10.96 28.68
C ALA A 349 17.06 9.95 29.33
N VAL A 350 15.80 10.01 28.92
CA VAL A 350 14.87 8.99 29.38
C VAL A 350 14.07 8.46 28.20
N ALA A 351 13.86 7.15 28.18
CA ALA A 351 13.16 6.53 27.06
C ALA A 351 11.79 5.97 27.44
N PHE A 352 10.75 6.40 26.71
CA PHE A 352 9.48 5.69 26.65
C PHE A 352 9.35 5.10 25.25
N ILE A 353 8.24 4.41 24.97
CA ILE A 353 7.96 3.93 23.64
C ILE A 353 6.77 4.68 23.03
N PRO A 354 6.95 5.17 21.80
CA PRO A 354 5.92 5.94 21.09
C PRO A 354 4.68 5.11 20.84
N GLY A 355 3.52 5.77 20.83
CA GLY A 355 2.27 5.10 20.62
C GLY A 355 2.19 4.47 19.25
N VAL A 356 2.97 5.00 18.31
CA VAL A 356 2.98 4.47 16.94
C VAL A 356 3.52 3.06 16.84
N ALA A 357 4.31 2.64 17.82
CA ALA A 357 4.87 1.31 17.77
C ALA A 357 3.82 0.21 18.01
N PHE A 358 2.57 0.62 18.31
CA PHE A 358 1.52 -0.34 18.63
C PHE A 358 0.34 -0.23 17.65
N GLY A 359 0.47 -0.86 16.49
CA GLY A 359 -0.58 -0.79 15.50
C GLY A 359 -0.66 0.59 14.87
N LYS A 360 -1.77 0.88 14.19
CA LYS A 360 -1.90 2.13 13.46
C LYS A 360 -2.81 3.16 14.14
N TYR A 361 -3.42 2.78 15.26
CA TYR A 361 -4.31 3.73 15.94
C TYR A 361 -3.70 4.25 17.22
N GLY A 362 -2.38 4.15 17.32
CA GLY A 362 -1.72 4.51 18.56
C GLY A 362 -1.10 5.89 18.60
N GLU A 363 -1.20 6.63 17.51
CA GLU A 363 -0.47 7.91 17.40
C GLU A 363 -0.97 8.94 18.40
N GLY A 364 -0.05 9.74 18.92
CA GLY A 364 -0.40 10.75 19.90
C GLY A 364 -0.33 10.23 21.31
N TYR A 365 0.08 8.96 21.43
CA TYR A 365 0.23 8.31 22.73
C TYR A 365 1.67 7.89 23.02
N LEU A 366 1.95 7.69 24.29
CA LEU A 366 3.22 7.13 24.73
C LEU A 366 2.95 5.98 25.70
N ARG A 367 3.86 4.99 25.72
CA ARG A 367 3.80 3.95 26.73
C ARG A 367 4.94 4.01 27.72
N ILE A 368 4.57 4.12 28.99
CA ILE A 368 5.52 4.00 30.07
C ILE A 368 5.37 2.57 30.57
N SER A 369 6.50 1.90 30.81
CA SER A 369 6.44 0.65 31.54
C SER A 369 6.91 0.94 32.94
N TYR A 370 6.10 0.58 33.93
CA TYR A 370 6.55 0.80 35.30
C TYR A 370 7.08 -0.45 35.93
N ALA A 371 7.48 -1.40 35.10
CA ALA A 371 8.38 -2.44 35.57
C ALA A 371 9.75 -1.76 35.67
N ALA A 372 9.96 -1.05 36.77
CA ALA A 372 11.12 -0.20 36.96
C ALA A 372 11.17 0.30 38.40
N SER A 373 12.36 0.56 38.91
CA SER A 373 12.52 0.98 40.30
C SER A 373 11.83 2.30 40.53
N MET A 374 11.49 2.57 41.80
CA MET A 374 10.80 3.79 42.14
C MET A 374 11.74 4.97 41.99
N GLU A 375 13.01 4.76 42.31
CA GLU A 375 14.06 5.77 42.12
C GLU A 375 14.05 6.32 40.70
N THR A 376 14.19 5.43 39.74
CA THR A 376 14.24 5.89 38.37
C THR A 376 12.87 6.32 37.80
N ILE A 377 11.78 5.78 38.34
CA ILE A 377 10.44 6.28 37.98
C ILE A 377 10.22 7.73 38.42
N LYS A 378 10.52 8.01 39.69
CA LYS A 378 10.50 9.36 40.24
C LYS A 378 11.37 10.29 39.40
N GLU A 379 12.59 9.83 39.11
CA GLU A 379 13.53 10.65 38.34
C GLU A 379 13.00 10.94 36.94
N ALA A 380 12.36 9.94 36.36
CA ALA A 380 11.79 10.08 35.02
C ALA A 380 10.64 11.08 35.01
N MET A 381 9.86 11.09 36.08
CA MET A 381 8.72 12.00 36.12
C MET A 381 9.17 13.44 36.33
N LYS A 382 10.14 13.63 37.22
CA LYS A 382 10.77 14.94 37.41
C LYS A 382 11.41 15.52 36.13
N ARG A 383 12.16 14.70 35.41
CA ARG A 383 12.70 15.13 34.11
C ARG A 383 11.61 15.39 33.08
N LEU A 384 10.54 14.62 33.15
CA LEU A 384 9.43 14.83 32.21
C LEU A 384 8.76 16.17 32.48
N LYS A 385 8.67 16.55 33.75
CA LYS A 385 8.08 17.84 34.11
C LYS A 385 8.96 18.94 33.54
N GLU A 386 10.25 18.83 33.83
CA GLU A 386 11.23 19.78 33.32
C GLU A 386 11.10 19.95 31.80
N PHE A 387 10.99 18.83 31.10
CA PHE A 387 10.89 18.82 29.65
C PHE A 387 9.55 19.40 29.15
N MET A 388 8.50 19.29 29.95
CA MET A 388 7.19 19.81 29.56
C MET A 388 7.03 21.31 29.83
N GLU A 389 7.86 21.85 30.72
CA GLU A 389 7.92 23.31 30.93
C GLU A 389 8.02 24.07 29.60
N GLN A 390 8.84 23.54 28.69
CA GLN A 390 9.15 24.17 27.42
C GLN A 390 7.95 24.42 26.50
N TYR A 391 6.80 23.83 26.82
CA TYR A 391 5.62 23.97 25.98
C TYR A 391 4.57 24.84 26.66
N ALA A 392 3.74 25.48 25.85
CA ALA A 392 2.62 26.27 26.36
C ALA A 392 1.30 25.55 26.10
N ASP B 4 -40.26 18.82 -24.73
CA ASP B 4 -39.11 17.93 -24.69
C ASP B 4 -37.88 18.55 -25.37
N LEU B 5 -36.85 18.85 -24.58
CA LEU B 5 -35.67 19.56 -25.10
C LEU B 5 -34.61 18.60 -25.64
N SER B 6 -34.84 17.30 -25.53
CA SER B 6 -33.81 16.29 -25.86
C SER B 6 -33.49 16.17 -27.34
N LYS B 7 -34.23 16.89 -28.18
CA LYS B 7 -33.98 16.87 -29.60
C LYS B 7 -33.61 18.26 -30.08
N ARG B 8 -33.14 19.09 -29.16
CA ARG B 8 -32.77 20.47 -29.48
C ARG B 8 -31.30 20.75 -29.18
N PHE B 9 -30.55 19.72 -28.81
CA PHE B 9 -29.10 19.84 -28.69
C PHE B 9 -28.51 19.87 -30.09
N ASN B 10 -27.22 20.16 -30.16
CA ASN B 10 -26.44 20.08 -31.40
C ASN B 10 -26.57 18.69 -32.03
N LYS B 11 -26.89 18.66 -33.33
CA LYS B 11 -27.14 17.40 -34.02
C LYS B 11 -25.94 16.45 -34.03
N ASN B 12 -24.72 17.00 -34.09
CA ASN B 12 -23.50 16.18 -34.12
C ASN B 12 -23.37 15.23 -32.94
N LEU B 13 -24.07 15.54 -31.86
CA LEU B 13 -24.04 14.70 -30.66
C LEU B 13 -24.55 13.31 -30.95
N ASN B 14 -25.21 13.13 -32.10
CA ASN B 14 -25.72 11.83 -32.50
C ASN B 14 -24.59 10.89 -32.90
N LYS B 15 -23.49 11.46 -33.40
CA LYS B 15 -22.36 10.66 -33.86
C LYS B 15 -21.45 10.24 -32.70
N ILE B 16 -21.94 10.39 -31.47
CA ILE B 16 -21.11 10.15 -30.30
C ILE B 16 -21.73 9.16 -29.32
N GLU B 17 -21.09 8.00 -29.17
CA GLU B 17 -21.54 7.03 -28.19
C GLU B 17 -20.40 6.64 -27.26
N VAL B 18 -20.71 5.75 -26.31
CA VAL B 18 -19.83 5.44 -25.20
C VAL B 18 -18.43 5.01 -25.65
N SER B 19 -17.44 5.50 -24.92
CA SER B 19 -16.04 5.11 -25.14
C SER B 19 -15.92 3.60 -25.05
N MET B 20 -15.48 2.98 -26.15
CA MET B 20 -15.32 1.54 -26.22
C MET B 20 -14.47 1.01 -25.06
N ILE B 21 -13.47 1.80 -24.66
CA ILE B 21 -12.64 1.46 -23.52
C ILE B 21 -13.44 1.47 -22.23
N ARG B 22 -14.17 2.56 -21.99
CA ARG B 22 -14.97 2.67 -20.77
C ARG B 22 -16.20 1.76 -20.84
N GLN B 23 -16.62 1.45 -22.06
CA GLN B 23 -17.71 0.50 -22.28
C GLN B 23 -17.22 -0.91 -21.94
N PHE B 24 -15.93 -1.13 -22.09
CA PHE B 24 -15.32 -2.40 -21.70
C PHE B 24 -15.10 -2.48 -20.19
N ASP B 25 -14.67 -1.36 -19.62
CA ASP B 25 -14.32 -1.31 -18.20
C ASP B 25 -15.56 -1.29 -17.30
N GLN B 26 -16.68 -0.82 -17.82
CA GLN B 26 -17.92 -0.92 -17.07
C GLN B 26 -18.40 -2.37 -17.05
N SER B 27 -18.11 -3.11 -18.11
CA SER B 27 -18.61 -4.48 -18.25
C SER B 27 -17.71 -5.54 -17.62
N ILE B 28 -16.54 -5.13 -17.12
CA ILE B 28 -15.72 -6.00 -16.28
C ILE B 28 -15.54 -5.34 -14.92
N SER B 29 -16.54 -4.55 -14.53
CA SER B 29 -16.52 -3.83 -13.26
C SER B 29 -16.85 -4.70 -12.05
N ASP B 30 -17.68 -5.72 -12.26
CA ASP B 30 -18.10 -6.60 -11.17
C ASP B 30 -16.95 -7.50 -10.72
N ILE B 31 -16.05 -7.83 -11.65
CA ILE B 31 -14.90 -8.68 -11.33
C ILE B 31 -13.95 -8.00 -10.34
N PRO B 32 -13.76 -8.61 -9.17
CA PRO B 32 -12.87 -8.08 -8.12
C PRO B 32 -11.40 -8.42 -8.31
N ASP B 33 -10.52 -7.51 -7.87
CA ASP B 33 -9.06 -7.75 -7.83
C ASP B 33 -8.43 -7.95 -9.20
N VAL B 34 -9.08 -7.41 -10.22
CA VAL B 34 -8.61 -7.53 -11.59
C VAL B 34 -7.40 -6.63 -11.81
N LEU B 35 -6.30 -7.24 -12.24
CA LEU B 35 -5.10 -6.48 -12.57
C LEU B 35 -5.33 -5.75 -13.89
N LYS B 36 -5.20 -4.42 -13.88
CA LYS B 36 -5.45 -3.62 -15.06
C LYS B 36 -4.17 -3.10 -15.71
N LEU B 37 -3.83 -3.68 -16.86
CA LEU B 37 -2.76 -3.14 -17.68
C LEU B 37 -3.41 -2.37 -18.81
N THR B 38 -4.20 -1.37 -18.45
CA THR B 38 -5.03 -0.63 -19.39
C THR B 38 -4.77 0.89 -19.36
N LEU B 39 -3.77 1.30 -18.59
CA LEU B 39 -3.55 2.71 -18.28
C LEU B 39 -3.05 3.52 -19.48
N GLY B 40 -3.58 4.74 -19.62
CA GLY B 40 -3.02 5.71 -20.57
C GLY B 40 -2.03 6.65 -19.90
N GLU B 41 -2.04 6.65 -18.57
CA GLU B 41 -1.15 7.46 -17.74
C GLU B 41 -0.45 6.54 -16.76
N PRO B 42 0.87 6.70 -16.58
CA PRO B 42 1.47 5.93 -15.49
C PRO B 42 0.94 6.42 -14.16
N ASP B 43 0.91 5.54 -13.17
CA ASP B 43 0.55 5.96 -11.84
C ASP B 43 1.82 6.12 -11.03
N PHE B 44 2.49 7.25 -11.23
CA PHE B 44 3.75 7.53 -10.54
C PHE B 44 3.53 7.60 -9.06
N ALA B 45 4.45 7.04 -8.29
CA ALA B 45 4.49 7.36 -6.88
C ALA B 45 5.22 8.70 -6.83
N THR B 46 4.49 9.79 -6.60
CA THR B 46 5.13 11.09 -6.70
C THR B 46 6.12 11.34 -5.58
N PRO B 47 7.28 11.89 -5.92
CA PRO B 47 8.37 12.07 -4.95
C PRO B 47 7.93 12.93 -3.76
N LYS B 48 8.57 12.73 -2.62
CA LYS B 48 8.25 13.51 -1.42
C LYS B 48 8.39 15.02 -1.65
N HIS B 49 9.50 15.44 -2.27
CA HIS B 49 9.74 16.87 -2.39
C HIS B 49 8.68 17.54 -3.25
N ILE B 50 8.10 16.77 -4.16
CA ILE B 50 7.04 17.27 -5.03
C ILE B 50 5.73 17.34 -4.26
N LYS B 51 5.43 16.33 -3.45
CA LYS B 51 4.26 16.37 -2.57
C LYS B 51 4.30 17.59 -1.66
N GLU B 52 5.42 17.75 -0.94
CA GLU B 52 5.60 18.88 -0.05
C GLU B 52 5.50 20.18 -0.81
N ALA B 53 6.07 20.24 -2.01
CA ALA B 53 5.94 21.44 -2.82
C ALA B 53 4.46 21.74 -3.18
N ALA B 54 3.72 20.74 -3.62
CA ALA B 54 2.30 20.90 -3.91
C ALA B 54 1.49 21.39 -2.71
N LYS B 55 1.83 20.90 -1.52
CA LYS B 55 1.15 21.36 -0.31
C LYS B 55 1.48 22.82 -0.02
N ARG B 56 2.76 23.16 -0.08
CA ARG B 56 3.18 24.56 0.01
C ARG B 56 2.38 25.44 -0.95
N ALA B 57 2.29 25.01 -2.20
CA ALA B 57 1.57 25.73 -3.24
C ALA B 57 0.11 25.94 -2.87
N ILE B 58 -0.50 24.96 -2.22
CA ILE B 58 -1.86 25.12 -1.72
C ILE B 58 -1.96 26.21 -0.64
N ASP B 59 -1.11 26.13 0.37
CA ASP B 59 -1.04 27.14 1.45
C ASP B 59 -0.40 28.46 1.04
N ALA B 60 -0.29 28.72 -0.26
CA ALA B 60 0.19 30.02 -0.71
C ALA B 60 -0.90 31.05 -0.47
N GLY B 70 -0.18 29.53 -17.12
CA GLY B 70 -0.32 30.34 -18.32
C GLY B 70 0.71 31.45 -18.34
N LEU B 71 1.41 31.60 -17.22
CA LEU B 71 2.38 32.68 -17.02
C LEU B 71 3.59 32.57 -17.93
N LEU B 72 4.40 33.63 -17.91
CA LEU B 72 5.56 33.71 -18.76
C LEU B 72 6.58 32.67 -18.36
N ALA B 73 6.66 32.38 -17.07
CA ALA B 73 7.65 31.43 -16.59
C ALA B 73 7.49 30.05 -17.23
N LEU B 74 6.24 29.63 -17.36
CA LEU B 74 5.94 28.32 -17.90
C LEU B 74 6.22 28.28 -19.39
N ARG B 75 5.74 29.28 -20.12
CA ARG B 75 6.00 29.35 -21.54
C ARG B 75 7.50 29.39 -21.84
N GLN B 76 8.26 30.10 -21.01
CA GLN B 76 9.70 30.19 -21.16
C GLN B 76 10.38 28.86 -20.94
N ALA B 77 9.95 28.16 -19.89
CA ALA B 77 10.47 26.83 -19.59
C ALA B 77 10.15 25.86 -20.73
N ALA B 78 8.96 26.00 -21.28
CA ALA B 78 8.51 25.11 -22.32
C ALA B 78 9.32 25.35 -23.60
N SER B 79 9.50 26.62 -23.94
CA SER B 79 10.32 27.02 -25.08
C SER B 79 11.75 26.48 -24.98
N ALA B 80 12.39 26.71 -23.83
CA ALA B 80 13.76 26.22 -23.65
C ALA B 80 13.83 24.70 -23.69
N PHE B 81 12.77 24.05 -23.22
CA PHE B 81 12.66 22.58 -23.21
C PHE B 81 12.62 22.00 -24.60
N VAL B 82 11.74 22.53 -25.45
CA VAL B 82 11.67 22.00 -26.83
C VAL B 82 12.85 22.44 -27.69
N LYS B 83 13.47 23.57 -27.33
CA LYS B 83 14.75 23.95 -27.96
C LYS B 83 15.84 22.96 -27.65
N GLU B 84 16.07 22.69 -26.37
CA GLU B 84 17.12 21.73 -26.00
C GLU B 84 16.85 20.30 -26.47
N LYS B 85 15.64 19.80 -26.24
CA LYS B 85 15.33 18.41 -26.56
C LYS B 85 15.10 18.15 -28.05
N TYR B 86 14.48 19.10 -28.76
CA TYR B 86 14.03 18.82 -30.14
C TYR B 86 14.51 19.87 -31.16
N HIS B 87 15.30 20.82 -30.70
CA HIS B 87 15.83 21.88 -31.58
C HIS B 87 14.75 22.71 -32.26
N LEU B 88 13.60 22.84 -31.60
CA LEU B 88 12.52 23.67 -32.12
C LEU B 88 12.58 25.03 -31.48
N THR B 89 12.25 26.06 -32.26
CA THR B 89 12.30 27.42 -31.78
C THR B 89 10.91 28.03 -31.78
N TYR B 90 10.35 28.20 -30.57
CA TYR B 90 9.06 28.88 -30.39
C TYR B 90 9.18 30.01 -29.39
N ASN B 91 8.78 31.20 -29.81
CA ASN B 91 8.82 32.38 -28.96
C ASN B 91 7.81 32.23 -27.85
N PRO B 92 8.27 32.28 -26.60
CA PRO B 92 7.32 32.06 -25.50
C PRO B 92 6.30 33.20 -25.42
N ASP B 93 6.66 34.38 -25.90
CA ASP B 93 5.74 35.52 -25.84
C ASP B 93 4.49 35.30 -26.70
N ASN B 94 4.63 34.62 -27.83
CA ASN B 94 3.50 34.56 -28.76
C ASN B 94 3.31 33.30 -29.58
N GLU B 95 3.97 32.20 -29.21
CA GLU B 95 3.86 30.99 -30.02
C GLU B 95 3.59 29.75 -29.18
N ILE B 96 3.26 29.94 -27.91
CA ILE B 96 3.07 28.82 -26.99
C ILE B 96 1.86 29.01 -26.11
N LEU B 97 0.92 28.06 -26.17
CA LEU B 97 -0.28 28.12 -25.36
C LEU B 97 -0.30 26.97 -24.37
N VAL B 98 -0.99 27.17 -23.25
CA VAL B 98 -1.13 26.16 -22.21
C VAL B 98 -2.59 25.78 -21.98
N THR B 99 -2.87 24.50 -21.83
CA THR B 99 -4.22 24.04 -21.49
C THR B 99 -4.17 23.33 -20.16
N ILE B 100 -5.34 23.11 -19.57
CA ILE B 100 -5.44 22.54 -18.24
C ILE B 100 -5.24 21.03 -18.33
N GLY B 101 -5.46 20.48 -19.52
CA GLY B 101 -5.27 19.06 -19.79
C GLY B 101 -5.07 18.80 -21.27
N ALA B 102 -4.81 17.54 -21.63
CA ALA B 102 -4.51 17.15 -23.01
C ALA B 102 -5.70 17.37 -23.94
N THR B 103 -6.87 16.93 -23.49
CA THR B 103 -8.04 17.00 -24.35
C THR B 103 -8.36 18.44 -24.73
N GLU B 104 -8.15 19.39 -23.81
CA GLU B 104 -8.35 20.81 -24.15
C GLU B 104 -7.40 21.36 -25.20
N ALA B 105 -6.21 20.78 -25.33
CA ALA B 105 -5.31 21.16 -26.41
C ALA B 105 -5.93 20.67 -27.71
N LEU B 106 -6.48 19.44 -27.67
CA LEU B 106 -7.27 18.94 -28.79
C LEU B 106 -8.46 19.84 -29.17
N SER B 107 -9.31 20.14 -28.20
CA SER B 107 -10.50 20.94 -28.43
C SER B 107 -10.14 22.32 -28.93
N ALA B 108 -9.16 22.95 -28.31
CA ALA B 108 -8.77 24.28 -28.75
C ALA B 108 -8.30 24.27 -30.21
N SER B 109 -7.30 23.43 -30.51
CA SER B 109 -6.77 23.49 -31.85
C SER B 109 -7.84 23.08 -32.89
N LEU B 110 -8.52 21.98 -32.60
CA LEU B 110 -9.55 21.46 -33.51
C LEU B 110 -10.68 22.45 -33.78
N THR B 111 -11.31 22.96 -32.73
CA THR B 111 -12.44 23.88 -32.97
C THR B 111 -11.96 25.19 -33.59
N ALA B 112 -10.68 25.51 -33.43
CA ALA B 112 -10.15 26.70 -34.08
C ALA B 112 -9.91 26.52 -35.59
N ILE B 113 -9.52 25.33 -36.03
CA ILE B 113 -9.22 25.14 -37.45
C ILE B 113 -10.30 24.44 -38.26
N LEU B 114 -11.25 23.79 -37.60
CA LEU B 114 -12.24 22.96 -38.29
C LEU B 114 -13.54 23.69 -38.65
N GLU B 115 -14.19 23.17 -39.68
CA GLU B 115 -15.47 23.68 -40.16
C GLU B 115 -16.33 22.50 -40.61
N PRO B 116 -17.67 22.66 -40.63
CA PRO B 116 -18.56 21.52 -40.85
C PRO B 116 -18.25 20.66 -42.09
N GLY B 117 -17.88 21.29 -43.20
CA GLY B 117 -17.53 20.50 -44.38
C GLY B 117 -16.25 19.69 -44.24
N ASP B 118 -15.38 20.07 -43.31
CA ASP B 118 -13.98 19.63 -43.35
C ASP B 118 -13.72 18.15 -43.08
N LYS B 119 -12.61 17.67 -43.64
CA LYS B 119 -12.12 16.33 -43.36
C LYS B 119 -10.77 16.42 -42.65
N VAL B 120 -10.59 15.50 -41.69
CA VAL B 120 -9.33 15.37 -40.98
C VAL B 120 -8.81 13.98 -41.24
N LEU B 121 -7.60 13.86 -41.79
CA LEU B 121 -6.99 12.56 -42.03
C LEU B 121 -6.27 12.06 -40.77
N LEU B 122 -6.39 10.76 -40.49
CA LEU B 122 -5.86 10.20 -39.27
C LEU B 122 -5.37 8.77 -39.47
N PRO B 123 -4.05 8.53 -39.34
CA PRO B 123 -3.48 7.19 -39.44
C PRO B 123 -4.09 6.24 -38.40
N ALA B 124 -4.43 5.03 -38.84
CA ALA B 124 -5.23 4.11 -38.04
C ALA B 124 -4.55 2.75 -37.90
N PRO B 125 -4.77 2.05 -36.77
CA PRO B 125 -5.67 2.38 -35.67
C PRO B 125 -5.15 3.53 -34.82
N ALA B 126 -6.04 4.29 -34.20
CA ALA B 126 -5.62 5.48 -33.49
C ALA B 126 -6.34 5.65 -32.16
N TYR B 127 -5.81 6.53 -31.32
CA TYR B 127 -6.46 6.95 -30.09
C TYR B 127 -7.92 7.38 -30.36
N PRO B 128 -8.87 6.77 -29.65
CA PRO B 128 -10.28 7.07 -29.90
C PRO B 128 -10.70 8.47 -29.54
N GLY B 129 -9.84 9.26 -28.90
CA GLY B 129 -10.21 10.60 -28.49
C GLY B 129 -10.25 11.69 -29.55
N TYR B 130 -9.69 11.46 -30.73
CA TYR B 130 -9.65 12.52 -31.74
C TYR B 130 -10.97 12.70 -32.48
N GLU B 131 -11.52 11.58 -32.94
CA GLU B 131 -12.73 11.58 -33.76
C GLU B 131 -13.94 12.26 -33.11
N PRO B 132 -14.26 11.93 -31.84
CA PRO B 132 -15.45 12.58 -31.27
C PRO B 132 -15.31 14.10 -31.23
N VAL B 133 -14.09 14.57 -30.99
CA VAL B 133 -13.86 16.01 -30.96
C VAL B 133 -14.08 16.58 -32.35
N VAL B 134 -13.56 15.89 -33.37
CA VAL B 134 -13.80 16.33 -34.75
C VAL B 134 -15.28 16.35 -35.15
N ASN B 135 -16.01 15.28 -34.81
CA ASN B 135 -17.45 15.19 -35.05
C ASN B 135 -18.21 16.34 -34.40
N LEU B 136 -17.84 16.66 -33.15
CA LEU B 136 -18.54 17.68 -32.39
C LEU B 136 -18.67 19.00 -33.15
N VAL B 137 -17.56 19.49 -33.68
CA VAL B 137 -17.58 20.76 -34.38
C VAL B 137 -17.90 20.65 -35.88
N GLY B 138 -18.49 19.53 -36.25
CA GLY B 138 -19.11 19.39 -37.56
C GLY B 138 -18.29 18.71 -38.64
N ALA B 139 -17.04 18.37 -38.35
CA ALA B 139 -16.22 17.75 -39.38
C ALA B 139 -16.22 16.23 -39.29
N GLU B 140 -15.39 15.61 -40.14
CA GLU B 140 -15.39 14.18 -40.31
C GLU B 140 -13.96 13.67 -40.33
N VAL B 141 -13.71 12.60 -39.58
CA VAL B 141 -12.40 11.94 -39.61
C VAL B 141 -12.37 10.86 -40.70
N VAL B 142 -11.36 10.87 -41.55
CA VAL B 142 -11.07 9.73 -42.42
C VAL B 142 -9.85 9.01 -41.86
N GLU B 143 -9.92 7.68 -41.79
CA GLU B 143 -8.79 6.90 -41.29
C GLU B 143 -7.90 6.43 -42.44
N ILE B 144 -6.59 6.54 -42.25
CA ILE B 144 -5.63 5.98 -43.17
C ILE B 144 -5.22 4.60 -42.65
N ASP B 145 -5.71 3.55 -43.30
CA ASP B 145 -5.34 2.20 -42.91
C ASP B 145 -3.86 1.98 -43.16
N THR B 146 -3.16 1.48 -42.15
CA THR B 146 -1.71 1.32 -42.25
C THR B 146 -1.24 -0.11 -41.97
N ARG B 147 -2.15 -1.08 -42.03
CA ARG B 147 -1.81 -2.50 -41.87
C ARG B 147 -0.76 -2.96 -42.88
N SER B 148 -0.93 -2.54 -44.13
CA SER B 148 -0.01 -2.87 -45.23
C SER B 148 1.47 -2.62 -44.89
N ASN B 149 1.72 -1.76 -43.91
CA ASN B 149 3.10 -1.46 -43.51
C ASN B 149 3.32 -1.57 -42.01
N ASP B 150 2.64 -2.53 -41.37
CA ASP B 150 2.80 -2.79 -39.95
C ASP B 150 2.51 -1.58 -39.06
N PHE B 151 1.51 -0.80 -39.49
CA PHE B 151 1.02 0.37 -38.75
C PHE B 151 1.95 1.59 -38.82
N VAL B 152 2.92 1.53 -39.71
CA VAL B 152 3.77 2.67 -39.99
C VAL B 152 3.28 3.41 -41.23
N LEU B 153 2.88 4.65 -41.05
CA LEU B 153 2.46 5.50 -42.17
C LEU B 153 3.63 5.80 -43.12
N THR B 154 3.44 5.51 -44.40
CA THR B 154 4.41 5.88 -45.43
C THR B 154 3.92 7.13 -46.14
N PRO B 155 4.84 7.89 -46.76
CA PRO B 155 4.44 9.13 -47.45
C PRO B 155 3.52 8.87 -48.63
N GLU B 156 3.55 7.64 -49.14
CA GLU B 156 2.64 7.22 -50.22
C GLU B 156 1.19 7.15 -49.76
N MET B 157 0.94 6.42 -48.68
CA MET B 157 -0.42 6.29 -48.14
C MET B 157 -0.95 7.67 -47.83
N LEU B 158 -0.07 8.52 -47.30
CA LEU B 158 -0.45 9.86 -46.93
C LEU B 158 -0.86 10.67 -48.17
N GLU B 159 0.02 10.75 -49.16
CA GLU B 159 -0.27 11.55 -50.34
C GLU B 159 -1.53 11.06 -51.08
N GLU B 160 -1.66 9.74 -51.20
CA GLU B 160 -2.84 9.15 -51.79
C GLU B 160 -4.09 9.62 -51.04
N ALA B 161 -4.06 9.54 -49.71
CA ALA B 161 -5.20 9.93 -48.89
C ALA B 161 -5.56 11.41 -49.07
N ILE B 162 -4.53 12.25 -49.06
CA ILE B 162 -4.71 13.69 -49.23
C ILE B 162 -5.43 13.99 -50.54
N LEU B 163 -4.86 13.48 -51.64
CA LEU B 163 -5.46 13.68 -52.96
C LEU B 163 -6.91 13.18 -52.99
N LYS B 164 -7.13 11.98 -52.47
CA LYS B 164 -8.48 11.41 -52.42
C LYS B 164 -9.47 12.34 -51.72
N GLU B 165 -9.04 12.99 -50.64
CA GLU B 165 -9.96 13.90 -49.93
C GLU B 165 -10.15 15.25 -50.62
N GLY B 166 -9.16 15.69 -51.38
CA GLY B 166 -9.32 16.89 -52.18
C GLY B 166 -9.55 18.21 -51.45
N GLU B 167 -10.60 18.93 -51.82
CA GLU B 167 -10.86 20.28 -51.29
C GLU B 167 -11.31 20.30 -49.82
N ALA B 168 -12.04 19.27 -49.39
CA ALA B 168 -12.56 19.24 -48.02
C ALA B 168 -11.47 18.93 -46.99
N LEU B 169 -10.25 18.65 -47.45
CA LEU B 169 -9.14 18.33 -46.56
C LEU B 169 -8.66 19.55 -45.79
N LYS B 170 -8.84 19.52 -44.48
CA LYS B 170 -8.46 20.64 -43.62
C LYS B 170 -7.17 20.38 -42.83
N ALA B 171 -6.97 19.14 -42.41
CA ALA B 171 -5.83 18.81 -41.56
C ALA B 171 -5.52 17.33 -41.53
N VAL B 172 -4.31 17.00 -41.10
CA VAL B 172 -3.92 15.63 -40.81
C VAL B 172 -3.48 15.56 -39.36
N ILE B 173 -3.83 14.48 -38.67
CA ILE B 173 -3.43 14.28 -37.29
C ILE B 173 -2.38 13.19 -37.19
N LEU B 174 -1.15 13.58 -36.87
CA LEU B 174 -0.06 12.64 -36.68
C LEU B 174 0.17 12.48 -35.19
N ASN B 175 0.29 11.24 -34.74
CA ASN B 175 0.48 10.94 -33.33
C ASN B 175 1.63 9.98 -33.11
N TYR B 176 2.74 10.51 -32.61
CA TYR B 176 3.97 9.74 -32.58
C TYR B 176 4.85 10.17 -31.42
N PRO B 177 5.36 9.20 -30.64
CA PRO B 177 5.08 7.76 -30.72
C PRO B 177 3.57 7.43 -30.65
N THR B 178 3.15 6.39 -31.35
CA THR B 178 1.73 6.16 -31.53
C THR B 178 1.08 5.29 -30.45
N ASN B 179 -0.06 5.78 -29.94
CA ASN B 179 -1.00 4.99 -29.15
C ASN B 179 -2.03 4.44 -30.14
N PRO B 180 -2.24 3.11 -30.18
CA PRO B 180 -1.81 2.04 -29.27
C PRO B 180 -0.61 1.24 -29.76
N THR B 181 -0.11 1.55 -30.95
CA THR B 181 0.88 0.70 -31.58
C THR B 181 2.29 0.81 -31.00
N GLY B 182 2.63 1.99 -30.51
CA GLY B 182 3.98 2.21 -30.01
C GLY B 182 4.97 2.51 -31.13
N VAL B 183 4.43 2.81 -32.32
CA VAL B 183 5.21 3.16 -33.50
C VAL B 183 5.98 4.47 -33.34
N THR B 184 7.22 4.52 -33.82
CA THR B 184 7.96 5.77 -33.91
C THR B 184 8.38 6.05 -35.34
N TYR B 185 8.97 7.21 -35.57
CA TYR B 185 9.44 7.56 -36.89
C TYR B 185 10.84 8.15 -36.77
N SER B 186 11.76 7.69 -37.63
CA SER B 186 13.12 8.19 -37.63
C SER B 186 13.14 9.57 -38.27
N ARG B 187 14.29 10.23 -38.18
CA ARG B 187 14.46 11.56 -38.77
C ARG B 187 14.10 11.56 -40.26
N GLN B 188 14.61 10.57 -40.98
CA GLN B 188 14.30 10.42 -42.40
C GLN B 188 12.79 10.17 -42.65
N GLN B 189 12.18 9.25 -41.90
CA GLN B 189 10.74 9.01 -42.07
C GLN B 189 9.92 10.31 -41.92
N ILE B 190 10.29 11.13 -40.94
CA ILE B 190 9.60 12.40 -40.73
C ILE B 190 9.84 13.39 -41.88
N LYS B 191 11.11 13.56 -42.29
CA LYS B 191 11.44 14.34 -43.50
C LYS B 191 10.58 13.92 -44.69
N ASN B 192 10.47 12.61 -44.91
CA ASN B 192 9.65 12.09 -45.98
C ASN B 192 8.15 12.38 -45.82
N LEU B 193 7.66 12.48 -44.59
CA LEU B 193 6.26 12.88 -44.44
C LEU B 193 6.08 14.36 -44.78
N ALA B 194 7.02 15.18 -44.30
CA ALA B 194 6.96 16.62 -44.53
C ALA B 194 7.05 16.94 -46.01
N GLU B 195 7.87 16.18 -46.74
CA GLU B 195 8.03 16.29 -48.20
C GLU B 195 6.66 16.31 -48.89
N VAL B 196 5.80 15.37 -48.50
CA VAL B 196 4.44 15.35 -49.01
C VAL B 196 3.67 16.54 -48.49
N LEU B 197 3.62 16.65 -47.16
CA LEU B 197 2.69 17.57 -46.52
C LEU B 197 2.86 19.01 -46.97
N LYS B 198 4.07 19.39 -47.34
CA LYS B 198 4.35 20.80 -47.59
C LYS B 198 3.66 21.37 -48.83
N LYS B 199 3.27 20.51 -49.76
CA LYS B 199 2.59 21.01 -50.95
C LYS B 199 1.07 21.01 -50.87
N TYR B 200 0.54 21.20 -49.66
CA TYR B 200 -0.91 21.21 -49.45
C TYR B 200 -1.32 22.19 -48.34
N PRO B 201 -2.39 22.97 -48.59
CA PRO B 201 -2.81 24.01 -47.64
C PRO B 201 -3.61 23.36 -46.52
N ILE B 202 -2.89 22.59 -45.70
CA ILE B 202 -3.51 21.83 -44.62
C ILE B 202 -2.68 21.92 -43.32
N PHE B 203 -3.39 21.95 -42.20
CA PHE B 203 -2.78 21.98 -40.87
C PHE B 203 -2.28 20.58 -40.50
N VAL B 204 -1.15 20.51 -39.81
CA VAL B 204 -0.72 19.24 -39.26
C VAL B 204 -0.80 19.27 -37.75
N ILE B 205 -1.65 18.44 -37.17
CA ILE B 205 -1.73 18.33 -35.73
C ILE B 205 -0.75 17.26 -35.32
N SER B 206 0.39 17.69 -34.83
CA SER B 206 1.44 16.76 -34.43
C SER B 206 1.31 16.50 -32.93
N ASP B 207 0.72 15.36 -32.58
CA ASP B 207 0.50 14.99 -31.19
C ASP B 207 1.69 14.21 -30.68
N GLU B 208 2.56 14.90 -29.96
CA GLU B 208 3.83 14.31 -29.58
C GLU B 208 3.97 14.06 -28.09
N VAL B 209 2.85 13.81 -27.40
CA VAL B 209 2.85 13.67 -25.94
C VAL B 209 3.76 12.57 -25.41
N TYR B 210 3.98 11.54 -26.22
CA TYR B 210 4.81 10.41 -25.80
C TYR B 210 6.28 10.56 -26.17
N ALA B 211 6.68 11.72 -26.71
CA ALA B 211 8.06 11.90 -27.22
C ALA B 211 9.18 11.50 -26.29
N GLU B 212 9.07 11.80 -25.00
CA GLU B 212 10.16 11.47 -24.08
C GLU B 212 10.36 9.97 -24.00
N LEU B 213 9.33 9.22 -24.37
CA LEU B 213 9.39 7.78 -24.31
C LEU B 213 9.70 7.24 -25.71
N THR B 214 10.97 7.37 -26.07
CA THR B 214 11.47 6.88 -27.34
C THR B 214 12.66 5.97 -27.06
N TYR B 215 12.65 4.78 -27.65
CA TYR B 215 13.64 3.78 -27.30
C TYR B 215 14.62 3.55 -28.43
N THR B 216 14.46 4.38 -29.47
CA THR B 216 15.29 4.32 -30.65
C THR B 216 16.80 4.28 -30.36
N GLY B 217 17.27 5.17 -29.49
CA GLY B 217 18.70 5.35 -29.33
C GLY B 217 19.14 6.62 -30.02
N GLU B 218 18.43 6.96 -31.09
CA GLU B 218 18.40 8.34 -31.57
C GLU B 218 17.10 8.96 -31.06
N SER B 219 17.22 10.13 -30.43
CA SER B 219 16.07 10.79 -29.80
C SER B 219 14.91 11.13 -30.74
N HIS B 220 13.77 11.47 -30.14
CA HIS B 220 12.54 11.79 -30.86
C HIS B 220 12.72 12.95 -31.82
N VAL B 221 12.05 12.90 -32.96
CA VAL B 221 12.14 13.99 -33.93
C VAL B 221 10.75 14.51 -34.28
N SER B 222 10.57 15.83 -34.20
CA SER B 222 9.28 16.44 -34.51
C SER B 222 9.19 16.94 -35.94
N ILE B 223 8.05 16.70 -36.58
CA ILE B 223 7.80 17.19 -37.92
C ILE B 223 7.86 18.72 -38.00
N ALA B 224 7.79 19.38 -36.85
CA ALA B 224 7.92 20.84 -36.83
C ALA B 224 9.32 21.25 -37.25
N GLU B 225 10.30 20.37 -37.03
CA GLU B 225 11.64 20.63 -37.48
C GLU B 225 11.68 20.80 -39.00
N TYR B 226 10.76 20.15 -39.71
CA TYR B 226 10.77 20.17 -41.17
C TYR B 226 9.52 20.82 -41.77
N LEU B 227 8.49 20.97 -40.94
CA LEU B 227 7.24 21.58 -41.39
C LEU B 227 6.74 22.71 -40.47
N PRO B 228 7.64 23.64 -40.08
CA PRO B 228 7.27 24.60 -39.04
C PRO B 228 6.02 25.42 -39.34
N ASP B 229 5.81 25.75 -40.61
CA ASP B 229 4.75 26.69 -40.98
C ASP B 229 3.36 26.05 -40.93
N GLN B 230 3.30 24.73 -41.03
CA GLN B 230 2.01 24.04 -41.08
C GLN B 230 1.66 23.27 -39.80
N THR B 231 2.62 23.17 -38.89
CA THR B 231 2.50 22.27 -37.75
C THR B 231 2.02 22.95 -36.47
N ILE B 232 0.87 22.52 -35.98
CA ILE B 232 0.48 22.76 -34.60
C ILE B 232 0.97 21.58 -33.75
N LEU B 233 1.94 21.86 -32.89
CA LEU B 233 2.58 20.85 -32.06
C LEU B 233 1.90 20.74 -30.68
N ILE B 234 1.23 19.62 -30.45
CA ILE B 234 0.58 19.37 -29.17
C ILE B 234 1.47 18.47 -28.31
N SER B 235 1.80 18.93 -27.11
CA SER B 235 2.63 18.17 -26.21
C SER B 235 2.07 18.23 -24.79
N GLY B 236 2.77 17.58 -23.86
CA GLY B 236 2.42 17.59 -22.46
C GLY B 236 3.51 16.84 -21.71
N LEU B 237 3.30 16.61 -20.41
CA LEU B 237 4.36 16.09 -19.55
C LEU B 237 3.91 14.90 -18.71
N SER B 238 2.61 14.66 -18.64
CA SER B 238 2.09 13.65 -17.71
C SER B 238 2.45 12.21 -18.07
N LYS B 239 2.81 11.97 -19.33
CA LYS B 239 3.18 10.61 -19.74
C LYS B 239 4.52 10.19 -19.13
N SER B 240 5.32 11.20 -18.77
CA SER B 240 6.69 11.01 -18.36
C SER B 240 7.01 11.63 -16.98
N HIS B 241 6.07 12.39 -16.43
CA HIS B 241 6.34 13.11 -15.18
C HIS B 241 5.16 13.07 -14.21
N ALA B 242 5.45 12.94 -12.92
CA ALA B 242 4.44 13.10 -11.88
C ALA B 242 3.95 14.55 -11.88
N MET B 243 2.66 14.76 -12.11
CA MET B 243 2.12 16.12 -12.26
C MET B 243 1.17 16.48 -11.12
N THR B 244 0.92 15.51 -10.24
CA THR B 244 0.10 15.75 -9.06
C THR B 244 -1.36 15.99 -9.49
N GLY B 245 -1.67 15.55 -10.71
CA GLY B 245 -3.03 15.61 -11.22
C GLY B 245 -3.20 16.66 -12.31
N TRP B 246 -2.32 17.66 -12.32
CA TRP B 246 -2.45 18.76 -13.27
C TRP B 246 -1.66 18.51 -14.54
N ARG B 247 -2.23 17.71 -15.42
CA ARG B 247 -1.55 17.27 -16.63
C ARG B 247 -1.73 18.30 -17.72
N LEU B 248 -1.09 19.45 -17.54
CA LEU B 248 -1.19 20.55 -18.48
C LEU B 248 -0.79 20.15 -19.90
N GLY B 249 -1.48 20.71 -20.88
CA GLY B 249 -1.10 20.52 -22.27
C GLY B 249 -0.36 21.74 -22.78
N LEU B 250 0.44 21.54 -23.81
CA LEU B 250 1.20 22.62 -24.44
C LEU B 250 0.96 22.64 -25.95
N ILE B 251 0.80 23.82 -26.49
CA ILE B 251 0.64 23.97 -27.93
C ILE B 251 1.73 24.91 -28.43
N PHE B 252 2.40 24.51 -29.50
CA PHE B 252 3.45 25.31 -30.11
C PHE B 252 3.10 25.50 -31.59
N ALA B 253 3.09 26.74 -32.07
CA ALA B 253 2.75 27.00 -33.45
C ALA B 253 3.25 28.36 -33.87
N PRO B 254 3.47 28.56 -35.16
CA PRO B 254 3.97 29.89 -35.55
C PRO B 254 3.05 30.98 -35.08
N ALA B 255 3.65 32.13 -34.78
CA ALA B 255 2.92 33.28 -34.25
C ALA B 255 1.67 33.59 -35.05
N VAL B 256 1.78 33.47 -36.37
CA VAL B 256 0.65 33.76 -37.24
C VAL B 256 -0.52 32.79 -37.01
N LEU B 257 -0.22 31.55 -36.62
CA LEU B 257 -1.26 30.57 -36.32
C LEU B 257 -1.78 30.68 -34.89
N THR B 258 -0.87 30.88 -33.94
CA THR B 258 -1.27 30.97 -32.56
C THR B 258 -2.15 32.20 -32.38
N ALA B 259 -1.91 33.23 -33.19
CA ALA B 259 -2.78 34.41 -33.14
C ALA B 259 -4.27 34.06 -33.37
N GLN B 260 -4.52 32.96 -34.07
CA GLN B 260 -5.87 32.50 -34.31
C GLN B 260 -6.28 31.46 -33.27
N LEU B 261 -5.35 30.59 -32.93
CA LEU B 261 -5.63 29.55 -31.92
C LEU B 261 -6.01 30.17 -30.58
N ILE B 262 -5.44 31.32 -30.27
CA ILE B 262 -5.63 32.00 -28.99
C ILE B 262 -7.06 32.52 -28.86
N LYS B 263 -7.75 32.65 -29.98
CA LYS B 263 -9.14 33.11 -29.99
C LYS B 263 -10.12 32.03 -29.52
N SER B 264 -9.62 30.84 -29.24
CA SER B 264 -10.48 29.77 -28.76
C SER B 264 -10.42 29.65 -27.22
N HIS B 265 -10.77 30.74 -26.53
CA HIS B 265 -10.63 30.91 -25.06
C HIS B 265 -10.94 29.68 -24.22
N GLN B 266 -12.18 29.21 -24.31
CA GLN B 266 -12.72 28.20 -23.39
C GLN B 266 -11.81 27.01 -23.11
N TYR B 267 -10.89 26.76 -24.04
CA TYR B 267 -9.99 25.61 -23.95
C TYR B 267 -8.54 25.99 -23.62
N LEU B 268 -8.28 27.28 -23.38
CA LEU B 268 -6.92 27.77 -23.18
C LEU B 268 -6.69 28.42 -21.80
N VAL B 269 -5.58 28.05 -21.17
CA VAL B 269 -5.22 28.63 -19.88
C VAL B 269 -4.50 29.98 -20.04
N THR B 270 -5.17 31.05 -19.62
CA THR B 270 -4.60 32.40 -19.67
C THR B 270 -3.98 32.74 -18.33
N ALA B 271 -4.46 32.08 -17.29
CA ALA B 271 -3.94 32.27 -15.95
C ALA B 271 -4.23 31.03 -15.11
N ALA B 272 -3.28 30.70 -14.22
CA ALA B 272 -3.48 29.62 -13.26
C ALA B 272 -2.57 29.85 -12.05
N THR B 273 -2.94 29.27 -10.92
CA THR B 273 -2.18 29.50 -9.71
C THR B 273 -0.87 28.75 -9.75
N THR B 274 0.00 29.10 -8.82
CA THR B 274 1.24 28.38 -8.65
C THR B 274 0.91 26.89 -8.49
N SER B 275 -0.18 26.61 -7.77
CA SER B 275 -0.65 25.25 -7.53
C SER B 275 -0.88 24.49 -8.85
N VAL B 276 -1.43 25.18 -9.83
CA VAL B 276 -1.74 24.55 -11.11
C VAL B 276 -0.50 24.34 -11.97
N GLN B 277 0.39 25.32 -12.01
CA GLN B 277 1.50 25.30 -12.95
C GLN B 277 2.75 24.61 -12.45
N PHE B 278 2.83 24.42 -11.13
CA PHE B 278 4.10 24.15 -10.48
C PHE B 278 4.74 22.85 -10.93
N ALA B 279 3.95 21.79 -10.99
CA ALA B 279 4.47 20.49 -11.39
C ALA B 279 4.98 20.51 -12.83
N ALA B 280 4.34 21.33 -13.65
CA ALA B 280 4.72 21.50 -15.05
C ALA B 280 6.03 22.24 -15.21
N ILE B 281 6.18 23.33 -14.46
CA ILE B 281 7.42 24.09 -14.48
C ILE B 281 8.57 23.24 -13.97
N GLU B 282 8.30 22.52 -12.90
CA GLU B 282 9.27 21.62 -12.29
C GLU B 282 9.70 20.57 -13.29
N ALA B 283 8.72 19.94 -13.94
CA ALA B 283 9.00 18.87 -14.88
C ALA B 283 9.78 19.37 -16.09
N LEU B 284 9.58 20.64 -16.46
CA LEU B 284 10.25 21.21 -17.62
C LEU B 284 11.67 21.69 -17.31
N THR B 285 11.93 21.91 -16.03
CA THR B 285 13.21 22.45 -15.60
C THR B 285 14.00 21.42 -14.80
N ASN B 286 13.73 21.32 -13.50
CA ASN B 286 14.45 20.36 -12.65
C ASN B 286 14.15 18.91 -13.01
N GLY B 287 13.01 18.68 -13.65
CA GLY B 287 12.61 17.32 -14.03
C GLY B 287 13.02 16.93 -15.43
N LYS B 288 13.81 17.81 -16.04
CA LYS B 288 14.28 17.71 -17.42
C LYS B 288 14.63 16.30 -17.91
N ASP B 289 15.28 15.51 -17.06
CA ASP B 289 15.82 14.22 -17.50
C ASP B 289 15.40 13.05 -16.62
N ASP B 290 14.26 13.17 -15.96
CA ASP B 290 13.78 12.07 -15.14
C ASP B 290 13.30 10.90 -16.00
N ALA B 291 13.14 11.14 -17.29
CA ALA B 291 12.68 10.09 -18.20
C ALA B 291 13.73 9.02 -18.55
N LEU B 292 15.00 9.26 -18.23
CA LEU B 292 16.04 8.27 -18.53
C LEU B 292 15.94 6.93 -17.75
N PRO B 293 15.87 6.98 -16.39
CA PRO B 293 15.80 5.71 -15.66
C PRO B 293 14.49 4.98 -15.91
N MET B 294 13.43 5.79 -15.99
CA MET B 294 12.12 5.36 -16.43
C MET B 294 12.24 4.64 -17.77
N LYS B 295 13.13 5.14 -18.63
CA LYS B 295 13.34 4.54 -19.96
C LYS B 295 13.97 3.17 -19.84
N GLU B 296 14.99 3.06 -18.99
CA GLU B 296 15.62 1.77 -18.72
C GLU B 296 14.60 0.73 -18.25
N GLU B 297 13.86 1.08 -17.20
CA GLU B 297 12.82 0.21 -16.65
C GLU B 297 11.77 -0.21 -17.67
N TYR B 298 11.31 0.75 -18.46
CA TYR B 298 10.33 0.49 -19.51
C TYR B 298 10.85 -0.49 -20.54
N ILE B 299 12.03 -0.22 -21.08
CA ILE B 299 12.67 -1.14 -22.01
C ILE B 299 12.68 -2.56 -21.44
N LYS B 300 13.09 -2.70 -20.19
CA LYS B 300 13.02 -4.01 -19.52
C LYS B 300 11.62 -4.64 -19.66
N ARG B 301 10.61 -3.92 -19.18
CA ARG B 301 9.24 -4.46 -19.21
C ARG B 301 8.79 -4.85 -20.63
N ARG B 302 9.02 -3.95 -21.58
CA ARG B 302 8.64 -4.14 -22.98
C ARG B 302 9.28 -5.42 -23.52
N ASP B 303 10.54 -5.65 -23.14
CA ASP B 303 11.27 -6.82 -23.62
C ASP B 303 10.76 -8.12 -22.99
N TYR B 304 10.48 -8.09 -21.69
CA TYR B 304 9.92 -9.25 -21.02
C TYR B 304 8.58 -9.64 -21.64
N ILE B 305 7.75 -8.63 -21.89
CA ILE B 305 6.44 -8.92 -22.46
C ILE B 305 6.55 -9.46 -23.88
N ILE B 306 7.36 -8.82 -24.72
CA ILE B 306 7.59 -9.30 -26.08
C ILE B 306 8.04 -10.77 -26.08
N GLU B 307 8.97 -11.08 -25.18
CA GLU B 307 9.42 -12.45 -24.94
C GLU B 307 8.26 -13.41 -24.61
N LYS B 308 7.52 -13.12 -23.54
CA LYS B 308 6.47 -14.03 -23.08
C LYS B 308 5.26 -14.13 -24.02
N MET B 309 5.07 -13.14 -24.88
CA MET B 309 3.94 -13.11 -25.79
C MET B 309 4.28 -13.71 -27.17
N GLU B 310 5.55 -13.63 -27.55
CA GLU B 310 5.98 -14.27 -28.78
C GLU B 310 6.19 -15.75 -28.51
N ALA B 311 6.53 -16.06 -27.27
CA ALA B 311 6.71 -17.45 -26.85
C ALA B 311 5.39 -18.21 -26.86
N MET B 312 4.28 -17.48 -26.82
CA MET B 312 2.97 -18.11 -26.93
C MET B 312 2.23 -17.64 -28.17
N LYS B 313 3.01 -17.23 -29.18
CA LYS B 313 2.49 -17.04 -30.54
C LYS B 313 1.48 -15.91 -30.73
N PHE B 314 1.91 -14.68 -30.41
CA PHE B 314 1.13 -13.49 -30.73
C PHE B 314 1.88 -12.68 -31.77
N LYS B 315 1.15 -11.89 -32.56
CA LYS B 315 1.85 -11.04 -33.52
C LYS B 315 2.11 -9.66 -32.92
N ILE B 316 3.36 -9.40 -32.53
CA ILE B 316 3.69 -8.17 -31.80
C ILE B 316 4.22 -7.06 -32.69
N ILE B 317 3.54 -5.91 -32.68
CA ILE B 317 4.06 -4.75 -33.40
C ILE B 317 5.20 -4.12 -32.60
N LYS B 318 6.44 -4.23 -33.13
CA LYS B 318 7.63 -3.76 -32.42
C LYS B 318 7.51 -2.31 -32.00
N PRO B 319 7.28 -2.06 -30.70
CA PRO B 319 7.08 -0.68 -30.24
C PRO B 319 8.42 -0.01 -29.87
N ASP B 320 8.72 1.09 -30.53
CA ASP B 320 9.92 1.88 -30.24
C ASP B 320 9.61 3.09 -29.36
N GLY B 321 8.32 3.27 -29.07
CA GLY B 321 7.83 4.39 -28.29
C GLY B 321 6.77 3.91 -27.33
N ALA B 322 6.83 4.40 -26.09
CA ALA B 322 6.14 3.75 -24.99
C ALA B 322 4.69 4.15 -25.00
N PHE B 323 3.85 3.49 -24.19
CA PHE B 323 4.17 2.26 -23.44
C PHE B 323 3.13 1.17 -23.74
N TYR B 324 3.01 0.86 -25.02
CA TYR B 324 1.96 -0.03 -25.44
C TYR B 324 2.53 -1.20 -26.24
N ILE B 325 1.94 -2.37 -26.00
CA ILE B 325 2.16 -3.54 -26.83
C ILE B 325 0.86 -3.76 -27.57
N PHE B 326 0.92 -3.73 -28.89
CA PHE B 326 -0.22 -4.05 -29.73
C PHE B 326 0.07 -5.46 -30.26
N ALA B 327 -0.76 -6.41 -29.86
CA ALA B 327 -0.48 -7.80 -30.17
C ALA B 327 -1.68 -8.54 -30.77
N LYS B 328 -1.49 -9.04 -31.98
CA LYS B 328 -2.52 -9.76 -32.70
C LYS B 328 -2.73 -11.17 -32.13
N ILE B 329 -3.99 -11.44 -31.78
CA ILE B 329 -4.40 -12.71 -31.17
C ILE B 329 -4.41 -13.84 -32.19
N PRO B 330 -3.73 -14.96 -31.86
CA PRO B 330 -3.51 -16.08 -32.78
C PRO B 330 -4.79 -16.82 -33.19
N VAL B 331 -5.77 -16.91 -32.29
CA VAL B 331 -6.99 -17.66 -32.56
C VAL B 331 -8.12 -16.80 -33.13
N ALA B 332 -8.99 -17.44 -33.92
CA ALA B 332 -10.11 -16.74 -34.56
C ALA B 332 -11.06 -16.12 -33.54
N GLN B 333 -11.03 -16.64 -32.32
CA GLN B 333 -11.78 -16.05 -31.21
C GLN B 333 -11.31 -14.61 -31.03
N GLY B 334 -10.00 -14.40 -31.22
CA GLY B 334 -9.41 -13.07 -31.14
C GLY B 334 -10.02 -12.07 -32.10
N GLN B 335 -10.66 -12.58 -33.15
CA GLN B 335 -11.32 -11.71 -34.12
C GLN B 335 -12.59 -11.07 -33.55
N ASP B 336 -12.89 -11.39 -32.31
CA ASP B 336 -13.84 -10.60 -31.51
C ASP B 336 -13.15 -10.21 -30.22
N SER B 337 -12.01 -9.51 -30.38
CA SER B 337 -11.11 -9.13 -29.29
C SER B 337 -11.79 -8.72 -27.99
N PHE B 338 -12.81 -7.87 -28.09
CA PHE B 338 -13.61 -7.46 -26.94
C PHE B 338 -13.97 -8.69 -26.11
N LYS B 339 -14.86 -9.52 -26.66
CA LYS B 339 -15.29 -10.75 -26.01
C LYS B 339 -14.08 -11.53 -25.52
N PHE B 340 -13.06 -11.63 -26.37
CA PHE B 340 -11.86 -12.38 -26.04
C PHE B 340 -11.39 -11.93 -24.66
N LEU B 341 -11.04 -10.66 -24.57
CA LEU B 341 -10.48 -10.11 -23.34
C LEU B 341 -11.45 -10.26 -22.16
N GLN B 342 -12.74 -10.13 -22.45
CA GLN B 342 -13.75 -10.24 -21.40
C GLN B 342 -13.61 -11.60 -20.76
N ASP B 343 -13.57 -12.64 -21.61
CA ASP B 343 -13.42 -14.00 -21.13
C ASP B 343 -12.11 -14.13 -20.36
N PHE B 344 -11.06 -13.53 -20.90
CA PHE B 344 -9.76 -13.54 -20.25
C PHE B 344 -9.91 -12.92 -18.87
N ALA B 345 -10.58 -11.76 -18.82
CA ALA B 345 -10.81 -11.07 -17.56
C ALA B 345 -11.58 -11.97 -16.61
N LYS B 346 -12.55 -12.70 -17.16
CA LYS B 346 -13.40 -13.54 -16.34
C LYS B 346 -12.71 -14.84 -15.90
N GLU B 347 -11.56 -15.15 -16.48
CA GLU B 347 -10.90 -16.41 -16.13
C GLU B 347 -9.64 -16.24 -15.28
N LYS B 348 -8.87 -15.21 -15.57
CA LYS B 348 -7.62 -14.99 -14.85
C LYS B 348 -7.62 -13.68 -14.05
N ALA B 349 -8.69 -12.91 -14.20
CA ALA B 349 -8.81 -11.61 -13.53
C ALA B 349 -7.69 -10.65 -13.91
N VAL B 350 -7.50 -10.44 -15.23
CA VAL B 350 -6.58 -9.43 -15.73
C VAL B 350 -7.15 -8.74 -16.97
N ALA B 351 -7.11 -7.41 -16.98
CA ALA B 351 -7.67 -6.63 -18.07
C ALA B 351 -6.62 -6.07 -19.04
N PHE B 352 -6.92 -6.17 -20.33
CA PHE B 352 -6.18 -5.49 -21.38
C PHE B 352 -7.22 -4.64 -22.10
N ILE B 353 -6.83 -3.93 -23.15
CA ILE B 353 -7.81 -3.17 -23.93
C ILE B 353 -8.01 -3.78 -25.33
N PRO B 354 -9.27 -4.07 -25.69
CA PRO B 354 -9.67 -4.58 -27.00
C PRO B 354 -9.23 -3.67 -28.12
N GLY B 355 -8.66 -4.23 -29.18
CA GLY B 355 -8.19 -3.47 -30.32
C GLY B 355 -9.26 -2.65 -31.01
N VAL B 356 -10.51 -3.13 -30.95
CA VAL B 356 -11.65 -2.42 -31.52
C VAL B 356 -11.77 -1.03 -30.93
N ALA B 357 -11.28 -0.86 -29.71
CA ALA B 357 -11.35 0.43 -29.02
C ALA B 357 -10.63 1.52 -29.81
N PHE B 358 -9.71 1.11 -30.68
CA PHE B 358 -8.97 2.04 -31.51
C PHE B 358 -9.45 1.93 -32.96
N GLY B 359 -10.76 1.91 -33.13
CA GLY B 359 -11.38 1.88 -34.44
C GLY B 359 -11.34 0.52 -35.12
N LYS B 360 -11.93 0.46 -36.32
CA LYS B 360 -12.09 -0.80 -37.07
C LYS B 360 -10.79 -1.56 -37.28
N TYR B 361 -9.75 -0.88 -37.75
CA TYR B 361 -8.50 -1.53 -38.12
C TYR B 361 -7.73 -2.11 -36.93
N GLY B 362 -8.32 -2.07 -35.75
CA GLY B 362 -7.68 -2.62 -34.57
C GLY B 362 -8.22 -3.97 -34.17
N GLU B 363 -9.24 -4.44 -34.89
CA GLU B 363 -9.83 -5.75 -34.61
C GLU B 363 -8.81 -6.88 -34.70
N GLY B 364 -8.84 -7.77 -33.72
CA GLY B 364 -7.96 -8.94 -33.74
C GLY B 364 -6.72 -8.77 -32.88
N TYR B 365 -6.49 -7.54 -32.43
CA TYR B 365 -5.34 -7.23 -31.59
C TYR B 365 -5.81 -6.87 -30.19
N LEU B 366 -4.88 -6.93 -29.23
CA LEU B 366 -5.10 -6.28 -27.95
C LEU B 366 -4.00 -5.26 -27.64
N ARG B 367 -4.30 -4.34 -26.73
CA ARG B 367 -3.30 -3.41 -26.23
C ARG B 367 -2.98 -3.68 -24.77
N ILE B 368 -1.76 -4.15 -24.51
CA ILE B 368 -1.26 -4.26 -23.16
C ILE B 368 -0.56 -2.96 -22.83
N SER B 369 -0.81 -2.43 -21.65
CA SER B 369 -0.13 -1.24 -21.19
C SER B 369 0.89 -1.63 -20.14
N TYR B 370 2.17 -1.45 -20.45
CA TYR B 370 3.21 -1.79 -19.47
C TYR B 370 3.70 -0.61 -18.62
N ALA B 371 2.79 0.31 -18.32
CA ALA B 371 3.04 1.35 -17.33
C ALA B 371 3.04 0.74 -15.93
N ALA B 372 2.42 -0.44 -15.80
CA ALA B 372 2.25 -1.10 -14.51
C ALA B 372 3.55 -1.71 -13.97
N SER B 373 3.49 -2.20 -12.74
CA SER B 373 4.67 -2.80 -12.10
C SER B 373 5.12 -4.09 -12.79
N MET B 374 6.40 -4.41 -12.61
CA MET B 374 6.95 -5.63 -13.19
C MET B 374 6.26 -6.87 -12.62
N GLU B 375 5.87 -6.80 -11.36
CA GLU B 375 5.17 -7.89 -10.69
C GLU B 375 3.84 -8.21 -11.39
N THR B 376 3.04 -7.16 -11.58
CA THR B 376 1.76 -7.26 -12.26
C THR B 376 1.94 -7.81 -13.68
N ILE B 377 3.05 -7.47 -14.30
CA ILE B 377 3.33 -7.91 -15.67
C ILE B 377 3.65 -9.40 -15.75
N LYS B 378 4.65 -9.84 -14.99
CA LYS B 378 5.02 -11.26 -14.94
C LYS B 378 3.80 -12.10 -14.57
N GLU B 379 3.02 -11.61 -13.60
CA GLU B 379 1.81 -12.29 -13.21
C GLU B 379 0.82 -12.39 -14.36
N ALA B 380 0.55 -11.26 -15.02
CA ALA B 380 -0.40 -11.20 -16.13
C ALA B 380 -0.04 -12.19 -17.23
N MET B 381 1.24 -12.27 -17.55
CA MET B 381 1.73 -13.26 -18.49
C MET B 381 1.47 -14.68 -17.97
N LYS B 382 1.89 -14.95 -16.73
CA LYS B 382 1.69 -16.24 -16.07
C LYS B 382 0.22 -16.69 -16.05
N ARG B 383 -0.69 -15.75 -16.21
CA ARG B 383 -2.12 -16.06 -16.30
C ARG B 383 -2.57 -16.21 -17.75
N LEU B 384 -1.93 -15.47 -18.65
CA LEU B 384 -2.27 -15.54 -20.06
C LEU B 384 -1.86 -16.89 -20.66
N LYS B 385 -0.74 -17.44 -20.19
CA LYS B 385 -0.33 -18.79 -20.60
C LYS B 385 -1.46 -19.77 -20.29
N GLU B 386 -2.03 -19.61 -19.10
CA GLU B 386 -3.07 -20.49 -18.60
C GLU B 386 -4.42 -20.23 -19.25
N PHE B 387 -4.57 -19.08 -19.89
CA PHE B 387 -5.82 -18.81 -20.61
C PHE B 387 -5.86 -19.48 -21.99
N MET B 388 -4.69 -19.68 -22.59
CA MET B 388 -4.60 -20.22 -23.95
C MET B 388 -4.85 -21.74 -24.03
N GLU B 389 -6.09 -22.15 -23.75
CA GLU B 389 -6.47 -23.55 -23.83
C GLU B 389 -7.84 -23.72 -24.47
N MET C 3 -15.43 -31.28 17.41
CA MET C 3 -15.07 -31.66 16.05
C MET C 3 -15.50 -30.64 14.98
N ASP C 4 -15.76 -29.41 15.42
CA ASP C 4 -16.07 -28.34 14.50
C ASP C 4 -14.80 -27.55 14.21
N LEU C 5 -14.22 -26.94 15.24
CA LEU C 5 -12.96 -26.22 15.03
C LEU C 5 -11.81 -27.15 14.72
N SER C 6 -11.94 -28.42 15.11
CA SER C 6 -10.87 -29.40 14.91
C SER C 6 -10.67 -29.73 13.43
N LYS C 7 -11.56 -29.24 12.58
CA LYS C 7 -11.38 -29.35 11.14
C LYS C 7 -11.05 -27.99 10.52
N ARG C 8 -10.65 -27.03 11.35
CA ARG C 8 -10.27 -25.70 10.85
C ARG C 8 -8.76 -25.37 11.06
N PHE C 9 -7.97 -26.37 11.45
CA PHE C 9 -6.52 -26.20 11.57
C PHE C 9 -5.88 -26.11 10.19
N ASN C 10 -4.55 -25.96 10.16
CA ASN C 10 -3.82 -26.00 8.89
C ASN C 10 -3.96 -27.39 8.26
N LYS C 11 -4.21 -27.41 6.95
CA LYS C 11 -4.43 -28.66 6.20
C LYS C 11 -3.22 -29.59 6.26
N ASN C 12 -2.03 -29.01 6.36
CA ASN C 12 -0.82 -29.82 6.32
C ASN C 12 -0.69 -30.79 7.50
N LEU C 13 -1.41 -30.53 8.58
CA LEU C 13 -1.42 -31.43 9.73
C LEU C 13 -2.01 -32.79 9.36
N ASN C 14 -2.76 -32.83 8.26
CA ASN C 14 -3.30 -34.09 7.75
C ASN C 14 -2.26 -34.87 6.95
N LYS C 15 -1.06 -34.29 6.81
CA LYS C 15 0.06 -34.98 6.19
C LYS C 15 0.95 -35.55 7.29
N ILE C 16 0.80 -35.02 8.49
CA ILE C 16 1.60 -35.42 9.64
C ILE C 16 1.14 -36.73 10.26
N GLU C 17 1.92 -37.79 10.03
CA GLU C 17 1.64 -39.10 10.64
C GLU C 17 2.21 -39.20 12.05
N VAL C 18 1.92 -40.29 12.75
CA VAL C 18 2.41 -40.47 14.10
C VAL C 18 3.88 -40.91 14.08
N SER C 19 4.70 -40.28 14.92
CA SER C 19 6.14 -40.55 14.93
C SER C 19 6.46 -42.02 15.16
N MET C 20 7.26 -42.59 14.28
CA MET C 20 7.60 -44.01 14.32
C MET C 20 8.35 -44.37 15.62
N ILE C 21 9.30 -43.51 16.00
CA ILE C 21 10.08 -43.72 17.22
C ILE C 21 9.23 -43.64 18.48
N ARG C 22 8.46 -42.56 18.62
CA ARG C 22 7.57 -42.38 19.77
C ARG C 22 6.63 -43.57 19.90
N GLN C 23 6.13 -44.02 18.76
CA GLN C 23 5.29 -45.21 18.69
C GLN C 23 6.01 -46.43 19.26
N PHE C 24 7.24 -46.64 18.78
CA PHE C 24 8.02 -47.79 19.23
C PHE C 24 8.27 -47.76 20.74
N ASP C 25 8.62 -46.58 21.25
CA ASP C 25 8.88 -46.43 22.67
C ASP C 25 7.65 -46.67 23.52
N GLN C 26 6.52 -46.12 23.11
CA GLN C 26 5.30 -46.33 23.88
C GLN C 26 4.86 -47.79 23.82
N SER C 27 5.23 -48.48 22.75
CA SER C 27 4.93 -49.91 22.67
C SER C 27 5.78 -50.78 23.62
N ILE C 28 6.95 -50.29 24.02
CA ILE C 28 7.79 -51.03 24.97
C ILE C 28 7.99 -50.34 26.32
N SER C 29 7.08 -49.41 26.66
CA SER C 29 7.22 -48.58 27.86
C SER C 29 6.89 -49.33 29.15
N ASP C 30 6.01 -50.32 29.03
CA ASP C 30 5.55 -51.06 30.19
C ASP C 30 6.39 -52.31 30.42
N ILE C 31 7.59 -52.33 29.83
CA ILE C 31 8.52 -53.41 30.06
C ILE C 31 9.58 -52.94 31.04
N PRO C 32 9.58 -53.50 32.26
CA PRO C 32 10.42 -52.96 33.33
C PRO C 32 11.93 -53.09 33.12
N ASP C 33 12.65 -51.98 33.32
CA ASP C 33 14.11 -51.96 33.32
C ASP C 33 14.78 -52.27 31.98
N VAL C 34 14.15 -51.83 30.90
CA VAL C 34 14.73 -51.93 29.58
C VAL C 34 16.05 -51.18 29.52
N LEU C 35 17.10 -51.85 29.03
CA LEU C 35 18.36 -51.17 28.72
C LEU C 35 18.20 -50.37 27.44
N LYS C 36 18.53 -49.09 27.49
CA LYS C 36 18.31 -48.20 26.35
C LYS C 36 19.59 -47.84 25.61
N LEU C 37 19.66 -48.23 24.33
CA LEU C 37 20.70 -47.78 23.40
C LEU C 37 20.04 -47.04 22.23
N THR C 38 19.22 -46.06 22.56
CA THR C 38 18.34 -45.45 21.58
C THR C 38 18.47 -43.94 21.52
N LEU C 39 19.28 -43.37 22.41
CA LEU C 39 19.28 -41.91 22.51
C LEU C 39 20.05 -41.16 21.42
N GLY C 40 19.54 -40.00 21.05
CA GLY C 40 20.20 -39.11 20.09
C GLY C 40 20.94 -37.97 20.76
N GLU C 41 20.86 -37.92 22.09
CA GLU C 41 21.63 -36.97 22.88
C GLU C 41 22.32 -37.74 23.98
N PRO C 42 23.63 -37.59 24.13
CA PRO C 42 24.14 -38.38 25.26
C PRO C 42 23.74 -37.81 26.63
N ASP C 43 23.71 -38.68 27.63
CA ASP C 43 23.40 -38.30 28.99
C ASP C 43 24.70 -37.96 29.70
N PHE C 44 25.13 -36.71 29.57
CA PHE C 44 26.40 -36.26 30.13
C PHE C 44 26.35 -36.13 31.64
N ALA C 45 27.41 -36.56 32.31
CA ALA C 45 27.61 -36.19 33.71
C ALA C 45 28.18 -34.78 33.74
N THR C 46 27.33 -33.79 33.95
CA THR C 46 27.75 -32.39 33.93
C THR C 46 28.84 -32.17 34.95
N PRO C 47 29.96 -31.57 34.52
CA PRO C 47 31.04 -31.36 35.50
C PRO C 47 30.64 -30.38 36.61
N LYS C 48 31.24 -30.60 37.78
CA LYS C 48 30.97 -29.79 38.97
C LYS C 48 31.06 -28.30 38.69
N HIS C 49 32.12 -27.89 38.01
CA HIS C 49 32.34 -26.48 37.72
C HIS C 49 31.23 -25.90 36.83
N ILE C 50 30.66 -26.72 35.95
CA ILE C 50 29.60 -26.27 35.06
C ILE C 50 28.27 -26.16 35.82
N LYS C 51 27.97 -27.14 36.66
CA LYS C 51 26.80 -27.09 37.53
C LYS C 51 26.82 -25.86 38.43
N GLU C 52 27.96 -25.62 39.07
CA GLU C 52 28.12 -24.45 39.93
C GLU C 52 27.97 -23.17 39.13
N ALA C 53 28.60 -23.10 37.96
CA ALA C 53 28.40 -21.96 37.09
C ALA C 53 26.92 -21.71 36.76
N ALA C 54 26.20 -22.77 36.42
CA ALA C 54 24.78 -22.70 36.10
C ALA C 54 23.97 -22.16 37.28
N LYS C 55 24.35 -22.58 38.47
CA LYS C 55 23.62 -22.15 39.64
C LYS C 55 23.90 -20.70 39.92
N ARG C 56 25.15 -20.29 39.73
CA ARG C 56 25.47 -18.88 39.90
C ARG C 56 24.70 -18.03 38.90
N ALA C 57 24.54 -18.54 37.68
CA ALA C 57 23.78 -17.80 36.66
C ALA C 57 22.29 -17.78 37.00
N ILE C 58 21.81 -18.77 37.75
CA ILE C 58 20.43 -18.68 38.25
C ILE C 58 20.30 -17.49 39.18
N ASP C 59 21.19 -17.42 40.17
CA ASP C 59 21.12 -16.38 41.22
C ASP C 59 21.78 -15.09 40.77
N ALA C 60 21.88 -14.87 39.47
CA ALA C 60 22.38 -13.60 38.98
C ALA C 60 21.21 -12.62 38.91
N ASP C 61 20.29 -12.88 37.99
CA ASP C 61 19.09 -12.05 37.84
C ASP C 61 19.41 -10.56 37.68
N ALA C 69 27.22 -10.55 25.69
CA ALA C 69 26.07 -10.32 26.57
C ALA C 69 24.73 -10.49 25.84
N GLY C 70 24.35 -9.49 25.05
CA GLY C 70 23.14 -9.57 24.23
C GLY C 70 23.36 -10.45 23.01
N LEU C 71 23.77 -11.68 23.25
CA LEU C 71 24.14 -12.65 22.19
C LEU C 71 25.43 -12.33 21.44
N LEU C 72 26.07 -11.21 21.75
CA LEU C 72 27.26 -10.82 21.02
C LEU C 72 28.41 -11.79 21.28
N ALA C 73 28.71 -12.02 22.55
CA ALA C 73 29.79 -12.92 22.93
C ALA C 73 29.59 -14.34 22.38
N LEU C 74 28.33 -14.79 22.35
CA LEU C 74 27.98 -16.10 21.81
C LEU C 74 28.29 -16.15 20.33
N ARG C 75 27.74 -15.20 19.57
CA ARG C 75 27.97 -15.16 18.14
C ARG C 75 29.46 -15.12 17.81
N GLN C 76 30.21 -14.28 18.52
CA GLN C 76 31.65 -14.14 18.30
C GLN C 76 32.39 -15.43 18.58
N ALA C 77 32.05 -16.06 19.69
CA ALA C 77 32.69 -17.32 20.05
C ALA C 77 32.40 -18.40 19.01
N ALA C 78 31.19 -18.33 18.44
CA ALA C 78 30.75 -19.31 17.46
C ALA C 78 31.52 -19.12 16.15
N SER C 79 31.73 -17.86 15.81
CA SER C 79 32.50 -17.49 14.63
C SER C 79 33.94 -17.98 14.74
N ALA C 80 34.59 -17.65 15.86
CA ALA C 80 35.96 -18.09 16.09
C ALA C 80 36.05 -19.59 16.04
N PHE C 81 35.01 -20.24 16.55
CA PHE C 81 34.98 -21.70 16.64
C PHE C 81 34.97 -22.37 15.28
N VAL C 82 34.08 -21.93 14.40
CA VAL C 82 34.02 -22.59 13.09
C VAL C 82 35.15 -22.14 12.16
N LYS C 83 35.78 -21.00 12.48
CA LYS C 83 37.02 -20.62 11.77
C LYS C 83 38.16 -21.55 12.15
N GLU C 84 38.35 -21.76 13.45
CA GLU C 84 39.45 -22.59 13.92
C GLU C 84 39.23 -24.05 13.52
N LYS C 85 37.99 -24.49 13.61
CA LYS C 85 37.70 -25.90 13.47
C LYS C 85 37.50 -26.28 12.04
N TYR C 86 36.88 -25.41 11.26
CA TYR C 86 36.44 -25.77 9.92
C TYR C 86 36.84 -24.75 8.87
N HIS C 87 37.65 -23.75 9.25
CA HIS C 87 38.19 -22.76 8.31
C HIS C 87 37.11 -21.94 7.63
N LEU C 88 36.00 -21.77 8.32
CA LEU C 88 34.90 -20.96 7.81
C LEU C 88 34.87 -19.57 8.41
N THR C 89 34.50 -18.60 7.59
CA THR C 89 34.47 -17.23 8.01
C THR C 89 33.03 -16.78 7.96
N TYR C 90 32.43 -16.60 9.14
CA TYR C 90 31.12 -15.97 9.23
C TYR C 90 31.20 -14.80 10.17
N ASN C 91 30.65 -13.68 9.73
CA ASN C 91 30.67 -12.48 10.55
C ASN C 91 29.65 -12.65 11.68
N PRO C 92 30.09 -12.43 12.94
CA PRO C 92 29.15 -12.56 14.06
C PRO C 92 28.05 -11.51 14.03
N ASP C 93 28.27 -10.38 13.37
CA ASP C 93 27.27 -9.31 13.35
C ASP C 93 26.06 -9.61 12.46
N ASN C 94 26.25 -10.33 11.37
CA ASN C 94 25.17 -10.50 10.41
C ASN C 94 25.09 -11.83 9.70
N GLU C 95 25.86 -12.82 10.14
CA GLU C 95 25.86 -14.10 9.46
C GLU C 95 25.66 -15.26 10.41
N ILE C 96 25.29 -14.97 11.67
CA ILE C 96 25.15 -16.03 12.67
C ILE C 96 23.89 -15.87 13.53
N LEU C 97 23.00 -16.85 13.43
CA LEU C 97 21.75 -16.85 14.19
C LEU C 97 21.73 -17.93 15.26
N VAL C 98 21.02 -17.65 16.35
CA VAL C 98 20.94 -18.58 17.47
C VAL C 98 19.50 -19.08 17.65
N THR C 99 19.36 -20.36 17.99
CA THR C 99 18.06 -20.93 18.31
C THR C 99 18.12 -21.61 19.67
N ILE C 100 16.95 -21.77 20.30
CA ILE C 100 16.90 -22.24 21.67
C ILE C 100 17.14 -23.75 21.69
N GLY C 101 16.91 -24.38 20.55
CA GLY C 101 17.08 -25.82 20.40
C GLY C 101 17.32 -26.19 18.94
N ALA C 102 17.72 -27.43 18.72
CA ALA C 102 18.06 -27.90 17.37
C ALA C 102 16.85 -27.77 16.46
N THR C 103 15.70 -28.23 16.92
CA THR C 103 14.56 -28.28 16.03
C THR C 103 14.10 -26.89 15.52
N GLU C 104 14.20 -25.87 16.36
CA GLU C 104 13.97 -24.50 15.90
C GLU C 104 14.89 -24.08 14.74
N ALA C 105 16.10 -24.62 14.65
CA ALA C 105 16.99 -24.24 13.55
C ALA C 105 16.43 -24.65 12.18
N LEU C 106 15.97 -25.91 12.12
CA LEU C 106 15.20 -26.46 11.01
C LEU C 106 13.92 -25.68 10.77
N SER C 107 13.22 -25.31 11.85
CA SER C 107 11.97 -24.57 11.69
C SER C 107 12.22 -23.23 11.02
N ALA C 108 13.14 -22.48 11.59
CA ALA C 108 13.53 -21.18 11.05
C ALA C 108 13.97 -21.25 9.60
N SER C 109 14.93 -22.12 9.32
CA SER C 109 15.52 -22.06 7.98
C SER C 109 14.57 -22.63 6.91
N LEU C 110 13.94 -23.75 7.23
CA LEU C 110 13.01 -24.38 6.30
C LEU C 110 11.75 -23.53 6.08
N THR C 111 11.30 -22.81 7.09
CA THR C 111 10.13 -21.93 6.91
C THR C 111 10.53 -20.68 6.15
N ALA C 112 11.80 -20.29 6.25
CA ALA C 112 12.27 -19.14 5.51
C ALA C 112 12.39 -19.45 4.02
N ILE C 113 12.83 -20.65 3.68
CA ILE C 113 13.11 -20.93 2.28
C ILE C 113 11.96 -21.54 1.49
N LEU C 114 11.11 -22.31 2.15
CA LEU C 114 10.15 -23.14 1.43
C LEU C 114 8.88 -22.41 0.94
N GLU C 115 8.29 -22.95 -0.12
CA GLU C 115 6.99 -22.50 -0.66
C GLU C 115 6.22 -23.76 -1.07
N PRO C 116 4.87 -23.69 -1.06
CA PRO C 116 4.00 -24.86 -1.28
C PRO C 116 4.35 -25.85 -2.40
N GLY C 117 4.74 -25.38 -3.58
CA GLY C 117 5.10 -26.35 -4.61
C GLY C 117 6.37 -27.15 -4.30
N ASP C 118 7.23 -26.58 -3.46
CA ASP C 118 8.63 -26.99 -3.39
C ASP C 118 8.96 -28.42 -3.01
N LYS C 119 10.02 -28.95 -3.61
CA LYS C 119 10.58 -30.22 -3.20
C LYS C 119 11.89 -30.00 -2.43
N VAL C 120 12.15 -30.91 -1.50
CA VAL C 120 13.39 -30.94 -0.75
C VAL C 120 13.99 -32.31 -0.92
N LEU C 121 15.21 -32.39 -1.42
CA LEU C 121 15.85 -33.68 -1.59
C LEU C 121 16.50 -34.09 -0.28
N LEU C 122 16.56 -35.39 -0.01
CA LEU C 122 17.15 -35.84 1.23
C LEU C 122 17.68 -37.26 1.09
N PRO C 123 18.97 -37.45 1.32
CA PRO C 123 19.51 -38.82 1.29
C PRO C 123 18.82 -39.71 2.33
N ALA C 124 18.57 -40.96 1.98
CA ALA C 124 17.81 -41.84 2.86
C ALA C 124 18.57 -43.13 3.08
N PRO C 125 18.39 -43.77 4.24
CA PRO C 125 17.51 -43.40 5.35
C PRO C 125 18.03 -42.19 6.13
N ALA C 126 17.14 -41.50 6.81
CA ALA C 126 17.46 -40.21 7.40
C ALA C 126 16.74 -39.96 8.73
N TYR C 127 17.27 -39.02 9.51
CA TYR C 127 16.58 -38.48 10.69
C TYR C 127 15.11 -38.19 10.34
N PRO C 128 14.17 -38.77 11.09
CA PRO C 128 12.73 -38.54 10.85
C PRO C 128 12.19 -37.13 11.08
N GLY C 129 13.00 -36.19 11.57
CA GLY C 129 12.48 -34.88 11.90
C GLY C 129 12.46 -33.81 10.81
N TYR C 130 13.06 -34.07 9.65
CA TYR C 130 13.04 -33.05 8.57
C TYR C 130 11.69 -33.00 7.84
N GLU C 131 11.21 -34.18 7.46
CA GLU C 131 10.00 -34.28 6.63
C GLU C 131 8.74 -33.67 7.26
N PRO C 132 8.49 -33.93 8.55
CA PRO C 132 7.39 -33.23 9.21
C PRO C 132 7.41 -31.73 9.03
N VAL C 133 8.56 -31.11 9.30
CA VAL C 133 8.68 -29.67 9.23
C VAL C 133 8.43 -29.21 7.81
N VAL C 134 9.03 -29.92 6.85
CA VAL C 134 8.85 -29.60 5.44
C VAL C 134 7.38 -29.68 5.03
N ASN C 135 6.70 -30.71 5.50
CA ASN C 135 5.28 -30.92 5.26
C ASN C 135 4.44 -29.78 5.82
N LEU C 136 4.76 -29.36 7.04
CA LEU C 136 3.97 -28.35 7.72
C LEU C 136 3.94 -27.03 6.94
N VAL C 137 5.07 -26.62 6.40
CA VAL C 137 5.14 -25.37 5.63
C VAL C 137 4.66 -25.54 4.20
N GLY C 138 4.29 -26.77 3.84
CA GLY C 138 3.52 -27.03 2.64
C GLY C 138 4.27 -27.64 1.48
N ALA C 139 5.44 -28.22 1.73
CA ALA C 139 6.27 -28.78 0.67
C ALA C 139 6.44 -30.29 0.84
N GLU C 140 7.28 -30.89 0.00
CA GLU C 140 7.43 -32.34 -0.03
C GLU C 140 8.89 -32.79 0.03
N VAL C 141 9.15 -33.86 0.77
CA VAL C 141 10.47 -34.49 0.75
C VAL C 141 10.57 -35.61 -0.27
N VAL C 142 11.61 -35.57 -1.09
CA VAL C 142 11.96 -36.66 -1.99
C VAL C 142 13.25 -37.31 -1.48
N GLU C 143 13.16 -38.57 -1.07
CA GLU C 143 14.31 -39.30 -0.56
C GLU C 143 15.21 -39.72 -1.72
N ILE C 144 16.51 -39.84 -1.46
CA ILE C 144 17.44 -40.41 -2.43
C ILE C 144 17.87 -41.77 -1.89
N ASP C 145 17.54 -42.83 -2.62
CA ASP C 145 17.98 -44.16 -2.22
C ASP C 145 19.49 -44.27 -2.35
N THR C 146 20.18 -44.43 -1.22
CA THR C 146 21.64 -44.53 -1.22
C THR C 146 22.13 -45.94 -0.88
N ARG C 147 21.21 -46.90 -0.85
CA ARG C 147 21.56 -48.30 -0.55
C ARG C 147 22.66 -48.89 -1.44
N SER C 148 22.69 -48.48 -2.72
CA SER C 148 23.57 -49.11 -3.68
C SER C 148 25.05 -48.78 -3.44
N ASN C 149 25.31 -47.73 -2.67
CA ASN C 149 26.67 -47.41 -2.28
C ASN C 149 26.84 -47.47 -0.76
N ASP C 150 26.03 -48.30 -0.13
CA ASP C 150 26.12 -48.52 1.31
C ASP C 150 25.90 -47.23 2.08
N PHE C 151 24.86 -46.49 1.69
CA PHE C 151 24.39 -45.30 2.39
C PHE C 151 25.26 -44.06 2.25
N VAL C 152 26.24 -44.12 1.35
CA VAL C 152 27.10 -42.98 1.07
C VAL C 152 26.62 -42.29 -0.21
N LEU C 153 26.09 -41.08 -0.07
CA LEU C 153 25.57 -40.34 -1.21
C LEU C 153 26.65 -40.03 -2.24
N THR C 154 26.46 -40.43 -3.49
CA THR C 154 27.42 -40.09 -4.56
C THR C 154 26.97 -38.84 -5.32
N PRO C 155 27.92 -38.15 -5.97
CA PRO C 155 27.54 -36.96 -6.75
C PRO C 155 26.57 -37.31 -7.86
N GLU C 156 26.69 -38.55 -8.36
CA GLU C 156 25.84 -39.08 -9.40
C GLU C 156 24.41 -39.27 -8.89
N MET C 157 24.27 -39.91 -7.72
CA MET C 157 22.96 -40.06 -7.09
C MET C 157 22.32 -38.68 -6.99
N LEU C 158 23.10 -37.73 -6.49
CA LEU C 158 22.61 -36.39 -6.24
C LEU C 158 22.13 -35.74 -7.53
N GLU C 159 22.97 -35.79 -8.56
CA GLU C 159 22.62 -35.10 -9.78
C GLU C 159 21.40 -35.73 -10.47
N GLU C 160 21.37 -37.06 -10.52
CA GLU C 160 20.21 -37.76 -11.06
C GLU C 160 18.90 -37.39 -10.32
N ALA C 161 18.97 -37.27 -8.99
CA ALA C 161 17.78 -36.84 -8.22
C ALA C 161 17.38 -35.37 -8.47
N ILE C 162 18.38 -34.51 -8.60
CA ILE C 162 18.11 -33.10 -8.85
C ILE C 162 17.40 -32.98 -10.19
N LEU C 163 17.96 -33.65 -11.19
CA LEU C 163 17.39 -33.69 -12.53
C LEU C 163 15.96 -34.25 -12.50
N LYS C 164 15.73 -35.33 -11.75
CA LYS C 164 14.38 -35.89 -11.59
C LYS C 164 13.39 -34.84 -11.09
N GLU C 165 13.79 -34.05 -10.08
CA GLU C 165 12.84 -33.14 -9.47
C GLU C 165 12.63 -31.82 -10.21
N GLY C 166 13.56 -31.45 -11.09
CA GLY C 166 13.33 -30.32 -11.97
C GLY C 166 13.06 -28.98 -11.31
N GLU C 167 12.03 -28.26 -11.76
CA GLU C 167 11.87 -26.86 -11.41
C GLU C 167 11.27 -26.60 -10.04
N ALA C 168 10.73 -27.64 -9.41
CA ALA C 168 10.15 -27.52 -8.08
C ALA C 168 11.16 -27.76 -6.95
N LEU C 169 12.36 -28.21 -7.31
CA LEU C 169 13.45 -28.39 -6.35
C LEU C 169 13.83 -27.06 -5.72
N LYS C 170 13.67 -26.97 -4.40
CA LYS C 170 14.03 -25.75 -3.68
C LYS C 170 15.33 -25.94 -2.89
N ALA C 171 15.51 -27.15 -2.36
CA ALA C 171 16.62 -27.40 -1.44
C ALA C 171 17.01 -28.86 -1.37
N VAL C 172 18.26 -29.07 -0.97
CA VAL C 172 18.79 -30.37 -0.63
C VAL C 172 19.18 -30.28 0.84
N ILE C 173 18.86 -31.32 1.61
CA ILE C 173 19.29 -31.41 3.01
C ILE C 173 20.39 -32.47 3.10
N LEU C 174 21.55 -32.06 3.60
CA LEU C 174 22.69 -32.98 3.76
C LEU C 174 23.01 -33.04 5.25
N ASN C 175 23.13 -34.24 5.78
CA ASN C 175 23.33 -34.47 7.21
C ASN C 175 24.55 -35.33 7.40
N TYR C 176 25.66 -34.72 7.81
CA TYR C 176 26.91 -35.44 7.92
C TYR C 176 27.70 -34.85 9.07
N PRO C 177 28.21 -35.70 9.98
CA PRO C 177 28.02 -37.17 10.04
C PRO C 177 26.54 -37.56 10.17
N THR C 178 26.16 -38.70 9.61
CA THR C 178 24.76 -38.98 9.34
C THR C 178 24.07 -39.79 10.45
N ASN C 179 22.87 -39.35 10.81
CA ASN C 179 21.95 -40.13 11.63
C ASN C 179 20.97 -40.74 10.61
N PRO C 180 20.88 -42.08 10.57
CA PRO C 180 21.33 -43.03 11.59
C PRO C 180 22.56 -43.85 11.26
N THR C 181 23.13 -43.61 10.09
CA THR C 181 24.08 -44.56 9.55
C THR C 181 25.52 -44.38 10.06
N GLY C 182 25.84 -43.21 10.60
CA GLY C 182 27.21 -42.94 11.00
C GLY C 182 28.13 -42.65 9.83
N VAL C 183 27.54 -42.37 8.67
CA VAL C 183 28.30 -42.05 7.47
C VAL C 183 29.01 -40.69 7.61
N THR C 184 30.26 -40.60 7.15
CA THR C 184 30.95 -39.32 7.05
C THR C 184 31.49 -39.15 5.63
N TYR C 185 31.85 -37.92 5.26
CA TYR C 185 32.33 -37.65 3.92
C TYR C 185 33.69 -37.01 3.99
N SER C 186 34.58 -37.39 3.06
CA SER C 186 35.93 -36.87 3.01
C SER C 186 35.94 -35.53 2.32
N ARG C 187 37.05 -34.79 2.42
CA ARG C 187 37.21 -33.51 1.73
C ARG C 187 36.89 -33.61 0.24
N GLN C 188 37.50 -34.57 -0.44
CA GLN C 188 37.24 -34.76 -1.87
C GLN C 188 35.78 -35.11 -2.16
N GLN C 189 35.18 -35.95 -1.32
CA GLN C 189 33.76 -36.24 -1.48
C GLN C 189 32.91 -34.97 -1.38
N ILE C 190 33.15 -34.18 -0.34
CA ILE C 190 32.38 -32.96 -0.13
C ILE C 190 32.55 -32.05 -1.35
N LYS C 191 33.79 -31.97 -1.81
CA LYS C 191 34.14 -31.16 -2.98
C LYS C 191 33.38 -31.60 -4.24
N ASN C 192 33.35 -32.90 -4.48
CA ASN C 192 32.58 -33.42 -5.60
C ASN C 192 31.06 -33.13 -5.50
N LEU C 193 30.49 -33.31 -4.29
CA LEU C 193 29.09 -32.98 -4.05
C LEU C 193 28.80 -31.51 -4.34
N ALA C 194 29.73 -30.64 -3.93
CA ALA C 194 29.58 -29.21 -4.15
C ALA C 194 29.60 -28.92 -5.63
N GLU C 195 30.42 -29.69 -6.35
CA GLU C 195 30.59 -29.47 -7.79
C GLU C 195 29.28 -29.79 -8.48
N VAL C 196 28.57 -30.78 -7.98
CA VAL C 196 27.20 -30.95 -8.48
C VAL C 196 26.31 -29.76 -8.09
N LEU C 197 26.26 -29.43 -6.81
CA LEU C 197 25.25 -28.48 -6.31
C LEU C 197 25.37 -27.03 -6.80
N LYS C 198 26.57 -26.63 -7.23
CA LYS C 198 26.77 -25.24 -7.64
C LYS C 198 26.12 -24.96 -9.00
N LYS C 199 25.68 -26.00 -9.70
CA LYS C 199 25.03 -25.82 -11.00
C LYS C 199 23.50 -25.56 -10.95
N TYR C 200 22.94 -25.54 -9.75
CA TYR C 200 21.49 -25.40 -9.61
C TYR C 200 21.11 -24.29 -8.62
N PRO C 201 19.99 -23.59 -8.87
CA PRO C 201 19.59 -22.45 -8.04
C PRO C 201 18.82 -22.92 -6.79
N ILE C 202 19.50 -23.69 -5.95
CA ILE C 202 18.87 -24.30 -4.80
C ILE C 202 19.63 -24.02 -3.51
N PHE C 203 18.92 -24.07 -2.38
CA PHE C 203 19.55 -23.92 -1.08
C PHE C 203 20.15 -25.26 -0.64
N VAL C 204 21.26 -25.21 0.09
CA VAL C 204 21.78 -26.43 0.69
C VAL C 204 21.70 -26.36 2.22
N ILE C 205 20.82 -27.15 2.80
CA ILE C 205 20.76 -27.23 4.25
C ILE C 205 21.79 -28.23 4.72
N SER C 206 22.83 -27.72 5.37
CA SER C 206 23.94 -28.54 5.84
C SER C 206 23.84 -28.76 7.34
N ASP C 207 23.29 -29.90 7.74
CA ASP C 207 23.12 -30.19 9.14
C ASP C 207 24.38 -30.86 9.65
N GLU C 208 25.19 -30.09 10.36
CA GLU C 208 26.49 -30.60 10.78
C GLU C 208 26.62 -30.83 12.28
N VAL C 209 25.49 -31.04 12.97
CA VAL C 209 25.52 -31.12 14.43
C VAL C 209 26.45 -32.20 14.96
N TYR C 210 26.69 -33.26 14.20
CA TYR C 210 27.58 -34.31 14.70
C TYR C 210 29.06 -34.08 14.36
N ALA C 211 29.37 -32.97 13.70
CA ALA C 211 30.72 -32.72 13.15
C ALA C 211 31.89 -33.08 14.07
N GLU C 212 31.79 -32.67 15.33
CA GLU C 212 32.86 -32.92 16.31
C GLU C 212 33.16 -34.40 16.52
N LEU C 213 32.17 -35.24 16.27
CA LEU C 213 32.34 -36.66 16.46
C LEU C 213 32.68 -37.32 15.12
N THR C 214 33.93 -37.12 14.69
CA THR C 214 34.43 -37.66 13.44
C THR C 214 35.67 -38.45 13.79
N TYR C 215 35.72 -39.70 13.35
CA TYR C 215 36.72 -40.64 13.82
C TYR C 215 37.81 -40.92 12.79
N THR C 216 37.73 -40.23 11.66
CA THR C 216 38.48 -40.59 10.47
C THR C 216 40.01 -40.31 10.48
N GLY C 217 40.48 -39.38 11.30
CA GLY C 217 41.90 -39.05 11.23
C GLY C 217 42.09 -37.71 10.56
N GLU C 218 41.41 -37.53 9.43
CA GLU C 218 41.21 -36.21 8.87
C GLU C 218 39.95 -35.69 9.51
N SER C 219 39.93 -34.41 9.86
CA SER C 219 38.79 -33.90 10.62
C SER C 219 37.65 -33.45 9.71
N HIS C 220 36.52 -33.12 10.33
CA HIS C 220 35.29 -32.80 9.63
C HIS C 220 35.46 -31.70 8.58
N VAL C 221 34.89 -31.92 7.42
CA VAL C 221 34.91 -30.91 6.37
C VAL C 221 33.47 -30.52 6.05
N SER C 222 33.21 -29.21 6.09
CA SER C 222 31.90 -28.68 5.80
C SER C 222 31.76 -28.32 4.35
N ILE C 223 30.60 -28.61 3.76
CA ILE C 223 30.28 -28.22 2.38
C ILE C 223 30.33 -26.70 2.19
N ALA C 224 30.30 -25.95 3.28
CA ALA C 224 30.33 -24.50 3.16
C ALA C 224 31.75 -24.00 2.82
N GLU C 225 32.75 -24.82 3.09
CA GLU C 225 34.09 -24.54 2.58
C GLU C 225 34.14 -24.36 1.07
N TYR C 226 33.34 -25.15 0.34
CA TYR C 226 33.35 -25.13 -1.13
C TYR C 226 32.06 -24.61 -1.77
N LEU C 227 31.01 -24.46 -0.96
CA LEU C 227 29.74 -23.97 -1.48
C LEU C 227 29.17 -22.86 -0.60
N PRO C 228 29.97 -21.81 -0.34
CA PRO C 228 29.59 -20.84 0.69
C PRO C 228 28.29 -20.09 0.39
N ASP C 229 27.94 -19.87 -0.87
CA ASP C 229 26.82 -18.97 -1.18
C ASP C 229 25.46 -19.66 -1.13
N GLN C 230 25.45 -20.98 -1.24
CA GLN C 230 24.20 -21.73 -1.22
C GLN C 230 23.95 -22.42 0.12
N THR C 231 24.97 -22.47 0.98
CA THR C 231 24.88 -23.29 2.19
C THR C 231 24.32 -22.54 3.40
N ILE C 232 23.22 -23.06 3.93
CA ILE C 232 22.75 -22.71 5.26
C ILE C 232 23.28 -23.81 6.19
N LEU C 233 24.25 -23.45 7.03
CA LEU C 233 24.91 -24.40 7.92
C LEU C 233 24.23 -24.44 9.32
N ILE C 234 23.60 -25.57 9.64
CA ILE C 234 22.98 -25.79 10.96
C ILE C 234 23.97 -26.55 11.82
N SER C 235 24.29 -26.00 12.97
CA SER C 235 25.19 -26.69 13.87
C SER C 235 24.65 -26.60 15.27
N GLY C 236 25.42 -27.11 16.23
CA GLY C 236 25.02 -27.10 17.62
C GLY C 236 26.13 -27.67 18.48
N LEU C 237 25.83 -27.90 19.75
CA LEU C 237 26.86 -28.29 20.67
C LEU C 237 26.49 -29.48 21.54
N SER C 238 25.20 -29.80 21.63
CA SER C 238 24.78 -30.81 22.61
C SER C 238 25.19 -32.27 22.29
N LYS C 239 25.58 -32.56 21.05
CA LYS C 239 26.04 -33.92 20.75
C LYS C 239 27.38 -34.26 21.43
N SER C 240 28.12 -33.23 21.84
CA SER C 240 29.43 -33.48 22.43
C SER C 240 29.80 -32.58 23.61
N HIS C 241 28.87 -31.74 24.04
CA HIS C 241 29.10 -30.95 25.25
C HIS C 241 27.87 -30.99 26.14
N ALA C 242 28.09 -31.03 27.45
CA ALA C 242 27.01 -30.88 28.44
C ALA C 242 26.49 -29.45 28.39
N MET C 243 25.18 -29.28 28.30
CA MET C 243 24.60 -27.95 28.11
C MET C 243 23.62 -27.58 29.23
N THR C 244 23.51 -28.42 30.25
CA THR C 244 22.54 -28.24 31.32
C THR C 244 21.13 -28.03 30.75
N GLY C 245 20.86 -28.67 29.61
CA GLY C 245 19.56 -28.65 29.01
C GLY C 245 19.30 -27.55 27.99
N TRP C 246 20.21 -26.59 27.86
CA TRP C 246 20.00 -25.51 26.90
C TRP C 246 20.76 -25.81 25.62
N ARG C 247 20.20 -26.71 24.82
CA ARG C 247 20.87 -27.21 23.63
C ARG C 247 20.70 -26.26 22.45
N LEU C 248 21.23 -25.05 22.59
CA LEU C 248 21.16 -24.01 21.56
C LEU C 248 21.64 -24.53 20.20
N GLY C 249 20.97 -24.07 19.14
CA GLY C 249 21.41 -24.37 17.79
C GLY C 249 22.06 -23.13 17.21
N LEU C 250 22.87 -23.32 16.17
CA LEU C 250 23.51 -22.20 15.45
C LEU C 250 23.25 -22.29 13.96
N ILE C 251 22.94 -21.17 13.33
CA ILE C 251 22.74 -21.14 11.89
C ILE C 251 23.78 -20.17 11.33
N PHE C 252 24.60 -20.64 10.38
CA PHE C 252 25.61 -19.82 9.72
C PHE C 252 25.24 -19.70 8.25
N ALA C 253 25.27 -18.48 7.71
CA ALA C 253 24.95 -18.28 6.30
C ALA C 253 25.42 -16.92 5.88
N PRO C 254 25.71 -16.73 4.57
CA PRO C 254 26.21 -15.45 4.08
C PRO C 254 25.24 -14.35 4.47
N ALA C 255 25.70 -13.11 4.57
CA ALA C 255 24.84 -12.03 5.04
C ALA C 255 23.56 -11.90 4.24
N VAL C 256 23.68 -11.99 2.92
CA VAL C 256 22.51 -11.83 2.04
C VAL C 256 21.39 -12.84 2.32
N LEU C 257 21.75 -14.06 2.74
CA LEU C 257 20.75 -15.08 3.08
C LEU C 257 20.18 -14.89 4.48
N THR C 258 21.06 -14.63 5.44
CA THR C 258 20.65 -14.52 6.83
C THR C 258 19.75 -13.32 7.01
N ALA C 259 19.95 -12.28 6.21
CA ALA C 259 19.07 -11.12 6.31
C ALA C 259 17.63 -11.50 5.99
N GLN C 260 17.44 -12.63 5.32
CA GLN C 260 16.12 -13.17 5.07
C GLN C 260 15.73 -14.14 6.18
N LEU C 261 16.64 -15.07 6.49
CA LEU C 261 16.40 -16.08 7.50
C LEU C 261 15.97 -15.46 8.83
N ILE C 262 16.49 -14.27 9.11
CA ILE C 262 16.29 -13.58 10.38
C ILE C 262 14.82 -13.25 10.62
N LYS C 263 14.04 -13.24 9.54
CA LYS C 263 12.62 -12.88 9.61
C LYS C 263 11.71 -14.02 10.03
N SER C 264 12.29 -15.19 10.29
CA SER C 264 11.53 -16.28 10.90
C SER C 264 11.58 -16.09 12.40
N HIS C 265 11.13 -14.93 12.85
CA HIS C 265 11.38 -14.44 14.20
C HIS C 265 11.00 -15.42 15.29
N GLN C 266 9.79 -15.99 15.21
CA GLN C 266 9.28 -16.89 16.26
C GLN C 266 10.23 -18.04 16.59
N TYR C 267 11.07 -18.39 15.62
CA TYR C 267 11.99 -19.53 15.76
C TYR C 267 13.43 -19.15 16.12
N LEU C 268 13.68 -17.87 16.42
CA LEU C 268 15.04 -17.39 16.66
C LEU C 268 15.25 -16.70 18.03
N VAL C 269 16.42 -16.87 18.61
CA VAL C 269 16.76 -16.20 19.86
C VAL C 269 17.42 -14.84 19.59
N THR C 270 16.80 -13.76 20.04
CA THR C 270 17.42 -12.44 19.92
C THR C 270 17.88 -11.88 21.27
N ALA C 271 17.45 -12.52 22.36
CA ALA C 271 17.97 -12.21 23.69
C ALA C 271 17.86 -13.41 24.58
N ALA C 272 18.87 -13.60 25.43
CA ALA C 272 18.81 -14.67 26.40
C ALA C 272 19.65 -14.35 27.64
N THR C 273 19.22 -14.88 28.78
CA THR C 273 19.95 -14.70 30.02
C THR C 273 21.24 -15.47 29.97
N THR C 274 22.11 -15.18 30.93
CA THR C 274 23.39 -15.86 31.01
C THR C 274 23.17 -17.33 31.35
N SER C 275 22.07 -17.62 32.04
CA SER C 275 21.68 -18.98 32.36
C SER C 275 21.52 -19.79 31.06
N VAL C 276 20.97 -19.13 30.04
CA VAL C 276 20.60 -19.77 28.79
C VAL C 276 21.79 -19.92 27.84
N GLN C 277 22.67 -18.92 27.85
CA GLN C 277 23.76 -18.86 26.89
C GLN C 277 25.03 -19.49 27.39
N PHE C 278 25.20 -19.52 28.70
CA PHE C 278 26.54 -19.73 29.23
C PHE C 278 27.12 -21.08 28.89
N ALA C 279 26.29 -22.11 28.81
CA ALA C 279 26.84 -23.43 28.56
C ALA C 279 27.36 -23.53 27.12
N ALA C 280 26.68 -22.82 26.23
CA ALA C 280 27.04 -22.75 24.83
C ALA C 280 28.33 -21.94 24.66
N ILE C 281 28.41 -20.82 25.38
CA ILE C 281 29.59 -19.98 25.28
C ILE C 281 30.78 -20.75 25.82
N GLU C 282 30.57 -21.46 26.93
CA GLU C 282 31.61 -22.24 27.56
C GLU C 282 32.08 -23.36 26.64
N ALA C 283 31.16 -24.02 25.96
CA ALA C 283 31.51 -25.11 25.08
C ALA C 283 32.30 -24.61 23.87
N LEU C 284 31.96 -23.42 23.37
CA LEU C 284 32.64 -22.85 22.21
C LEU C 284 34.06 -22.33 22.51
N THR C 285 34.34 -22.07 23.78
CA THR C 285 35.59 -21.45 24.18
C THR C 285 36.38 -22.39 25.09
N ASN C 286 36.05 -22.42 26.39
CA ASN C 286 36.79 -23.24 27.34
C ASN C 286 36.66 -24.76 27.14
N GLY C 287 35.55 -25.21 26.56
CA GLY C 287 35.38 -26.63 26.31
C GLY C 287 35.59 -27.01 24.87
N LYS C 288 36.23 -26.10 24.11
CA LYS C 288 36.32 -26.24 22.66
C LYS C 288 36.98 -27.53 22.21
N ASP C 289 37.75 -28.16 23.09
CA ASP C 289 38.43 -29.42 22.77
C ASP C 289 38.03 -30.60 23.64
N ASP C 290 36.87 -30.50 24.30
CA ASP C 290 36.40 -31.61 25.14
C ASP C 290 35.98 -32.82 24.32
N ALA C 291 35.81 -32.65 23.01
CA ALA C 291 35.43 -33.79 22.19
C ALA C 291 36.54 -34.84 21.98
N LEU C 292 37.81 -34.46 22.18
CA LEU C 292 38.92 -35.38 21.91
C LEU C 292 38.90 -36.68 22.75
N PRO C 293 38.88 -36.54 24.09
CA PRO C 293 38.82 -37.78 24.91
C PRO C 293 37.54 -38.57 24.68
N MET C 294 36.41 -37.84 24.62
CA MET C 294 35.12 -38.43 24.30
C MET C 294 35.25 -39.29 23.05
N LYS C 295 36.00 -38.81 22.06
CA LYS C 295 36.23 -39.56 20.82
C LYS C 295 37.04 -40.82 21.08
N GLU C 296 38.03 -40.72 21.95
CA GLU C 296 38.79 -41.93 22.32
C GLU C 296 37.85 -43.04 22.82
N GLU C 297 37.08 -42.70 23.86
CA GLU C 297 36.12 -43.62 24.46
C GLU C 297 35.09 -44.15 23.47
N TYR C 298 34.55 -43.25 22.65
CA TYR C 298 33.55 -43.63 21.66
C TYR C 298 34.09 -44.59 20.62
N ILE C 299 35.32 -44.37 20.17
CA ILE C 299 35.94 -45.32 19.24
C ILE C 299 36.00 -46.68 19.92
N LYS C 300 36.38 -46.71 21.20
CA LYS C 300 36.33 -47.99 21.93
C LYS C 300 34.94 -48.69 21.92
N ARG C 301 33.91 -47.95 22.32
CA ARG C 301 32.54 -48.48 22.33
C ARG C 301 32.08 -49.00 20.98
N ARG C 302 32.38 -48.23 19.95
CA ARG C 302 32.00 -48.54 18.59
C ARG C 302 32.71 -49.82 18.13
N ASP C 303 34.03 -49.88 18.31
CA ASP C 303 34.80 -51.09 18.00
C ASP C 303 34.24 -52.33 18.69
N TYR C 304 33.92 -52.21 19.99
CA TYR C 304 33.37 -53.33 20.73
C TYR C 304 32.04 -53.82 20.15
N ILE C 305 31.14 -52.89 19.87
CA ILE C 305 29.87 -53.27 19.29
C ILE C 305 30.10 -53.93 17.93
N ILE C 306 30.86 -53.27 17.05
CA ILE C 306 31.16 -53.81 15.73
C ILE C 306 31.66 -55.24 15.82
N GLU C 307 32.68 -55.48 16.64
CA GLU C 307 33.20 -56.83 16.82
C GLU C 307 32.12 -57.84 17.26
N LYS C 308 31.37 -57.50 18.31
CA LYS C 308 30.35 -58.43 18.83
C LYS C 308 29.17 -58.68 17.88
N MET C 309 28.83 -57.70 17.05
CA MET C 309 27.70 -57.82 16.13
C MET C 309 28.15 -58.49 14.85
N GLU C 310 29.44 -58.35 14.54
CA GLU C 310 30.01 -59.01 13.39
C GLU C 310 30.03 -60.49 13.71
N ALA C 311 30.51 -60.82 14.91
CA ALA C 311 30.46 -62.22 15.36
C ALA C 311 29.05 -62.86 15.23
N MET C 312 28.01 -62.06 15.41
CA MET C 312 26.64 -62.55 15.23
C MET C 312 26.18 -62.46 13.78
N LYS C 313 27.11 -62.05 12.91
CA LYS C 313 26.86 -61.97 11.48
C LYS C 313 25.79 -60.94 11.09
N PHE C 314 25.80 -59.81 11.79
CA PHE C 314 25.10 -58.62 11.35
C PHE C 314 26.00 -57.90 10.36
N LYS C 315 25.40 -57.31 9.33
CA LYS C 315 26.18 -56.49 8.41
C LYS C 315 26.24 -55.04 8.88
N ILE C 316 27.46 -54.55 9.13
CA ILE C 316 27.63 -53.21 9.68
C ILE C 316 28.23 -52.19 8.71
N ILE C 317 27.50 -51.10 8.54
CA ILE C 317 27.97 -49.90 7.87
C ILE C 317 29.11 -49.26 8.67
N LYS C 318 30.30 -49.18 8.09
CA LYS C 318 31.42 -48.46 8.69
C LYS C 318 30.96 -47.12 9.28
N PRO C 319 30.97 -47.01 10.62
CA PRO C 319 30.53 -45.76 11.25
C PRO C 319 31.76 -44.91 11.56
N ASP C 320 32.02 -43.94 10.70
CA ASP C 320 33.16 -43.06 10.88
C ASP C 320 32.82 -41.82 11.71
N GLY C 321 31.53 -41.66 12.03
CA GLY C 321 31.05 -40.49 12.75
C GLY C 321 29.92 -40.86 13.70
N ALA C 322 29.99 -40.35 14.91
CA ALA C 322 29.23 -40.87 16.05
C ALA C 322 27.77 -40.57 15.91
N PHE C 323 26.94 -41.23 16.72
CA PHE C 323 27.33 -42.32 17.61
C PHE C 323 26.38 -43.48 17.39
N TYR C 324 26.17 -43.77 16.12
CA TYR C 324 25.22 -44.79 15.76
C TYR C 324 25.91 -45.92 15.00
N ILE C 325 25.48 -47.13 15.31
CA ILE C 325 25.76 -48.27 14.46
C ILE C 325 24.47 -48.70 13.80
N PHE C 326 24.51 -48.85 12.48
CA PHE C 326 23.35 -49.23 11.69
C PHE C 326 23.57 -50.66 11.17
N ALA C 327 22.80 -51.60 11.70
CA ALA C 327 23.08 -53.02 11.51
C ALA C 327 21.99 -53.78 10.76
N LYS C 328 22.40 -54.51 9.74
CA LYS C 328 21.51 -55.31 8.92
C LYS C 328 21.17 -56.61 9.63
N ILE C 329 19.94 -56.73 10.11
CA ILE C 329 19.47 -57.93 10.80
C ILE C 329 19.35 -59.10 9.83
N PRO C 330 20.19 -60.14 10.03
CA PRO C 330 20.38 -61.26 9.09
C PRO C 330 19.09 -62.02 8.79
N VAL C 331 18.52 -62.62 9.83
CA VAL C 331 17.34 -63.49 9.69
C VAL C 331 16.15 -62.76 9.09
N ALA C 332 15.19 -63.53 8.59
CA ALA C 332 14.02 -62.98 7.91
C ALA C 332 13.07 -62.30 8.88
N GLN C 333 13.40 -62.36 10.16
CA GLN C 333 12.50 -61.94 11.25
C GLN C 333 11.78 -60.58 11.20
N GLY C 334 12.47 -59.48 10.85
CA GLY C 334 13.82 -59.43 10.34
C GLY C 334 13.76 -58.48 9.16
N GLN C 335 12.80 -58.74 8.28
CA GLN C 335 12.34 -57.77 7.30
C GLN C 335 11.25 -56.94 7.95
N ASP C 336 11.01 -57.22 9.23
CA ASP C 336 10.15 -56.40 10.06
C ASP C 336 10.93 -56.00 11.31
N SER C 337 11.87 -55.08 11.12
CA SER C 337 12.79 -54.68 12.18
C SER C 337 12.05 -54.17 13.42
N PHE C 338 10.90 -53.56 13.21
CA PHE C 338 10.05 -53.09 14.30
C PHE C 338 9.71 -54.28 15.21
N LYS C 339 9.22 -55.36 14.60
CA LYS C 339 8.83 -56.55 15.35
C LYS C 339 10.05 -57.26 15.96
N PHE C 340 11.12 -57.39 15.16
CA PHE C 340 12.36 -58.01 15.64
C PHE C 340 12.86 -57.32 16.92
N LEU C 341 12.77 -55.99 16.95
CA LEU C 341 13.22 -55.23 18.11
C LEU C 341 12.23 -55.25 19.25
N GLN C 342 10.95 -55.37 18.94
CA GLN C 342 9.95 -55.53 20.00
C GLN C 342 10.12 -56.86 20.72
N ASP C 343 10.50 -57.89 19.96
CA ASP C 343 10.71 -59.22 20.53
C ASP C 343 12.01 -59.25 21.33
N PHE C 344 13.03 -58.59 20.79
CA PHE C 344 14.25 -58.39 21.57
C PHE C 344 13.94 -57.69 22.90
N ALA C 345 13.07 -56.69 22.85
CA ALA C 345 12.70 -55.91 24.03
C ALA C 345 11.94 -56.77 25.04
N LYS C 346 10.99 -57.56 24.54
CA LYS C 346 10.19 -58.46 25.36
C LYS C 346 11.03 -59.55 26.06
N GLU C 347 11.86 -60.25 25.29
CA GLU C 347 12.60 -61.39 25.84
C GLU C 347 13.86 -60.98 26.61
N LYS C 348 14.56 -59.97 26.11
CA LYS C 348 15.85 -59.57 26.69
C LYS C 348 15.85 -58.19 27.40
N ALA C 349 14.73 -57.47 27.32
CA ALA C 349 14.60 -56.16 27.98
C ALA C 349 15.69 -55.15 27.60
N VAL C 350 16.05 -55.12 26.31
CA VAL C 350 16.93 -54.08 25.79
C VAL C 350 16.31 -53.47 24.54
N ALA C 351 16.56 -52.18 24.31
CA ALA C 351 15.93 -51.47 23.20
C ALA C 351 16.92 -50.88 22.20
N PHE C 352 16.61 -51.04 20.92
CA PHE C 352 17.27 -50.33 19.85
C PHE C 352 16.12 -49.62 19.13
N ILE C 353 16.44 -48.82 18.12
CA ILE C 353 15.40 -48.20 17.29
C ILE C 353 15.34 -48.91 15.94
N PRO C 354 14.12 -49.21 15.46
CA PRO C 354 13.94 -49.95 14.21
C PRO C 354 14.35 -49.13 13.00
N GLY C 355 15.13 -49.73 12.09
CA GLY C 355 15.54 -49.07 10.87
C GLY C 355 14.41 -48.41 10.09
N VAL C 356 13.20 -48.97 10.19
CA VAL C 356 12.01 -48.40 9.54
C VAL C 356 11.69 -47.00 10.02
N ALA C 357 12.08 -46.71 11.26
CA ALA C 357 11.84 -45.39 11.83
C ALA C 357 12.58 -44.32 11.04
N PHE C 358 13.49 -44.75 10.17
CA PHE C 358 14.24 -43.80 9.36
C PHE C 358 13.79 -43.86 7.90
N GLY C 359 12.53 -44.26 7.72
CA GLY C 359 11.93 -44.36 6.41
C GLY C 359 12.13 -45.71 5.72
N LYS C 360 11.53 -45.84 4.54
CA LYS C 360 11.54 -47.08 3.74
C LYS C 360 12.89 -47.73 3.71
N TYR C 361 13.90 -46.92 3.38
CA TYR C 361 15.20 -47.46 3.01
C TYR C 361 16.02 -47.89 4.21
N GLY C 362 15.36 -48.00 5.36
CA GLY C 362 16.02 -48.47 6.56
C GLY C 362 15.51 -49.82 7.05
N GLU C 363 14.49 -50.37 6.40
CA GLU C 363 13.97 -51.69 6.78
C GLU C 363 15.06 -52.76 6.79
N GLY C 364 14.96 -53.70 7.73
CA GLY C 364 15.91 -54.79 7.82
C GLY C 364 17.14 -54.39 8.61
N TYR C 365 17.11 -53.16 9.10
CA TYR C 365 18.18 -52.61 9.93
C TYR C 365 17.67 -52.25 11.33
N LEU C 366 18.58 -52.29 12.30
CA LEU C 366 18.35 -51.64 13.59
C LEU C 366 19.44 -50.59 13.87
N ARG C 367 19.08 -49.57 14.63
CA ARG C 367 20.05 -48.57 15.01
C ARG C 367 20.39 -48.70 16.49
N ILE C 368 21.67 -48.89 16.76
CA ILE C 368 22.17 -48.92 18.12
C ILE C 368 22.85 -47.58 18.38
N SER C 369 22.53 -46.98 19.52
CA SER C 369 23.12 -45.70 19.87
C SER C 369 24.17 -45.93 20.95
N TYR C 370 25.46 -45.81 20.61
CA TYR C 370 26.48 -46.07 21.63
C TYR C 370 26.87 -44.87 22.48
N ALA C 371 25.94 -43.94 22.65
CA ALA C 371 26.08 -42.89 23.64
C ALA C 371 25.54 -43.45 24.94
N ALA C 372 26.18 -44.50 25.41
CA ALA C 372 25.76 -45.21 26.62
C ALA C 372 27.00 -45.86 27.21
N SER C 373 26.92 -46.23 28.49
CA SER C 373 28.10 -46.73 29.18
C SER C 373 28.57 -48.01 28.53
N MET C 374 29.86 -48.29 28.71
CA MET C 374 30.42 -49.53 28.21
C MET C 374 29.69 -50.70 28.84
N GLU C 375 29.29 -50.56 30.10
CA GLU C 375 28.63 -51.66 30.81
C GLU C 375 27.27 -51.98 30.19
N THR C 376 26.46 -50.96 29.94
CA THR C 376 25.20 -51.15 29.23
C THR C 376 25.45 -51.76 27.85
N ILE C 377 26.55 -51.39 27.22
CA ILE C 377 26.89 -51.93 25.90
C ILE C 377 27.20 -53.45 25.96
N LYS C 378 28.09 -53.83 26.87
CA LYS C 378 28.48 -55.23 27.06
C LYS C 378 27.28 -56.08 27.45
N GLU C 379 26.45 -55.55 28.33
CA GLU C 379 25.25 -56.25 28.72
C GLU C 379 24.34 -56.44 27.50
N ALA C 380 24.18 -55.37 26.72
CA ALA C 380 23.31 -55.41 25.55
C ALA C 380 23.77 -56.45 24.53
N MET C 381 25.07 -56.51 24.29
CA MET C 381 25.62 -57.49 23.35
C MET C 381 25.51 -58.91 23.87
N LYS C 382 25.78 -59.08 25.18
CA LYS C 382 25.62 -60.36 25.85
C LYS C 382 24.21 -60.89 25.59
N ARG C 383 23.22 -60.07 25.89
CA ARG C 383 21.82 -60.43 25.72
C ARG C 383 21.43 -60.68 24.28
N LEU C 384 21.95 -59.88 23.36
CA LEU C 384 21.65 -60.05 21.94
C LEU C 384 22.16 -61.41 21.48
N LYS C 385 23.37 -61.74 21.92
CA LYS C 385 23.97 -63.05 21.64
C LYS C 385 23.04 -64.14 22.15
N GLU C 386 22.49 -63.95 23.35
CA GLU C 386 21.48 -64.90 23.86
C GLU C 386 20.25 -64.96 22.95
N PHE C 387 19.84 -63.81 22.44
CA PHE C 387 18.59 -63.68 21.72
C PHE C 387 18.68 -64.32 20.34
N MET C 388 19.91 -64.43 19.85
CA MET C 388 20.16 -64.92 18.49
C MET C 388 20.39 -66.44 18.38
N GLU C 389 20.60 -67.11 19.51
CA GLU C 389 20.71 -68.57 19.53
C GLU C 389 19.39 -69.20 19.08
N GLN C 390 18.31 -68.52 19.42
CA GLN C 390 16.97 -68.83 18.93
C GLN C 390 16.92 -68.99 17.41
N TYR C 391 17.81 -68.27 16.72
CA TYR C 391 17.86 -68.28 15.26
C TYR C 391 19.12 -68.97 14.73
N MET D 3 -0.29 26.32 -48.09
CA MET D 3 0.56 25.83 -47.03
C MET D 3 1.33 26.97 -46.39
N ASP D 4 1.76 27.94 -47.21
CA ASP D 4 2.42 29.12 -46.67
C ASP D 4 1.37 29.93 -45.93
N LEU D 5 0.30 30.29 -46.63
CA LEU D 5 -0.75 31.11 -46.05
C LEU D 5 -1.93 30.30 -45.55
N SER D 6 -1.97 30.05 -44.25
CA SER D 6 -3.16 29.45 -43.65
C SER D 6 -4.03 30.48 -42.93
N LYS D 7 -5.12 30.85 -43.59
CA LYS D 7 -6.26 31.52 -43.00
C LYS D 7 -7.43 30.65 -43.42
N ARG D 8 -7.33 29.40 -42.97
CA ARG D 8 -8.26 28.35 -43.27
C ARG D 8 -8.89 27.95 -41.95
N PHE D 9 -8.76 28.84 -40.98
CA PHE D 9 -9.36 28.65 -39.65
C PHE D 9 -10.88 28.74 -39.74
N ASN D 10 -11.57 28.41 -38.65
CA ASN D 10 -13.01 28.55 -38.61
C ASN D 10 -13.38 30.01 -38.82
N LYS D 11 -14.46 30.25 -39.55
CA LYS D 11 -14.89 31.62 -39.83
C LYS D 11 -15.32 32.36 -38.56
N ASN D 12 -15.90 31.61 -37.64
CA ASN D 12 -16.48 32.20 -36.44
C ASN D 12 -15.43 32.86 -35.55
N LEU D 13 -14.16 32.62 -35.88
CA LEU D 13 -13.06 33.26 -35.17
C LEU D 13 -13.03 34.78 -35.41
N ASN D 14 -13.56 35.21 -36.56
CA ASN D 14 -13.59 36.63 -36.90
C ASN D 14 -14.51 37.44 -35.99
N LYS D 15 -15.50 36.76 -35.40
CA LYS D 15 -16.40 37.42 -34.45
C LYS D 15 -15.71 37.66 -33.11
N ILE D 16 -14.78 36.79 -32.77
CA ILE D 16 -14.02 36.91 -31.52
C ILE D 16 -13.10 38.12 -31.53
N GLU D 17 -13.43 39.12 -30.73
CA GLU D 17 -12.59 40.32 -30.64
C GLU D 17 -11.90 40.38 -29.28
N VAL D 18 -10.89 41.24 -29.19
CA VAL D 18 -10.20 41.46 -27.93
C VAL D 18 -11.12 42.17 -26.95
N SER D 19 -11.33 41.54 -25.79
CA SER D 19 -12.25 42.04 -24.77
C SER D 19 -12.04 43.52 -24.41
N MET D 20 -13.15 44.21 -24.18
CA MET D 20 -13.10 45.62 -23.79
C MET D 20 -12.45 45.85 -22.42
N ILE D 21 -12.67 44.91 -21.49
CA ILE D 21 -11.99 44.96 -20.19
C ILE D 21 -10.47 44.88 -20.38
N ARG D 22 -10.03 43.88 -21.13
CA ARG D 22 -8.62 43.68 -21.39
C ARG D 22 -8.07 44.91 -22.10
N GLN D 23 -8.84 45.46 -23.04
CA GLN D 23 -8.42 46.62 -23.81
C GLN D 23 -8.21 47.85 -22.93
N PHE D 24 -9.15 48.09 -22.01
CA PHE D 24 -9.05 49.19 -21.04
C PHE D 24 -7.84 49.01 -20.12
N ASP D 25 -7.72 47.80 -19.58
CA ASP D 25 -6.60 47.48 -18.69
C ASP D 25 -5.26 47.74 -19.39
N GLN D 26 -5.15 47.22 -20.60
CA GLN D 26 -3.97 47.40 -21.44
C GLN D 26 -3.71 48.88 -21.64
N SER D 27 -4.78 49.64 -21.85
CA SER D 27 -4.68 51.07 -22.07
C SER D 27 -4.07 51.82 -20.88
N ILE D 28 -4.32 51.31 -19.67
CA ILE D 28 -3.73 51.97 -18.50
C ILE D 28 -2.53 51.24 -17.86
N SER D 29 -1.97 50.26 -18.57
CA SER D 29 -0.84 49.47 -18.08
C SER D 29 0.47 50.24 -17.80
N ASP D 30 0.56 51.48 -18.26
CA ASP D 30 1.78 52.27 -18.03
C ASP D 30 1.77 53.06 -16.72
N ILE D 31 0.63 53.12 -16.04
CA ILE D 31 0.54 53.86 -14.80
C ILE D 31 1.01 52.99 -13.64
N PRO D 32 2.12 53.37 -13.01
CA PRO D 32 2.68 52.57 -11.91
C PRO D 32 1.78 52.59 -10.70
N ASP D 33 1.77 51.47 -9.97
CA ASP D 33 1.12 51.34 -8.67
C ASP D 33 -0.38 51.63 -8.63
N VAL D 34 -1.10 51.21 -9.67
CA VAL D 34 -2.55 51.42 -9.66
C VAL D 34 -3.25 50.44 -8.72
N LEU D 35 -4.14 50.98 -7.91
CA LEU D 35 -5.02 50.21 -7.04
C LEU D 35 -6.22 49.71 -7.86
N LYS D 36 -6.30 48.40 -8.03
CA LYS D 36 -7.32 47.80 -8.86
C LYS D 36 -8.47 47.24 -8.06
N LEU D 37 -9.63 47.89 -8.17
CA LEU D 37 -10.86 47.30 -7.68
C LEU D 37 -11.57 46.67 -8.87
N THR D 38 -10.94 45.66 -9.44
CA THR D 38 -11.43 45.03 -10.67
C THR D 38 -11.52 43.52 -10.54
N LEU D 39 -11.20 43.00 -9.35
CA LEU D 39 -11.15 41.56 -9.14
C LEU D 39 -12.50 40.87 -9.40
N GLY D 40 -12.47 39.81 -10.21
CA GLY D 40 -13.67 39.06 -10.55
C GLY D 40 -13.84 37.82 -9.70
N GLU D 41 -12.96 37.66 -8.71
CA GLU D 41 -13.00 36.51 -7.80
C GLU D 41 -12.85 37.01 -6.36
N PRO D 42 -13.31 36.21 -5.38
CA PRO D 42 -13.13 36.57 -3.96
C PRO D 42 -11.67 36.85 -3.63
N ASP D 43 -11.43 37.80 -2.74
CA ASP D 43 -10.07 38.14 -2.32
C ASP D 43 -9.64 37.25 -1.16
N PHE D 44 -10.59 36.55 -0.56
CA PHE D 44 -10.31 35.74 0.62
C PHE D 44 -9.49 34.51 0.26
N ALA D 45 -8.66 34.04 1.20
CA ALA D 45 -8.03 32.76 1.01
C ALA D 45 -9.09 31.68 1.17
N THR D 46 -8.85 30.53 0.53
CA THR D 46 -9.66 29.33 0.74
C THR D 46 -9.61 28.96 2.22
N PRO D 47 -10.78 28.65 2.82
CA PRO D 47 -10.87 28.22 4.22
C PRO D 47 -9.91 27.08 4.53
N LYS D 48 -9.27 27.13 5.69
CA LYS D 48 -8.27 26.16 6.12
C LYS D 48 -8.70 24.69 5.98
N HIS D 49 -9.92 24.35 6.39
CA HIS D 49 -10.35 22.97 6.41
C HIS D 49 -10.42 22.37 5.00
N ILE D 50 -10.81 23.20 4.03
CA ILE D 50 -10.73 22.82 2.62
C ILE D 50 -9.27 22.60 2.13
N LYS D 51 -8.39 23.54 2.45
CA LYS D 51 -6.97 23.43 2.09
C LYS D 51 -6.33 22.16 2.67
N GLU D 52 -6.68 21.84 3.91
CA GLU D 52 -6.13 20.68 4.60
C GLU D 52 -6.66 19.39 3.98
N ALA D 53 -7.91 19.40 3.53
CA ALA D 53 -8.39 18.24 2.76
C ALA D 53 -7.56 18.06 1.48
N ALA D 54 -7.33 19.15 0.77
CA ALA D 54 -6.46 19.12 -0.40
C ALA D 54 -5.08 18.51 -0.07
N LYS D 55 -4.47 18.98 1.01
CA LYS D 55 -3.14 18.47 1.37
C LYS D 55 -3.19 16.99 1.72
N ARG D 56 -4.25 16.58 2.41
CA ARG D 56 -4.45 15.16 2.71
C ARG D 56 -4.55 14.29 1.44
N ALA D 57 -5.28 14.77 0.43
CA ALA D 57 -5.35 14.02 -0.84
C ALA D 57 -3.98 13.99 -1.55
N ILE D 58 -3.25 15.09 -1.47
CA ILE D 58 -1.92 15.14 -2.07
C ILE D 58 -1.01 14.09 -1.43
N ASP D 59 -1.08 13.97 -0.12
CA ASP D 59 -0.28 12.97 0.57
C ASP D 59 -0.77 11.53 0.40
N ALA D 60 -2.07 11.35 0.17
CA ALA D 60 -2.57 10.02 -0.14
C ALA D 60 -2.00 9.57 -1.49
N ASP D 61 -1.92 10.51 -2.43
CA ASP D 61 -1.29 10.25 -3.72
C ASP D 61 -1.98 9.13 -4.53
N GLU D 62 -3.29 9.22 -4.68
CA GLU D 62 -4.03 8.20 -5.41
C GLU D 62 -4.52 8.72 -6.75
N SER D 63 -4.44 7.92 -7.80
CA SER D 63 -4.98 8.37 -9.07
C SER D 63 -6.13 7.50 -9.56
N HIS D 64 -7.34 7.79 -9.07
CA HIS D 64 -8.53 7.16 -9.59
C HIS D 64 -8.97 7.93 -10.85
N TYR D 65 -9.92 7.34 -11.56
CA TYR D 65 -10.60 8.04 -12.65
C TYR D 65 -12.06 8.11 -12.26
N THR D 66 -12.54 9.35 -12.17
CA THR D 66 -13.79 9.66 -11.48
C THR D 66 -15.16 9.35 -12.16
N GLY D 67 -15.30 9.49 -13.48
CA GLY D 67 -14.30 10.05 -14.37
C GLY D 67 -14.98 11.16 -15.13
N MET D 68 -15.96 10.78 -15.95
CA MET D 68 -16.74 11.74 -16.71
C MET D 68 -17.53 12.67 -15.78
N ALA D 69 -18.28 12.09 -14.85
CA ALA D 69 -19.20 12.86 -14.00
C ALA D 69 -18.67 13.18 -12.61
N GLY D 70 -17.51 12.63 -12.25
CA GLY D 70 -16.89 12.96 -10.98
C GLY D 70 -17.15 11.94 -9.88
N LEU D 71 -16.32 11.97 -8.84
CA LEU D 71 -16.43 11.07 -7.72
C LEU D 71 -17.86 11.06 -7.21
N LEU D 72 -18.41 9.88 -7.00
CA LEU D 72 -19.78 9.76 -6.54
C LEU D 72 -20.03 10.57 -5.26
N ALA D 73 -19.07 10.54 -4.34
CA ALA D 73 -19.20 11.27 -3.08
C ALA D 73 -19.31 12.79 -3.27
N LEU D 74 -18.66 13.32 -4.30
CA LEU D 74 -18.78 14.74 -4.62
C LEU D 74 -20.18 15.01 -5.17
N ARG D 75 -20.65 14.13 -6.03
CA ARG D 75 -22.02 14.26 -6.52
C ARG D 75 -23.05 14.21 -5.39
N GLN D 76 -22.88 13.30 -4.44
CA GLN D 76 -23.82 13.18 -3.33
C GLN D 76 -23.76 14.43 -2.49
N ALA D 77 -22.54 14.93 -2.28
CA ALA D 77 -22.36 16.11 -1.46
C ALA D 77 -23.04 17.30 -2.11
N ALA D 78 -22.88 17.42 -3.42
CA ALA D 78 -23.48 18.52 -4.17
C ALA D 78 -25.02 18.46 -4.13
N SER D 79 -25.54 17.27 -4.39
CA SER D 79 -26.99 17.03 -4.35
C SER D 79 -27.53 17.47 -3.02
N ALA D 80 -26.94 16.97 -1.94
CA ALA D 80 -27.34 17.35 -0.59
C ALA D 80 -27.28 18.87 -0.36
N PHE D 81 -26.19 19.46 -0.80
CA PHE D 81 -26.00 20.90 -0.64
C PHE D 81 -27.10 21.73 -1.33
N VAL D 82 -27.40 21.44 -2.59
CA VAL D 82 -28.43 22.21 -3.29
C VAL D 82 -29.82 21.89 -2.73
N LYS D 83 -30.00 20.70 -2.20
CA LYS D 83 -31.28 20.39 -1.55
C LYS D 83 -31.49 21.24 -0.29
N GLU D 84 -30.51 21.21 0.60
CA GLU D 84 -30.58 21.99 1.82
C GLU D 84 -30.62 23.51 1.57
N LYS D 85 -29.76 24.01 0.71
CA LYS D 85 -29.65 25.45 0.53
C LYS D 85 -30.75 26.02 -0.35
N TYR D 86 -31.11 25.29 -1.41
CA TYR D 86 -31.99 25.83 -2.44
C TYR D 86 -33.27 25.03 -2.66
N HIS D 87 -33.46 23.98 -1.87
CA HIS D 87 -34.62 23.11 -1.98
C HIS D 87 -34.75 22.48 -3.35
N LEU D 88 -33.60 22.24 -3.99
CA LEU D 88 -33.59 21.59 -5.30
C LEU D 88 -33.25 20.13 -5.17
N THR D 89 -33.87 19.30 -6.01
CA THR D 89 -33.63 17.85 -5.98
C THR D 89 -33.03 17.34 -7.28
N TYR D 90 -31.75 16.99 -7.23
CA TYR D 90 -31.04 16.42 -8.37
C TYR D 90 -30.43 15.10 -7.96
N ASN D 91 -30.66 14.07 -8.78
CA ASN D 91 -30.12 12.74 -8.52
C ASN D 91 -28.60 12.67 -8.76
N PRO D 92 -27.84 12.39 -7.69
CA PRO D 92 -26.38 12.33 -7.77
C PRO D 92 -25.90 11.27 -8.76
N ASP D 93 -26.70 10.22 -8.95
CA ASP D 93 -26.34 9.16 -9.88
C ASP D 93 -26.28 9.61 -11.35
N ASN D 94 -27.15 10.53 -11.76
CA ASN D 94 -27.31 10.84 -13.18
C ASN D 94 -27.70 12.28 -13.53
N GLU D 95 -27.78 13.16 -12.54
CA GLU D 95 -28.17 14.53 -12.85
C GLU D 95 -27.14 15.59 -12.46
N ILE D 96 -25.92 15.16 -12.17
CA ILE D 96 -24.88 16.09 -11.74
C ILE D 96 -23.53 15.80 -12.39
N LEU D 97 -22.93 16.83 -12.99
CA LEU D 97 -21.60 16.71 -13.58
C LEU D 97 -20.59 17.62 -12.89
N VAL D 98 -19.39 17.09 -12.68
CA VAL D 98 -18.29 17.80 -12.07
C VAL D 98 -17.30 18.28 -13.13
N THR D 99 -16.98 19.57 -13.10
CA THR D 99 -16.10 20.13 -14.12
C THR D 99 -14.97 20.91 -13.47
N ILE D 100 -13.98 21.25 -14.29
CA ILE D 100 -12.82 22.03 -13.86
C ILE D 100 -13.13 23.51 -13.92
N GLY D 101 -13.93 24.01 -12.97
CA GLY D 101 -14.32 25.40 -12.99
C GLY D 101 -15.69 25.65 -13.59
N ALA D 102 -16.38 26.67 -13.09
CA ALA D 102 -17.73 26.99 -13.54
C ALA D 102 -17.80 27.51 -14.98
N THR D 103 -16.74 28.16 -15.46
CA THR D 103 -16.79 28.68 -16.81
C THR D 103 -16.68 27.56 -17.83
N GLU D 104 -16.04 26.47 -17.43
CA GLU D 104 -15.93 25.30 -18.30
C GLU D 104 -17.24 24.51 -18.27
N ALA D 105 -17.97 24.60 -17.16
CA ALA D 105 -19.30 23.99 -17.05
C ALA D 105 -20.23 24.70 -18.02
N LEU D 106 -20.19 26.02 -17.94
CA LEU D 106 -20.94 26.87 -18.87
C LEU D 106 -20.61 26.58 -20.33
N SER D 107 -19.33 26.71 -20.69
CA SER D 107 -18.95 26.56 -22.08
C SER D 107 -19.22 25.16 -22.62
N ALA D 108 -18.95 24.12 -21.82
CA ALA D 108 -19.31 22.76 -22.20
C ALA D 108 -20.80 22.62 -22.51
N SER D 109 -21.62 23.15 -21.61
CA SER D 109 -23.08 23.12 -21.79
C SER D 109 -23.53 23.82 -23.07
N LEU D 110 -23.06 25.05 -23.26
CA LEU D 110 -23.31 25.81 -24.48
C LEU D 110 -22.95 25.03 -25.74
N THR D 111 -21.74 24.48 -25.82
CA THR D 111 -21.36 23.78 -27.06
C THR D 111 -22.11 22.47 -27.23
N ALA D 112 -22.67 21.94 -26.14
CA ALA D 112 -23.59 20.81 -26.29
C ALA D 112 -24.92 21.21 -26.91
N ILE D 113 -25.49 22.35 -26.49
CA ILE D 113 -26.85 22.70 -26.93
C ILE D 113 -26.96 23.62 -28.15
N LEU D 114 -25.87 24.27 -28.53
CA LEU D 114 -25.90 25.27 -29.57
C LEU D 114 -25.75 24.68 -31.00
N GLU D 115 -26.28 25.41 -31.99
CA GLU D 115 -26.17 25.08 -33.41
C GLU D 115 -25.91 26.36 -34.18
N PRO D 116 -25.30 26.24 -35.37
CA PRO D 116 -24.88 27.43 -36.14
C PRO D 116 -25.98 28.46 -36.49
N GLY D 117 -27.25 28.08 -36.43
CA GLY D 117 -28.29 29.08 -36.61
C GLY D 117 -28.62 29.88 -35.34
N ASP D 118 -28.42 29.23 -34.21
CA ASP D 118 -29.06 29.61 -32.95
C ASP D 118 -28.81 31.03 -32.44
N LYS D 119 -29.81 31.56 -31.74
CA LYS D 119 -29.68 32.81 -30.99
C LYS D 119 -29.71 32.46 -29.51
N VAL D 120 -29.02 33.27 -28.70
CA VAL D 120 -29.04 33.08 -27.26
C VAL D 120 -29.32 34.44 -26.65
N LEU D 121 -30.34 34.52 -25.80
CA LEU D 121 -30.68 35.80 -25.19
C LEU D 121 -29.84 36.05 -23.93
N LEU D 122 -29.53 37.32 -23.66
CA LEU D 122 -28.79 37.64 -22.45
C LEU D 122 -29.09 39.06 -21.94
N PRO D 123 -29.52 39.19 -20.68
CA PRO D 123 -29.88 40.50 -20.11
C PRO D 123 -28.72 41.48 -19.97
N ALA D 124 -28.99 42.74 -20.29
CA ALA D 124 -27.98 43.76 -20.10
C ALA D 124 -27.78 44.02 -18.60
N PRO D 125 -26.60 44.54 -18.23
CA PRO D 125 -25.42 44.59 -19.11
C PRO D 125 -24.74 43.24 -19.11
N ALA D 126 -24.42 42.76 -20.31
CA ALA D 126 -23.81 41.45 -20.51
C ALA D 126 -22.44 41.32 -19.86
N TYR D 127 -22.21 40.21 -19.16
CA TYR D 127 -20.86 39.86 -18.74
C TYR D 127 -20.17 39.37 -20.00
N PRO D 128 -19.00 39.94 -20.33
CA PRO D 128 -18.39 39.68 -21.64
C PRO D 128 -17.96 38.24 -21.90
N GLY D 129 -17.96 37.40 -20.88
CA GLY D 129 -17.57 36.01 -21.01
C GLY D 129 -18.39 35.07 -21.90
N TYR D 130 -19.71 35.21 -21.93
CA TYR D 130 -20.55 34.25 -22.63
C TYR D 130 -20.43 34.30 -24.16
N GLU D 131 -20.44 35.53 -24.69
CA GLU D 131 -20.54 35.76 -26.14
C GLU D 131 -19.47 35.05 -26.98
N PRO D 132 -18.18 35.18 -26.64
CA PRO D 132 -17.20 34.47 -27.48
C PRO D 132 -17.40 32.96 -27.56
N VAL D 133 -17.84 32.31 -26.48
CA VAL D 133 -18.15 30.89 -26.53
C VAL D 133 -19.33 30.66 -27.46
N VAL D 134 -20.34 31.51 -27.33
CA VAL D 134 -21.47 31.44 -28.27
C VAL D 134 -21.05 31.55 -29.76
N ASN D 135 -20.25 32.57 -30.07
CA ASN D 135 -19.77 32.80 -31.43
C ASN D 135 -18.95 31.63 -31.96
N LEU D 136 -18.03 31.14 -31.12
CA LEU D 136 -17.10 30.08 -31.50
C LEU D 136 -17.81 28.89 -32.17
N VAL D 137 -18.90 28.44 -31.58
CA VAL D 137 -19.63 27.30 -32.15
C VAL D 137 -20.74 27.72 -33.11
N GLY D 138 -20.67 28.95 -33.61
CA GLY D 138 -21.51 29.37 -34.72
C GLY D 138 -22.80 30.11 -34.41
N ALA D 139 -22.99 30.53 -33.17
CA ALA D 139 -24.24 31.19 -32.80
C ALA D 139 -24.03 32.64 -32.37
N GLU D 140 -25.13 33.34 -32.15
CA GLU D 140 -25.09 34.75 -31.85
C GLU D 140 -25.82 35.03 -30.52
N VAL D 141 -25.37 36.05 -29.81
CA VAL D 141 -26.04 36.49 -28.59
C VAL D 141 -26.80 37.79 -28.84
N VAL D 142 -28.08 37.79 -28.50
CA VAL D 142 -28.88 38.99 -28.49
C VAL D 142 -29.06 39.50 -27.08
N GLU D 143 -28.56 40.70 -26.84
CA GLU D 143 -28.62 41.34 -25.55
C GLU D 143 -29.97 42.04 -25.38
N ILE D 144 -30.63 41.77 -24.26
CA ILE D 144 -31.91 42.38 -23.92
C ILE D 144 -31.67 43.73 -23.26
N ASP D 145 -32.21 44.80 -23.84
CA ASP D 145 -32.04 46.10 -23.23
C ASP D 145 -32.91 46.13 -21.99
N THR D 146 -32.40 46.73 -20.95
CA THR D 146 -32.88 46.41 -19.64
C THR D 146 -32.65 47.66 -18.77
N ARG D 147 -32.15 48.71 -19.41
CA ARG D 147 -31.91 50.00 -18.77
C ARG D 147 -33.16 50.60 -18.10
N SER D 148 -34.31 50.44 -18.75
CA SER D 148 -35.55 51.07 -18.28
C SER D 148 -35.99 50.52 -16.93
N ASN D 149 -35.43 49.38 -16.52
CA ASN D 149 -35.72 48.86 -15.18
C ASN D 149 -34.49 48.86 -14.25
N ASP D 150 -33.54 49.75 -14.53
CA ASP D 150 -32.28 49.82 -13.78
C ASP D 150 -31.60 48.44 -13.70
N PHE D 151 -31.60 47.72 -14.83
CA PHE D 151 -30.84 46.49 -15.00
C PHE D 151 -31.44 45.28 -14.29
N VAL D 152 -32.74 45.32 -14.06
CA VAL D 152 -33.47 44.18 -13.53
C VAL D 152 -34.37 43.66 -14.64
N LEU D 153 -34.11 42.43 -15.09
CA LEU D 153 -34.90 41.81 -16.15
C LEU D 153 -36.37 41.73 -15.78
N THR D 154 -37.21 42.18 -16.70
CA THR D 154 -38.65 42.21 -16.51
C THR D 154 -39.23 41.08 -17.36
N PRO D 155 -40.31 40.41 -16.91
CA PRO D 155 -40.90 39.32 -17.69
C PRO D 155 -41.31 39.78 -19.07
N GLU D 156 -41.77 41.02 -19.16
CA GLU D 156 -42.22 41.61 -20.42
C GLU D 156 -41.02 41.85 -21.34
N MET D 157 -39.92 42.32 -20.77
CA MET D 157 -38.65 42.40 -21.50
C MET D 157 -38.31 41.07 -22.11
N LEU D 158 -38.47 40.03 -21.31
CA LEU D 158 -38.12 38.67 -21.69
C LEU D 158 -38.98 38.17 -22.83
N GLU D 159 -40.30 38.26 -22.65
CA GLU D 159 -41.22 37.73 -23.65
C GLU D 159 -41.05 38.49 -24.95
N GLU D 160 -41.01 39.81 -24.85
CA GLU D 160 -40.82 40.66 -26.02
C GLU D 160 -39.56 40.27 -26.79
N ALA D 161 -38.45 40.10 -26.07
CA ALA D 161 -37.20 39.65 -26.68
C ALA D 161 -37.31 38.24 -27.27
N ILE D 162 -38.01 37.34 -26.59
CA ILE D 162 -38.14 35.96 -27.03
C ILE D 162 -38.93 35.84 -28.32
N LEU D 163 -40.08 36.50 -28.37
CA LEU D 163 -40.93 36.53 -29.55
C LEU D 163 -40.23 37.22 -30.70
N LYS D 164 -39.46 38.27 -30.39
CA LYS D 164 -38.67 38.96 -31.40
C LYS D 164 -37.80 38.01 -32.23
N GLU D 165 -37.39 36.88 -31.64
CA GLU D 165 -36.63 35.88 -32.37
C GLU D 165 -37.43 34.58 -32.39
N GLY D 166 -36.90 33.53 -33.00
CA GLY D 166 -37.58 32.25 -32.96
C GLY D 166 -38.01 31.77 -34.34
N GLU D 167 -37.90 30.47 -34.58
CA GLU D 167 -37.35 29.55 -33.59
C GLU D 167 -35.85 29.40 -33.78
N ALA D 168 -35.18 30.51 -34.11
CA ALA D 168 -33.73 30.57 -34.09
C ALA D 168 -33.23 30.67 -32.64
N LEU D 169 -34.13 31.09 -31.73
CA LEU D 169 -33.85 31.15 -30.29
C LEU D 169 -33.66 29.74 -29.73
N LYS D 170 -32.49 29.51 -29.14
CA LYS D 170 -32.16 28.22 -28.57
C LYS D 170 -32.06 28.29 -27.04
N ALA D 171 -31.64 29.44 -26.53
CA ALA D 171 -31.35 29.54 -25.12
C ALA D 171 -31.45 30.96 -24.54
N VAL D 172 -31.69 31.01 -23.24
CA VAL D 172 -31.61 32.23 -22.47
C VAL D 172 -30.54 31.97 -21.42
N ILE D 173 -29.68 32.95 -21.21
CA ILE D 173 -28.71 32.88 -20.14
C ILE D 173 -29.19 33.82 -19.05
N LEU D 174 -29.31 33.32 -17.83
CA LEU D 174 -29.63 34.19 -16.71
C LEU D 174 -28.49 34.14 -15.70
N ASN D 175 -27.98 35.30 -15.33
CA ASN D 175 -26.90 35.39 -14.37
C ASN D 175 -27.38 36.13 -13.12
N TYR D 176 -27.62 35.38 -12.06
CA TYR D 176 -28.13 35.95 -10.82
C TYR D 176 -27.62 35.15 -9.62
N PRO D 177 -27.07 35.84 -8.59
CA PRO D 177 -26.81 37.28 -8.58
C PRO D 177 -25.85 37.66 -9.71
N THR D 178 -25.97 38.89 -10.23
CA THR D 178 -25.44 39.31 -11.53
C THR D 178 -24.12 40.08 -11.50
N ASN D 179 -23.20 39.68 -12.37
CA ASN D 179 -22.03 40.47 -12.71
C ASN D 179 -22.43 41.21 -13.97
N PRO D 180 -22.38 42.55 -13.99
CA PRO D 180 -21.67 43.48 -13.09
C PRO D 180 -22.51 44.33 -12.15
N THR D 181 -23.77 43.99 -11.96
CA THR D 181 -24.67 44.92 -11.27
C THR D 181 -24.94 44.63 -9.80
N GLY D 182 -24.90 43.36 -9.43
CA GLY D 182 -25.14 42.97 -8.06
C GLY D 182 -26.61 42.66 -7.85
N VAL D 183 -27.34 42.71 -8.97
CA VAL D 183 -28.76 42.45 -9.02
C VAL D 183 -29.10 41.04 -8.58
N THR D 184 -30.20 40.90 -7.81
CA THR D 184 -30.77 39.61 -7.46
C THR D 184 -32.27 39.65 -7.70
N TYR D 185 -32.86 38.48 -7.84
CA TYR D 185 -34.27 38.38 -8.13
C TYR D 185 -34.97 37.66 -7.00
N SER D 186 -36.06 38.25 -6.52
CA SER D 186 -36.84 37.64 -5.46
C SER D 186 -37.51 36.36 -5.96
N ARG D 187 -38.01 35.56 -5.03
CA ARG D 187 -38.78 34.35 -5.37
C ARG D 187 -39.90 34.64 -6.36
N GLN D 188 -40.61 35.73 -6.13
CA GLN D 188 -41.72 36.12 -6.98
C GLN D 188 -41.26 36.51 -8.39
N GLN D 189 -40.23 37.36 -8.46
CA GLN D 189 -39.61 37.71 -9.73
C GLN D 189 -39.15 36.46 -10.49
N ILE D 190 -38.50 35.54 -9.77
CA ILE D 190 -38.04 34.30 -10.40
C ILE D 190 -39.23 33.50 -10.94
N LYS D 191 -40.31 33.48 -10.18
CA LYS D 191 -41.53 32.76 -10.56
C LYS D 191 -42.14 33.35 -11.85
N ASN D 192 -42.24 34.67 -11.91
CA ASN D 192 -42.75 35.33 -13.11
C ASN D 192 -41.88 35.09 -14.36
N LEU D 193 -40.56 35.16 -14.19
CA LEU D 193 -39.65 34.81 -15.28
C LEU D 193 -39.92 33.39 -15.75
N ALA D 194 -40.07 32.47 -14.81
CA ALA D 194 -40.33 31.08 -15.14
C ALA D 194 -41.64 30.93 -15.89
N GLU D 195 -42.61 31.76 -15.54
CA GLU D 195 -43.94 31.72 -16.14
C GLU D 195 -43.86 32.12 -17.61
N VAL D 196 -43.01 33.09 -17.91
CA VAL D 196 -42.76 33.42 -19.31
C VAL D 196 -41.97 32.29 -20.01
N LEU D 197 -40.97 31.76 -19.32
CA LEU D 197 -40.01 30.85 -19.97
C LEU D 197 -40.59 29.47 -20.31
N LYS D 198 -41.50 28.96 -19.47
CA LYS D 198 -42.03 27.62 -19.65
C LYS D 198 -42.83 27.47 -20.93
N LYS D 199 -43.14 28.61 -21.56
CA LYS D 199 -43.98 28.63 -22.75
C LYS D 199 -43.25 28.33 -24.07
N TYR D 200 -41.91 28.33 -24.04
CA TYR D 200 -41.10 28.21 -25.26
C TYR D 200 -40.06 27.08 -25.17
N PRO D 201 -39.86 26.35 -26.27
CA PRO D 201 -39.00 25.16 -26.18
C PRO D 201 -37.50 25.51 -26.17
N ILE D 202 -37.10 26.39 -25.25
CA ILE D 202 -35.71 26.85 -25.18
C ILE D 202 -35.03 26.37 -23.91
N PHE D 203 -33.70 26.37 -23.92
CA PHE D 203 -32.91 26.02 -22.75
C PHE D 203 -32.75 27.26 -21.87
N VAL D 204 -32.77 27.05 -20.57
CA VAL D 204 -32.41 28.13 -19.65
C VAL D 204 -31.09 27.78 -18.97
N ILE D 205 -30.03 28.50 -19.32
CA ILE D 205 -28.74 28.31 -18.68
C ILE D 205 -28.78 29.20 -17.47
N SER D 206 -28.84 28.60 -16.27
CA SER D 206 -28.95 29.41 -15.05
C SER D 206 -27.59 29.49 -14.35
N ASP D 207 -26.94 30.63 -14.49
CA ASP D 207 -25.61 30.84 -13.92
C ASP D 207 -25.68 31.39 -12.50
N GLU D 208 -25.55 30.51 -11.53
CA GLU D 208 -25.83 30.85 -10.14
C GLU D 208 -24.58 30.70 -9.27
N VAL D 209 -23.42 30.98 -9.84
CA VAL D 209 -22.19 30.85 -9.06
C VAL D 209 -22.17 31.76 -7.83
N TYR D 210 -22.79 32.93 -7.94
CA TYR D 210 -22.79 33.88 -6.85
C TYR D 210 -23.92 33.65 -5.81
N ALA D 211 -24.68 32.57 -5.93
CA ALA D 211 -25.87 32.35 -5.09
C ALA D 211 -25.66 32.54 -3.59
N GLU D 212 -24.59 31.96 -3.04
CA GLU D 212 -24.32 32.10 -1.62
C GLU D 212 -24.08 33.56 -1.21
N LEU D 213 -23.71 34.39 -2.18
CA LEU D 213 -23.43 35.78 -1.88
C LEU D 213 -24.66 36.62 -2.15
N THR D 214 -25.67 36.43 -1.31
CA THR D 214 -26.95 37.13 -1.44
C THR D 214 -27.26 37.84 -0.13
N TYR D 215 -27.56 39.13 -0.22
CA TYR D 215 -27.56 39.98 0.96
C TYR D 215 -28.95 40.41 1.47
N THR D 216 -29.99 39.77 0.94
CA THR D 216 -31.38 40.19 1.19
C THR D 216 -32.09 39.56 2.39
N GLY D 217 -31.48 38.63 3.09
CA GLY D 217 -32.19 38.01 4.20
C GLY D 217 -33.15 36.89 3.82
N GLU D 218 -33.77 37.00 2.63
CA GLU D 218 -34.35 35.82 2.01
C GLU D 218 -33.23 35.17 1.21
N SER D 219 -32.97 33.89 1.41
CA SER D 219 -31.89 33.26 0.67
C SER D 219 -32.20 33.17 -0.83
N HIS D 220 -31.17 32.85 -1.61
CA HIS D 220 -31.24 32.74 -3.06
C HIS D 220 -32.30 31.76 -3.58
N VAL D 221 -33.07 32.17 -4.58
CA VAL D 221 -34.01 31.25 -5.21
C VAL D 221 -33.59 30.96 -6.65
N SER D 222 -33.46 29.67 -6.99
CA SER D 222 -33.11 29.24 -8.34
C SER D 222 -34.32 29.09 -9.24
N ILE D 223 -34.17 29.46 -10.51
CA ILE D 223 -35.26 29.27 -11.46
C ILE D 223 -35.51 27.80 -11.75
N ALA D 224 -34.56 26.95 -11.38
CA ALA D 224 -34.71 25.51 -11.59
C ALA D 224 -35.79 24.93 -10.70
N GLU D 225 -36.06 25.59 -9.58
CA GLU D 225 -37.13 25.15 -8.69
C GLU D 225 -38.48 25.30 -9.36
N TYR D 226 -38.62 26.34 -10.18
CA TYR D 226 -39.88 26.57 -10.90
C TYR D 226 -39.85 26.01 -12.32
N LEU D 227 -38.65 25.86 -12.89
CA LEU D 227 -38.48 25.31 -14.23
C LEU D 227 -37.52 24.13 -14.25
N PRO D 228 -37.86 23.02 -13.60
CA PRO D 228 -36.94 21.89 -13.45
C PRO D 228 -36.55 21.20 -14.75
N ASP D 229 -37.34 21.35 -15.82
CA ASP D 229 -37.10 20.53 -17.01
C ASP D 229 -36.34 21.23 -18.12
N GLN D 230 -36.26 22.55 -18.08
CA GLN D 230 -35.52 23.26 -19.12
C GLN D 230 -34.31 24.03 -18.59
N THR D 231 -34.08 23.90 -17.28
CA THR D 231 -32.96 24.58 -16.65
C THR D 231 -31.69 23.71 -16.58
N ILE D 232 -30.59 24.27 -17.04
CA ILE D 232 -29.29 23.70 -16.85
C ILE D 232 -28.62 24.62 -15.85
N LEU D 233 -28.49 24.13 -14.62
CA LEU D 233 -27.93 24.91 -13.53
C LEU D 233 -26.39 24.82 -13.44
N ILE D 234 -25.77 25.97 -13.61
CA ILE D 234 -24.32 26.10 -13.62
C ILE D 234 -23.92 26.68 -12.29
N SER D 235 -23.02 25.99 -11.58
CA SER D 235 -22.52 26.52 -10.33
C SER D 235 -21.04 26.17 -10.17
N GLY D 236 -20.50 26.45 -8.99
CA GLY D 236 -19.14 26.09 -8.65
C GLY D 236 -18.87 26.61 -7.26
N LEU D 237 -17.62 26.55 -6.82
CA LEU D 237 -17.30 26.92 -5.44
C LEU D 237 -16.36 28.10 -5.35
N SER D 238 -16.14 28.80 -6.45
CA SER D 238 -15.20 29.90 -6.43
C SER D 238 -15.75 31.07 -5.61
N LYS D 239 -17.06 31.27 -5.63
CA LYS D 239 -17.63 32.43 -4.94
C LYS D 239 -18.02 32.07 -3.53
N SER D 240 -18.68 30.91 -3.38
CA SER D 240 -19.18 30.46 -2.09
C SER D 240 -18.08 30.08 -1.12
N HIS D 241 -17.01 29.47 -1.63
CA HIS D 241 -15.99 28.92 -0.76
C HIS D 241 -14.60 29.48 -1.07
N ALA D 242 -14.56 30.50 -1.92
CA ALA D 242 -13.31 31.15 -2.33
C ALA D 242 -12.31 30.14 -2.89
N MET D 243 -12.79 29.14 -3.60
CA MET D 243 -11.89 28.16 -4.21
C MET D 243 -11.53 28.66 -5.61
N THR D 244 -10.74 29.72 -5.66
CA THR D 244 -10.57 30.49 -6.86
C THR D 244 -9.38 30.03 -7.73
N GLY D 245 -8.37 29.44 -7.11
CA GLY D 245 -7.31 28.82 -7.90
C GLY D 245 -7.66 27.40 -8.35
N TRP D 246 -8.71 26.86 -7.74
CA TRP D 246 -9.00 25.43 -7.67
C TRP D 246 -9.79 24.86 -8.82
N ARG D 247 -10.64 25.68 -9.44
CA ARG D 247 -11.39 25.24 -10.60
C ARG D 247 -12.30 24.02 -10.32
N LEU D 248 -13.37 24.20 -9.56
CA LEU D 248 -14.39 23.15 -9.52
C LEU D 248 -15.80 23.67 -9.88
N GLY D 249 -16.27 23.29 -11.06
CA GLY D 249 -17.59 23.65 -11.51
C GLY D 249 -18.59 22.53 -11.34
N LEU D 250 -19.86 22.88 -11.39
CA LEU D 250 -20.95 21.94 -11.16
C LEU D 250 -22.04 22.18 -12.19
N ILE D 251 -22.59 21.11 -12.73
CA ILE D 251 -23.77 21.22 -13.60
C ILE D 251 -24.86 20.34 -13.04
N PHE D 252 -26.02 20.93 -12.76
CA PHE D 252 -27.20 20.18 -12.36
C PHE D 252 -28.19 20.27 -13.48
N ALA D 253 -28.68 19.14 -13.96
CA ALA D 253 -29.71 19.15 -14.99
C ALA D 253 -30.49 17.84 -14.95
N PRO D 254 -31.76 17.86 -15.43
CA PRO D 254 -32.54 16.62 -15.51
C PRO D 254 -31.76 15.51 -16.24
N ALA D 255 -31.89 14.28 -15.73
CA ALA D 255 -31.15 13.13 -16.25
C ALA D 255 -31.05 13.05 -17.77
N VAL D 256 -32.17 13.27 -18.46
CA VAL D 256 -32.21 13.16 -19.92
C VAL D 256 -31.40 14.26 -20.58
N LEU D 257 -31.26 15.40 -19.90
CA LEU D 257 -30.44 16.45 -20.47
C LEU D 257 -28.97 16.15 -20.19
N THR D 258 -28.66 15.79 -18.95
CA THR D 258 -27.29 15.47 -18.53
C THR D 258 -26.69 14.36 -19.38
N ALA D 259 -27.53 13.40 -19.76
CA ALA D 259 -27.12 12.35 -20.69
C ALA D 259 -26.54 12.93 -21.98
N GLN D 260 -27.15 13.99 -22.48
CA GLN D 260 -26.65 14.66 -23.67
C GLN D 260 -25.42 15.50 -23.36
N LEU D 261 -25.47 16.29 -22.28
CA LEU D 261 -24.35 17.14 -21.87
C LEU D 261 -23.05 16.38 -21.73
N ILE D 262 -23.11 15.24 -21.04
CA ILE D 262 -21.91 14.47 -20.73
C ILE D 262 -21.20 13.98 -22.00
N LYS D 263 -21.93 13.90 -23.12
CA LYS D 263 -21.33 13.52 -24.38
C LYS D 263 -20.33 14.59 -24.82
N SER D 264 -20.81 15.82 -24.89
CA SER D 264 -19.97 16.97 -25.22
C SER D 264 -18.81 17.07 -24.24
N HIS D 265 -19.20 17.23 -22.97
CA HIS D 265 -18.30 17.24 -21.81
C HIS D 265 -17.12 16.25 -21.92
N GLN D 266 -17.42 14.94 -21.98
CA GLN D 266 -16.41 13.87 -21.99
C GLN D 266 -15.23 14.07 -22.93
N TYR D 267 -15.49 14.60 -24.11
CA TYR D 267 -14.46 14.64 -25.14
C TYR D 267 -13.95 16.05 -25.39
N LEU D 268 -14.64 17.06 -24.87
CA LEU D 268 -14.11 18.40 -25.07
C LEU D 268 -13.34 18.95 -23.89
N VAL D 269 -13.32 18.22 -22.78
CA VAL D 269 -12.82 18.77 -21.53
C VAL D 269 -12.33 17.70 -20.53
N THR D 270 -11.42 18.09 -19.65
CA THR D 270 -10.71 17.15 -18.75
C THR D 270 -11.41 16.99 -17.39
N ALA D 271 -11.39 15.79 -16.81
CA ALA D 271 -11.96 15.58 -15.48
C ALA D 271 -11.27 16.44 -14.43
N ALA D 272 -12.01 16.85 -13.40
CA ALA D 272 -11.44 17.65 -12.31
C ALA D 272 -10.35 16.86 -11.58
N THR D 273 -9.30 17.56 -11.16
CA THR D 273 -8.22 16.94 -10.39
C THR D 273 -8.81 16.29 -9.14
N THR D 274 -8.40 15.06 -8.83
CA THR D 274 -9.07 14.34 -7.76
C THR D 274 -8.86 14.95 -6.37
N SER D 275 -7.73 15.60 -6.17
CA SER D 275 -7.47 16.25 -4.89
C SER D 275 -8.38 17.46 -4.74
N VAL D 276 -8.71 18.09 -5.87
CA VAL D 276 -9.70 19.17 -5.88
C VAL D 276 -11.08 18.63 -5.58
N GLN D 277 -11.42 17.48 -6.15
CA GLN D 277 -12.70 16.87 -5.90
C GLN D 277 -12.86 16.55 -4.41
N PHE D 278 -11.78 16.09 -3.79
CA PHE D 278 -11.80 15.83 -2.36
C PHE D 278 -11.94 17.11 -1.53
N ALA D 279 -11.21 18.15 -1.91
CA ALA D 279 -11.37 19.44 -1.26
C ALA D 279 -12.81 19.93 -1.37
N ALA D 280 -13.42 19.69 -2.52
CA ALA D 280 -14.81 20.08 -2.75
C ALA D 280 -15.73 19.26 -1.86
N ILE D 281 -15.40 17.98 -1.62
CA ILE D 281 -16.21 17.18 -0.72
C ILE D 281 -16.16 17.79 0.67
N GLU D 282 -14.96 18.11 1.12
CA GLU D 282 -14.79 18.79 2.40
C GLU D 282 -15.57 20.11 2.45
N ALA D 283 -15.56 20.84 1.34
CA ALA D 283 -16.25 22.12 1.24
C ALA D 283 -17.75 21.96 1.39
N LEU D 284 -18.29 20.96 0.71
CA LEU D 284 -19.75 20.80 0.61
C LEU D 284 -20.35 19.98 1.72
N THR D 285 -19.51 19.32 2.49
CA THR D 285 -20.04 18.57 3.61
C THR D 285 -19.74 19.27 4.92
N ASN D 286 -18.53 19.79 5.07
CA ASN D 286 -18.17 20.42 6.35
C ASN D 286 -18.04 21.93 6.31
N GLY D 287 -18.36 22.52 5.18
CA GLY D 287 -18.24 23.95 5.04
C GLY D 287 -19.45 24.63 4.44
N LYS D 288 -20.62 24.08 4.75
CA LYS D 288 -21.88 24.60 4.22
C LYS D 288 -22.09 26.07 4.57
N ASP D 289 -21.51 26.51 5.67
CA ASP D 289 -21.69 27.88 6.09
C ASP D 289 -20.46 28.73 5.87
N ASP D 290 -19.48 28.21 5.12
CA ASP D 290 -18.19 28.90 4.95
C ASP D 290 -18.39 30.32 4.41
N ALA D 291 -19.48 30.57 3.72
CA ALA D 291 -19.67 31.87 3.10
C ALA D 291 -20.10 32.97 4.06
N LEU D 292 -20.66 32.61 5.21
CA LEU D 292 -21.21 33.62 6.11
C LEU D 292 -20.26 34.74 6.56
N PRO D 293 -19.06 34.40 7.07
CA PRO D 293 -18.12 35.46 7.46
C PRO D 293 -17.72 36.34 6.29
N MET D 294 -17.57 35.71 5.12
CA MET D 294 -17.19 36.43 3.92
C MET D 294 -18.30 37.39 3.50
N LYS D 295 -19.52 36.90 3.59
CA LYS D 295 -20.72 37.66 3.26
C LYS D 295 -20.79 38.89 4.17
N GLU D 296 -20.47 38.70 5.44
CA GLU D 296 -20.44 39.82 6.38
C GLU D 296 -19.38 40.87 5.99
N GLU D 297 -18.18 40.42 5.63
CA GLU D 297 -17.15 41.39 5.17
C GLU D 297 -17.60 42.15 3.92
N TYR D 298 -18.25 41.42 3.02
CA TYR D 298 -18.70 41.98 1.77
C TYR D 298 -19.74 43.07 2.02
N ILE D 299 -20.71 42.79 2.89
CA ILE D 299 -21.76 43.75 3.18
C ILE D 299 -21.20 45.00 3.83
N LYS D 300 -20.22 44.85 4.74
CA LYS D 300 -19.54 46.05 5.28
C LYS D 300 -18.83 46.90 4.19
N ARG D 301 -18.06 46.25 3.32
CA ARG D 301 -17.42 46.96 2.19
C ARG D 301 -18.45 47.69 1.32
N ARG D 302 -19.50 46.95 0.97
CA ARG D 302 -20.56 47.45 0.10
C ARG D 302 -21.26 48.67 0.71
N ASP D 303 -21.57 48.58 1.99
CA ASP D 303 -22.21 49.69 2.68
C ASP D 303 -21.29 50.92 2.66
N TYR D 304 -20.00 50.71 2.96
CA TYR D 304 -19.04 51.83 2.97
C TYR D 304 -19.02 52.53 1.63
N ILE D 305 -18.97 51.72 0.58
CA ILE D 305 -18.84 52.24 -0.78
C ILE D 305 -20.11 53.00 -1.14
N ILE D 306 -21.26 52.46 -0.78
CA ILE D 306 -22.51 53.11 -1.11
C ILE D 306 -22.65 54.47 -0.44
N GLU D 307 -22.26 54.53 0.84
CA GLU D 307 -22.29 55.81 1.54
C GLU D 307 -21.38 56.85 0.83
N LYS D 308 -20.13 56.48 0.55
CA LYS D 308 -19.23 57.42 -0.15
C LYS D 308 -19.70 57.82 -1.56
N MET D 309 -20.05 56.83 -2.38
CA MET D 309 -20.49 57.06 -3.75
C MET D 309 -21.74 57.94 -3.79
N GLU D 310 -22.69 57.66 -2.91
CA GLU D 310 -23.91 58.45 -2.91
C GLU D 310 -23.60 59.87 -2.46
N ALA D 311 -22.74 60.01 -1.46
CA ALA D 311 -22.30 61.35 -1.03
C ALA D 311 -21.68 62.16 -2.18
N MET D 312 -20.94 61.49 -3.07
CA MET D 312 -20.39 62.10 -4.28
C MET D 312 -21.42 62.14 -5.41
N LYS D 313 -22.68 61.90 -5.09
CA LYS D 313 -23.78 62.02 -6.05
C LYS D 313 -23.83 61.04 -7.23
N PHE D 314 -23.08 59.94 -7.12
CA PHE D 314 -23.23 58.82 -8.04
C PHE D 314 -24.58 58.13 -7.83
N LYS D 315 -25.21 57.72 -8.91
CA LYS D 315 -26.45 56.95 -8.83
C LYS D 315 -26.08 55.47 -8.80
N ILE D 316 -26.41 54.78 -7.71
CA ILE D 316 -26.00 53.39 -7.52
C ILE D 316 -27.12 52.41 -7.84
N ILE D 317 -26.84 51.42 -8.68
CA ILE D 317 -27.81 50.35 -8.93
C ILE D 317 -27.78 49.44 -7.70
N LYS D 318 -28.97 49.11 -7.19
CA LYS D 318 -29.10 48.36 -5.92
C LYS D 318 -28.38 47.01 -5.97
N PRO D 319 -27.30 46.90 -5.20
CA PRO D 319 -26.48 45.69 -5.12
C PRO D 319 -26.94 44.75 -4.00
N ASP D 320 -27.68 43.71 -4.34
CA ASP D 320 -28.16 42.74 -3.35
C ASP D 320 -27.39 41.42 -3.38
N GLY D 321 -26.45 41.29 -4.32
CA GLY D 321 -25.61 40.12 -4.50
C GLY D 321 -24.21 40.52 -4.94
N ALA D 322 -23.22 39.67 -4.66
CA ALA D 322 -21.85 40.17 -4.54
C ALA D 322 -21.26 40.20 -5.89
N PHE D 323 -20.16 40.94 -6.05
CA PHE D 323 -19.61 41.89 -5.07
C PHE D 323 -19.24 43.09 -5.92
N TYR D 324 -20.23 43.51 -6.70
CA TYR D 324 -20.04 44.55 -7.68
C TYR D 324 -20.99 45.71 -7.42
N ILE D 325 -20.43 46.91 -7.50
CA ILE D 325 -21.22 48.15 -7.50
C ILE D 325 -21.21 48.70 -8.93
N PHE D 326 -22.38 48.86 -9.53
CA PHE D 326 -22.47 49.45 -10.86
C PHE D 326 -23.01 50.86 -10.68
N ALA D 327 -22.17 51.87 -10.89
CA ALA D 327 -22.56 53.24 -10.56
C ALA D 327 -22.54 54.18 -11.77
N LYS D 328 -23.60 54.99 -11.87
CA LYS D 328 -23.73 56.00 -12.93
C LYS D 328 -22.87 57.23 -12.65
N ILE D 329 -22.09 57.65 -13.63
CA ILE D 329 -21.31 58.87 -13.48
C ILE D 329 -22.25 60.04 -13.69
N PRO D 330 -22.30 60.95 -12.72
CA PRO D 330 -23.24 62.07 -12.81
C PRO D 330 -22.76 63.15 -13.79
N VAL D 331 -21.49 63.54 -13.67
CA VAL D 331 -20.88 64.52 -14.59
C VAL D 331 -20.93 64.01 -16.04
N ALA D 332 -20.93 64.95 -16.99
CA ALA D 332 -21.11 64.60 -18.39
C ALA D 332 -19.91 63.86 -19.00
N GLN D 333 -18.75 63.97 -18.33
CA GLN D 333 -17.56 63.24 -18.76
C GLN D 333 -17.85 61.74 -18.77
N GLY D 334 -18.77 61.32 -17.90
CA GLY D 334 -19.17 59.94 -17.80
C GLY D 334 -19.91 59.42 -19.02
N GLN D 335 -20.29 60.31 -19.93
CA GLN D 335 -20.87 59.89 -21.21
C GLN D 335 -19.90 59.00 -21.97
N ASP D 336 -18.62 59.11 -21.60
CA ASP D 336 -17.58 58.23 -22.11
C ASP D 336 -16.91 57.61 -20.89
N SER D 337 -17.43 56.48 -20.43
CA SER D 337 -16.94 55.86 -19.19
C SER D 337 -15.49 55.48 -19.31
N PHE D 338 -15.12 54.98 -20.49
CA PHE D 338 -13.76 54.56 -20.81
C PHE D 338 -12.74 55.67 -20.56
N LYS D 339 -12.86 56.77 -21.29
CA LYS D 339 -11.96 57.92 -21.11
C LYS D 339 -12.05 58.45 -19.69
N PHE D 340 -13.27 58.52 -19.15
CA PHE D 340 -13.44 59.00 -17.78
C PHE D 340 -12.59 58.19 -16.78
N LEU D 341 -12.56 56.87 -16.95
CA LEU D 341 -11.80 56.02 -16.04
C LEU D 341 -10.31 56.03 -16.35
N GLN D 342 -9.97 56.14 -17.63
CA GLN D 342 -8.59 56.37 -18.04
C GLN D 342 -8.04 57.58 -17.32
N ASP D 343 -8.84 58.64 -17.29
CA ASP D 343 -8.45 59.90 -16.66
C ASP D 343 -8.36 59.76 -15.14
N PHE D 344 -9.31 59.02 -14.57
CA PHE D 344 -9.24 58.72 -13.14
C PHE D 344 -7.94 57.98 -12.81
N ALA D 345 -7.65 56.92 -13.55
CA ALA D 345 -6.42 56.16 -13.39
C ALA D 345 -5.17 57.02 -13.56
N LYS D 346 -5.16 57.84 -14.61
CA LYS D 346 -4.03 58.74 -14.89
C LYS D 346 -3.78 59.66 -13.72
N GLU D 347 -4.86 60.23 -13.18
CA GLU D 347 -4.74 61.27 -12.18
C GLU D 347 -4.61 60.80 -10.71
N LYS D 348 -5.15 59.63 -10.38
CA LYS D 348 -5.15 59.15 -8.99
C LYS D 348 -4.65 57.72 -8.83
N ALA D 349 -4.28 57.09 -9.93
CA ALA D 349 -3.78 55.71 -9.89
C ALA D 349 -4.76 54.75 -9.20
N VAL D 350 -6.02 54.75 -9.63
CA VAL D 350 -6.93 53.68 -9.27
C VAL D 350 -7.71 53.24 -10.50
N ALA D 351 -7.99 51.94 -10.61
CA ALA D 351 -8.66 51.39 -11.78
C ALA D 351 -10.03 50.79 -11.44
N PHE D 352 -11.07 51.24 -12.15
CA PHE D 352 -12.35 50.55 -12.14
C PHE D 352 -12.50 49.95 -13.53
N ILE D 353 -13.66 49.37 -13.82
CA ILE D 353 -13.96 48.91 -15.16
C ILE D 353 -15.14 49.70 -15.75
N PRO D 354 -14.93 50.28 -16.95
CA PRO D 354 -15.98 51.07 -17.60
C PRO D 354 -17.22 50.25 -17.92
N GLY D 355 -18.38 50.90 -17.85
CA GLY D 355 -19.65 50.28 -18.17
C GLY D 355 -19.69 49.77 -19.60
N VAL D 356 -18.90 50.34 -20.50
CA VAL D 356 -18.88 49.88 -21.89
C VAL D 356 -18.41 48.46 -22.01
N ALA D 357 -17.56 48.06 -21.07
CA ALA D 357 -16.95 46.73 -21.14
C ALA D 357 -17.99 45.63 -21.01
N PHE D 358 -19.24 46.01 -20.72
CA PHE D 358 -20.31 45.07 -20.43
C PHE D 358 -21.49 45.18 -21.38
N GLY D 359 -21.26 44.96 -22.66
CA GLY D 359 -22.34 44.95 -23.64
C GLY D 359 -22.64 46.33 -24.21
N LYS D 360 -23.78 46.43 -24.90
CA LYS D 360 -24.19 47.63 -25.63
C LYS D 360 -24.71 48.74 -24.75
N TYR D 361 -25.28 48.40 -23.60
CA TYR D 361 -26.10 49.34 -22.85
C TYR D 361 -25.48 49.77 -21.53
N GLY D 362 -24.16 49.69 -21.45
CA GLY D 362 -23.48 49.92 -20.18
C GLY D 362 -22.93 51.32 -19.99
N GLU D 363 -22.89 52.12 -21.06
CA GLU D 363 -22.27 53.44 -21.01
C GLU D 363 -22.79 54.34 -19.88
N GLY D 364 -21.94 55.27 -19.42
CA GLY D 364 -22.34 56.17 -18.35
C GLY D 364 -22.14 55.58 -16.97
N TYR D 365 -21.78 54.30 -16.93
CA TYR D 365 -21.53 53.59 -15.68
C TYR D 365 -20.09 53.11 -15.54
N LEU D 366 -19.68 52.86 -14.30
CA LEU D 366 -18.47 52.09 -14.04
C LEU D 366 -18.79 50.95 -13.08
N ARG D 367 -17.92 49.93 -13.09
CA ARG D 367 -18.04 48.83 -12.15
C ARG D 367 -16.90 48.85 -11.16
N ILE D 368 -17.29 48.80 -9.91
CA ILE D 368 -16.37 48.67 -8.81
C ILE D 368 -16.51 47.24 -8.32
N SER D 369 -15.38 46.58 -8.07
CA SER D 369 -15.45 45.30 -7.43
C SER D 369 -14.98 45.45 -6.03
N TYR D 370 -15.82 45.09 -5.07
CA TYR D 370 -15.38 45.19 -3.69
C TYR D 370 -14.89 43.86 -3.12
N ALA D 371 -14.47 42.96 -3.99
CA ALA D 371 -13.60 41.88 -3.56
C ALA D 371 -12.22 42.51 -3.49
N ALA D 372 -11.96 43.18 -2.39
CA ALA D 372 -10.76 43.96 -2.19
C ALA D 372 -10.77 44.40 -0.74
N SER D 373 -9.60 44.68 -0.20
CA SER D 373 -9.51 44.98 1.20
C SER D 373 -10.10 46.34 1.50
N MET D 374 -10.47 46.54 2.76
CA MET D 374 -11.10 47.78 3.20
C MET D 374 -10.14 48.94 3.03
N GLU D 375 -8.85 48.66 3.24
CA GLU D 375 -7.82 49.68 3.10
C GLU D 375 -7.83 50.26 1.69
N THR D 376 -7.79 49.39 0.68
CA THR D 376 -7.69 49.88 -0.69
C THR D 376 -9.01 50.49 -1.14
N ILE D 377 -10.11 49.98 -0.62
CA ILE D 377 -11.43 50.55 -0.89
C ILE D 377 -11.56 51.97 -0.35
N LYS D 378 -11.14 52.17 0.90
CA LYS D 378 -11.16 53.48 1.53
C LYS D 378 -10.28 54.45 0.75
N GLU D 379 -9.07 53.98 0.39
CA GLU D 379 -8.16 54.82 -0.39
C GLU D 379 -8.74 55.18 -1.75
N ALA D 380 -9.45 54.22 -2.37
CA ALA D 380 -10.06 54.45 -3.67
C ALA D 380 -11.16 55.49 -3.58
N MET D 381 -11.98 55.42 -2.53
CA MET D 381 -13.07 56.36 -2.37
C MET D 381 -12.55 57.77 -2.11
N LYS D 382 -11.48 57.86 -1.31
CA LYS D 382 -10.83 59.16 -1.06
C LYS D 382 -10.28 59.78 -2.35
N ARG D 383 -9.47 59.00 -3.07
CA ARG D 383 -8.97 59.45 -4.35
C ARG D 383 -10.10 59.84 -5.30
N LEU D 384 -11.19 59.09 -5.30
CA LEU D 384 -12.28 59.36 -6.20
C LEU D 384 -12.95 60.69 -5.85
N LYS D 385 -13.05 60.99 -4.55
CA LYS D 385 -13.58 62.29 -4.15
C LYS D 385 -12.68 63.41 -4.68
N GLU D 386 -11.38 63.28 -4.42
CA GLU D 386 -10.38 64.18 -4.98
C GLU D 386 -10.57 64.41 -6.48
N PHE D 387 -10.59 63.33 -7.26
CA PHE D 387 -10.82 63.39 -8.69
C PHE D 387 -12.09 64.12 -9.06
N MET D 388 -13.17 63.85 -8.34
CA MET D 388 -14.48 64.43 -8.63
C MET D 388 -14.54 65.94 -8.42
N GLU D 389 -13.75 66.44 -7.47
CA GLU D 389 -13.72 67.89 -7.17
C GLU D 389 -13.75 68.83 -8.41
N GLN D 390 -13.06 68.43 -9.49
CA GLN D 390 -13.12 69.20 -10.74
C GLN D 390 -14.26 68.78 -11.66
#